data_5WAF
#
_entry.id   5WAF
#
_cell.length_a   89.023
_cell.length_b   81.281
_cell.length_c   106.380
_cell.angle_alpha   90.00
_cell.angle_beta   112.64
_cell.angle_gamma   90.00
#
_symmetry.space_group_name_H-M   'P 1 21 1'
#
loop_
_entity.id
_entity.type
_entity.pdbx_description
1 polymer Beta-lactamase
2 non-polymer 'phosphonooxy-[[[4-(1~{H}-1,2,3,4-tetrazol-5-yl)-2-(trifluoromethyl)phenyl]sulfonylamino]methyl]borinic acid'
3 water water
#
_entity_poly.entity_id   1
_entity_poly.type   'polypeptide(L)'
_entity_poly.pdbx_seq_one_letter_code
;MDNTPKDQEIKKLVDQNFKPLLEKYDVPGMAVGVIQNNKKYEMYYGLQSVQDKKAVNSNTIFELGSVSKLFTATAGGYAK
NKGKISFDDTPGKYWKELKNTPIDQVNLLQLATYTSGNLALQFPDEVQTDQQVLTFFKDWKPKNPIGEYRQYSNPSIGLF
GKVVALSMNKPFDQVLEKTIFPALGLKHSYVNVPKTQMQNYAFGYNQENQPIRVNPGPLDAPAYGVKSTLPDMLSFIHAN
LNPQKYPTDIQRAINETHQGRYQVNTMYQALGWEEFSYPATLQTLLDSNSEQIVMKPNKVTAISKEPSVKMYHKTGSTSG
FGTYVVFIPKENIGLVMLTNKRIPNEERIKAAYVVLNAIKK
;
_entity_poly.pdbx_strand_id   A,B,C,D
#
# COMPACT_ATOMS: atom_id res chain seq x y z
N GLN A 8 -5.49 -18.77 -24.25
CA GLN A 8 -6.86 -19.36 -24.40
C GLN A 8 -6.81 -20.77 -25.06
N GLU A 9 -6.18 -20.84 -26.24
CA GLU A 9 -5.79 -22.10 -26.92
C GLU A 9 -4.42 -22.64 -26.46
N ILE A 10 -3.69 -21.89 -25.65
CA ILE A 10 -2.30 -22.29 -25.35
C ILE A 10 -2.27 -23.61 -24.59
N LYS A 11 -3.13 -23.72 -23.58
CA LYS A 11 -3.20 -24.96 -22.82
C LYS A 11 -3.62 -26.15 -23.74
N LYS A 12 -4.55 -25.90 -24.66
CA LYS A 12 -5.07 -26.95 -25.53
C LYS A 12 -4.01 -27.42 -26.51
N LEU A 13 -3.23 -26.48 -27.03
CA LEU A 13 -2.08 -26.83 -27.89
C LEU A 13 -1.01 -27.66 -27.20
N VAL A 14 -0.65 -27.25 -25.98
CA VAL A 14 0.38 -28.01 -25.25
C VAL A 14 -0.16 -29.41 -24.99
N ASP A 15 -1.43 -29.51 -24.59
CA ASP A 15 -2.06 -30.82 -24.37
C ASP A 15 -2.00 -31.67 -25.59
N GLN A 16 -2.28 -31.10 -26.78
CA GLN A 16 -2.23 -31.85 -28.03
C GLN A 16 -0.86 -32.35 -28.37
N ASN A 17 0.16 -31.57 -28.10
CA ASN A 17 1.51 -31.85 -28.60
C ASN A 17 2.52 -32.39 -27.61
N PHE A 18 2.40 -31.99 -26.34
CA PHE A 18 3.33 -32.48 -25.28
C PHE A 18 2.78 -33.66 -24.46
N LYS A 19 1.51 -33.59 -24.07
CA LYS A 19 0.85 -34.64 -23.28
C LYS A 19 0.93 -36.11 -23.86
N PRO A 20 0.69 -36.29 -25.15
CA PRO A 20 0.92 -37.69 -25.62
C PRO A 20 2.32 -38.22 -25.36
N LEU A 21 3.32 -37.37 -25.21
CA LEU A 21 4.68 -37.91 -25.10
C LEU A 21 4.92 -38.69 -23.79
N LEU A 22 4.17 -38.36 -22.74
CA LEU A 22 4.25 -39.06 -21.45
C LEU A 22 3.96 -40.55 -21.57
N GLU A 23 2.84 -40.90 -22.18
CA GLU A 23 2.54 -42.34 -22.46
C GLU A 23 3.55 -42.93 -23.42
N LYS A 24 3.80 -42.24 -24.54
CA LYS A 24 4.64 -42.79 -25.61
C LYS A 24 6.04 -43.19 -25.11
N TYR A 25 6.59 -42.46 -24.14
CA TYR A 25 7.91 -42.78 -23.61
C TYR A 25 7.92 -43.19 -22.13
N ASP A 26 6.74 -43.45 -21.54
CA ASP A 26 6.54 -43.82 -20.10
C ASP A 26 7.34 -42.83 -19.21
N VAL A 27 7.01 -41.56 -19.42
CA VAL A 27 7.63 -40.45 -18.72
C VAL A 27 6.73 -40.21 -17.53
N PRO A 28 7.28 -40.27 -16.31
CA PRO A 28 6.46 -40.06 -15.16
C PRO A 28 5.92 -38.63 -15.04
N GLY A 29 6.70 -37.64 -15.48
CA GLY A 29 6.46 -36.22 -15.11
C GLY A 29 6.98 -35.22 -16.14
N MET A 30 6.24 -34.14 -16.37
N MET A 30 6.23 -34.14 -16.33
CA MET A 30 6.63 -33.13 -17.34
CA MET A 30 6.57 -33.11 -17.28
C MET A 30 6.02 -31.77 -17.02
C MET A 30 6.10 -31.77 -16.75
N ALA A 31 6.84 -30.74 -17.14
CA ALA A 31 6.45 -29.38 -16.96
C ALA A 31 6.73 -28.64 -18.28
N VAL A 32 5.69 -28.09 -18.90
CA VAL A 32 5.81 -27.20 -20.06
C VAL A 32 5.32 -25.75 -19.80
N GLY A 33 6.21 -24.80 -20.10
CA GLY A 33 5.98 -23.39 -19.98
C GLY A 33 6.04 -22.67 -21.31
N VAL A 34 5.07 -21.78 -21.53
CA VAL A 34 5.03 -20.90 -22.70
C VAL A 34 5.04 -19.47 -22.16
N ILE A 35 5.82 -18.61 -22.80
CA ILE A 35 5.76 -17.19 -22.50
C ILE A 35 5.43 -16.46 -23.80
N GLN A 36 4.42 -15.62 -23.76
CA GLN A 36 3.97 -14.90 -24.94
C GLN A 36 3.56 -13.50 -24.49
N ASN A 37 4.01 -12.49 -25.23
CA ASN A 37 3.66 -11.10 -24.96
C ASN A 37 3.70 -10.80 -23.46
N ASN A 38 4.81 -11.15 -22.83
CA ASN A 38 4.99 -11.07 -21.38
C ASN A 38 3.97 -11.78 -20.44
N LYS A 39 3.16 -12.73 -20.95
CA LYS A 39 2.26 -13.51 -20.12
C LYS A 39 2.84 -14.91 -20.06
N LYS A 40 3.03 -15.44 -18.86
CA LYS A 40 3.45 -16.82 -18.65
C LYS A 40 2.31 -17.85 -18.53
N TYR A 41 2.48 -18.99 -19.16
CA TYR A 41 1.59 -20.12 -18.99
C TYR A 41 2.39 -21.34 -18.50
N GLU A 42 1.97 -21.94 -17.40
CA GLU A 42 2.62 -23.16 -16.88
C GLU A 42 1.64 -24.36 -16.99
N MET A 43 2.13 -25.44 -17.57
CA MET A 43 1.37 -26.69 -17.64
C MET A 43 2.17 -27.87 -17.06
N TYR A 44 1.55 -28.58 -16.16
CA TYR A 44 2.18 -29.64 -15.39
C TYR A 44 1.43 -30.95 -15.56
N TYR A 45 2.18 -32.03 -15.62
CA TYR A 45 1.68 -33.38 -15.88
C TYR A 45 2.43 -34.39 -15.01
N GLY A 46 1.69 -35.34 -14.39
CA GLY A 46 2.30 -36.48 -13.78
C GLY A 46 3.01 -36.15 -12.49
N LEU A 47 4.08 -36.90 -12.25
CA LEU A 47 4.71 -37.03 -10.93
C LEU A 47 6.17 -36.67 -10.93
N GLN A 48 6.59 -35.89 -9.94
CA GLN A 48 8.02 -35.74 -9.70
C GLN A 48 8.68 -36.97 -9.09
N SER A 49 7.90 -37.78 -8.35
CA SER A 49 8.39 -39.01 -7.73
C SER A 49 7.33 -40.09 -7.85
N VAL A 50 7.61 -41.15 -8.62
CA VAL A 50 6.66 -42.27 -8.78
C VAL A 50 6.39 -42.93 -7.39
N GLN A 51 7.46 -43.29 -6.66
CA GLN A 51 7.27 -44.03 -5.43
C GLN A 51 6.52 -43.18 -4.42
N ASP A 52 6.72 -41.86 -4.44
CA ASP A 52 6.06 -40.99 -3.42
C ASP A 52 4.70 -40.47 -3.95
N LYS A 53 4.34 -40.78 -5.19
CA LYS A 53 3.11 -40.21 -5.77
C LYS A 53 3.02 -38.66 -5.54
N LYS A 54 4.17 -37.96 -5.62
CA LYS A 54 4.23 -36.52 -5.48
C LYS A 54 4.14 -35.93 -6.90
N ALA A 55 3.21 -35.00 -7.11
CA ALA A 55 2.91 -34.47 -8.45
C ALA A 55 3.90 -33.37 -8.87
N VAL A 56 4.07 -33.18 -10.17
CA VAL A 56 4.86 -32.05 -10.65
C VAL A 56 4.06 -30.77 -10.41
N ASN A 57 4.73 -29.76 -9.88
CA ASN A 57 4.17 -28.45 -9.68
C ASN A 57 5.26 -27.38 -9.83
N SER A 58 4.90 -26.15 -9.51
CA SER A 58 5.73 -25.02 -9.69
C SER A 58 6.99 -25.06 -8.80
N ASN A 59 7.00 -25.88 -7.75
CA ASN A 59 8.17 -26.05 -6.93
C ASN A 59 9.04 -27.21 -7.37
N THR A 60 8.59 -28.06 -8.28
CA THR A 60 9.45 -29.12 -8.72
C THR A 60 10.80 -28.64 -9.33
N ILE A 61 11.88 -29.18 -8.75
CA ILE A 61 13.25 -28.97 -9.26
C ILE A 61 13.65 -30.13 -10.15
N PHE A 62 14.02 -29.76 -11.38
CA PHE A 62 14.52 -30.67 -12.38
C PHE A 62 16.01 -30.37 -12.67
N GLU A 63 16.73 -31.37 -13.20
CA GLU A 63 18.14 -31.25 -13.66
C GLU A 63 18.09 -30.74 -15.12
N LEU A 64 18.80 -29.65 -15.42
CA LEU A 64 18.73 -29.04 -16.77
C LEU A 64 19.69 -29.67 -17.77
N GLY A 65 20.64 -30.46 -17.27
CA GLY A 65 21.70 -30.98 -18.15
C GLY A 65 22.45 -29.81 -18.80
N SER A 66 22.76 -29.98 -20.09
CA SER A 66 23.56 -29.02 -20.83
C SER A 66 22.85 -27.66 -21.04
N VAL A 67 21.57 -27.52 -20.72
CA VAL A 67 20.98 -26.18 -20.70
C VAL A 67 21.71 -25.35 -19.61
N SER A 68 22.40 -26.03 -18.66
CA SER A 68 23.35 -25.39 -17.78
C SER A 68 24.42 -24.51 -18.47
N LYS A 69 24.85 -24.94 -19.65
CA LYS A 69 25.81 -24.21 -20.50
C LYS A 69 25.36 -22.80 -20.84
N LEU A 70 24.05 -22.59 -20.89
CA LEU A 70 23.51 -21.24 -21.14
C LEU A 70 23.82 -20.34 -19.96
N PHE A 71 23.76 -20.87 -18.74
CA PHE A 71 24.19 -20.14 -17.57
C PHE A 71 25.70 -19.90 -17.51
N THR A 72 26.49 -20.88 -17.93
CA THR A 72 27.96 -20.71 -18.00
C THR A 72 28.35 -19.59 -19.00
N ALA A 73 27.74 -19.63 -20.18
CA ALA A 73 27.82 -18.62 -21.24
C ALA A 73 27.43 -17.25 -20.77
N THR A 74 26.32 -17.17 -20.04
CA THR A 74 25.84 -15.91 -19.47
C THR A 74 26.82 -15.40 -18.45
N ALA A 75 27.33 -16.27 -17.59
CA ALA A 75 28.31 -15.86 -16.57
C ALA A 75 29.61 -15.30 -17.24
N GLY A 76 29.98 -15.87 -18.37
CA GLY A 76 31.11 -15.42 -19.17
C GLY A 76 30.89 -14.02 -19.77
N GLY A 77 29.69 -13.79 -20.30
CA GLY A 77 29.29 -12.47 -20.81
C GLY A 77 29.26 -11.40 -19.73
N TYR A 78 28.88 -11.79 -18.53
CA TYR A 78 28.88 -10.89 -17.41
C TYR A 78 30.33 -10.50 -17.04
N ALA A 79 31.22 -11.48 -17.07
CA ALA A 79 32.63 -11.26 -16.70
C ALA A 79 33.36 -10.41 -17.76
N LYS A 80 33.11 -10.70 -19.04
CA LYS A 80 33.63 -9.89 -20.14
C LYS A 80 33.13 -8.45 -20.08
N ASN A 81 31.91 -8.22 -19.63
N ASN A 81 31.86 -8.24 -19.68
CA ASN A 81 31.41 -6.84 -19.55
CA ASN A 81 31.34 -6.88 -19.45
C ASN A 81 31.73 -6.12 -18.20
C ASN A 81 32.06 -6.19 -18.32
N LYS A 82 32.15 -6.85 -17.16
CA LYS A 82 32.76 -6.22 -15.96
C LYS A 82 34.32 -6.02 -16.09
N GLY A 83 34.88 -6.28 -17.27
CA GLY A 83 36.30 -6.09 -17.51
C GLY A 83 37.18 -7.20 -17.00
N LYS A 84 36.57 -8.23 -16.38
CA LYS A 84 37.32 -9.25 -15.62
C LYS A 84 38.03 -10.17 -16.59
N ILE A 85 37.43 -10.35 -17.77
CA ILE A 85 38.01 -11.20 -18.82
C ILE A 85 37.82 -10.58 -20.19
N SER A 86 38.48 -11.19 -21.17
CA SER A 86 38.40 -10.86 -22.57
C SER A 86 38.36 -12.20 -23.26
N PHE A 87 37.61 -12.29 -24.35
CA PHE A 87 37.46 -13.56 -25.07
C PHE A 87 38.63 -13.82 -26.02
N ASP A 88 39.56 -12.88 -26.08
CA ASP A 88 40.83 -13.09 -26.78
C ASP A 88 41.92 -13.65 -25.85
N ASP A 89 41.71 -13.55 -24.53
CA ASP A 89 42.60 -14.15 -23.54
C ASP A 89 42.76 -15.68 -23.67
N THR A 90 43.75 -16.23 -22.96
CA THR A 90 43.95 -17.67 -22.81
C THR A 90 43.91 -18.05 -21.33
N PRO A 91 43.75 -19.35 -21.01
CA PRO A 91 43.60 -19.76 -19.61
C PRO A 91 44.69 -19.33 -18.63
N GLY A 92 45.92 -19.20 -19.16
CA GLY A 92 47.13 -18.97 -18.38
C GLY A 92 47.10 -17.70 -17.57
N LYS A 93 46.40 -16.72 -18.13
CA LYS A 93 46.21 -15.42 -17.50
C LYS A 93 45.48 -15.51 -16.16
N TYR A 94 44.76 -16.62 -15.93
CA TYR A 94 43.92 -16.79 -14.74
C TYR A 94 44.26 -18.05 -13.97
N TRP A 95 44.38 -19.18 -14.67
CA TRP A 95 44.85 -20.42 -14.05
C TRP A 95 46.39 -20.41 -14.13
N LYS A 96 47.00 -19.90 -13.06
CA LYS A 96 48.46 -19.68 -13.04
C LYS A 96 49.23 -20.95 -13.42
N GLU A 97 48.79 -22.09 -12.91
CA GLU A 97 49.43 -23.39 -13.15
C GLU A 97 49.33 -23.92 -14.59
N LEU A 98 48.66 -23.20 -15.50
CA LEU A 98 48.54 -23.63 -16.91
C LEU A 98 49.26 -22.68 -17.88
N LYS A 99 49.71 -21.52 -17.36
CA LYS A 99 50.36 -20.43 -18.15
C LYS A 99 51.65 -20.92 -18.77
N ASN A 100 51.85 -20.65 -20.06
CA ASN A 100 52.95 -21.21 -20.88
C ASN A 100 52.86 -22.71 -21.25
N THR A 101 51.88 -23.43 -20.70
CA THR A 101 51.50 -24.79 -21.22
C THR A 101 50.77 -24.67 -22.56
N PRO A 102 50.69 -25.76 -23.37
CA PRO A 102 50.06 -25.59 -24.72
C PRO A 102 48.55 -25.23 -24.70
N ILE A 103 47.91 -25.45 -23.55
CA ILE A 103 46.51 -25.03 -23.39
C ILE A 103 46.40 -23.48 -23.20
N ASP A 104 47.47 -22.82 -22.70
CA ASP A 104 47.52 -21.34 -22.61
C ASP A 104 47.64 -20.67 -23.98
N GLN A 105 47.59 -21.46 -25.06
CA GLN A 105 47.50 -21.04 -26.46
C GLN A 105 46.10 -20.98 -27.05
N VAL A 106 45.10 -21.49 -26.34
CA VAL A 106 43.75 -21.57 -26.88
C VAL A 106 43.01 -20.47 -26.15
N ASN A 107 42.08 -19.74 -26.78
CA ASN A 107 41.53 -18.55 -26.08
C ASN A 107 40.14 -18.79 -25.46
N LEU A 108 39.70 -17.91 -24.57
CA LEU A 108 38.47 -18.12 -23.83
C LEU A 108 37.27 -18.37 -24.72
N LEU A 109 37.20 -17.71 -25.88
CA LEU A 109 36.10 -17.90 -26.83
C LEU A 109 36.06 -19.25 -27.45
N GLN A 110 37.24 -19.69 -27.86
CA GLN A 110 37.41 -21.01 -28.47
C GLN A 110 37.04 -22.15 -27.53
N LEU A 111 37.43 -22.06 -26.27
CA LEU A 111 36.98 -23.00 -25.22
C LEU A 111 35.43 -22.99 -25.16
N ALA A 112 34.84 -21.83 -24.78
CA ALA A 112 33.36 -21.63 -24.80
C ALA A 112 32.61 -22.22 -25.99
N THR A 113 33.17 -22.08 -27.18
CA THR A 113 32.47 -22.48 -28.42
C THR A 113 33.03 -23.78 -29.03
N TYR A 114 33.81 -24.51 -28.23
CA TYR A 114 34.17 -25.91 -28.54
C TYR A 114 35.27 -26.10 -29.64
N THR A 115 36.18 -25.13 -29.85
CA THR A 115 37.11 -25.21 -31.00
C THR A 115 38.58 -25.47 -30.62
N SER A 116 38.88 -26.01 -29.45
CA SER A 116 40.31 -26.18 -29.08
C SER A 116 41.09 -27.11 -30.01
N GLY A 117 40.40 -27.84 -30.89
CA GLY A 117 41.03 -28.88 -31.71
C GLY A 117 41.17 -30.26 -31.06
N ASN A 118 41.36 -30.31 -29.73
CA ASN A 118 41.58 -31.60 -28.99
C ASN A 118 40.84 -31.75 -27.63
N LEU A 119 39.52 -31.63 -27.67
CA LEU A 119 38.70 -31.97 -26.52
C LEU A 119 37.43 -32.68 -26.99
N ALA A 120 37.15 -33.79 -26.29
CA ALA A 120 36.02 -34.70 -26.55
C ALA A 120 34.84 -34.30 -25.64
N LEU A 121 33.71 -34.97 -25.80
CA LEU A 121 32.51 -34.71 -24.96
C LEU A 121 32.76 -34.87 -23.45
N GLN A 122 33.54 -35.88 -23.06
CA GLN A 122 33.83 -36.12 -21.63
C GLN A 122 35.31 -36.06 -21.31
N PHE A 123 35.64 -35.65 -20.08
CA PHE A 123 36.87 -36.08 -19.45
C PHE A 123 36.84 -37.63 -19.45
N PRO A 124 37.99 -38.29 -19.61
CA PRO A 124 37.97 -39.75 -19.39
C PRO A 124 37.65 -40.11 -17.93
N ASP A 125 37.09 -41.31 -17.74
CA ASP A 125 36.49 -41.70 -16.45
C ASP A 125 37.49 -41.53 -15.32
N GLU A 126 38.75 -41.89 -15.57
CA GLU A 126 39.76 -41.79 -14.52
C GLU A 126 39.99 -40.38 -13.99
N VAL A 127 39.62 -39.34 -14.73
CA VAL A 127 39.77 -37.97 -14.20
C VAL A 127 38.63 -37.60 -13.26
N GLN A 128 38.95 -37.13 -12.04
CA GLN A 128 37.86 -36.84 -11.06
C GLN A 128 38.13 -35.71 -10.10
N THR A 129 39.30 -35.72 -9.44
CA THR A 129 39.58 -34.74 -8.37
C THR A 129 40.03 -33.41 -8.94
N ASP A 130 40.00 -32.41 -8.07
CA ASP A 130 40.56 -31.08 -8.37
C ASP A 130 42.02 -31.22 -8.83
N GLN A 131 42.81 -32.06 -8.14
CA GLN A 131 44.22 -32.29 -8.50
C GLN A 131 44.43 -32.88 -9.94
N GLN A 132 43.63 -33.86 -10.34
CA GLN A 132 43.84 -34.58 -11.62
C GLN A 132 43.10 -33.96 -12.81
N VAL A 133 42.25 -32.96 -12.55
CA VAL A 133 41.76 -32.07 -13.62
C VAL A 133 42.90 -31.11 -14.02
N LEU A 134 43.60 -30.56 -13.02
CA LEU A 134 44.77 -29.66 -13.25
C LEU A 134 45.85 -30.35 -14.09
N THR A 135 46.19 -31.58 -13.71
CA THR A 135 47.09 -32.47 -14.45
C THR A 135 46.63 -32.80 -15.88
N PHE A 136 45.32 -32.95 -16.09
CA PHE A 136 44.80 -33.20 -17.42
C PHE A 136 45.14 -32.05 -18.35
N PHE A 137 44.93 -30.82 -17.90
CA PHE A 137 45.10 -29.66 -18.79
C PHE A 137 46.59 -29.27 -18.89
N LYS A 138 47.39 -29.52 -17.84
CA LYS A 138 48.88 -29.45 -17.92
C LYS A 138 49.41 -30.31 -19.06
N ASP A 139 49.05 -31.59 -19.05
CA ASP A 139 49.52 -32.55 -20.07
C ASP A 139 48.74 -32.44 -21.38
N TRP A 140 47.80 -31.48 -21.47
CA TRP A 140 47.06 -31.28 -22.69
C TRP A 140 48.02 -30.92 -23.76
N LYS A 141 47.93 -31.64 -24.89
CA LYS A 141 48.69 -31.31 -26.07
C LYS A 141 47.73 -31.24 -27.26
N PRO A 142 47.93 -30.26 -28.18
CA PRO A 142 47.11 -30.02 -29.38
C PRO A 142 46.93 -31.23 -30.24
N LYS A 143 45.93 -31.19 -31.11
CA LYS A 143 45.76 -32.18 -32.18
C LYS A 143 45.33 -31.47 -33.44
N ASN A 144 44.07 -31.07 -33.51
CA ASN A 144 43.54 -30.32 -34.65
C ASN A 144 43.89 -28.82 -34.56
N PRO A 145 43.81 -28.10 -35.72
CA PRO A 145 44.26 -26.71 -35.77
C PRO A 145 43.41 -25.79 -34.85
N ILE A 146 44.05 -25.20 -33.82
CA ILE A 146 43.34 -24.42 -32.80
C ILE A 146 42.38 -23.47 -33.51
N GLY A 147 41.13 -23.48 -33.07
CA GLY A 147 40.07 -22.65 -33.65
C GLY A 147 39.32 -23.10 -34.90
N GLU A 148 39.74 -24.13 -35.59
CA GLU A 148 39.10 -24.50 -36.89
C GLU A 148 37.98 -25.55 -36.79
N TYR A 149 38.00 -26.39 -35.73
CA TYR A 149 37.08 -27.54 -35.67
C TYR A 149 36.18 -27.53 -34.43
N ARG A 150 34.87 -27.50 -34.66
CA ARG A 150 33.88 -27.57 -33.55
C ARG A 150 33.76 -28.98 -32.87
N GLN A 151 34.23 -29.14 -31.62
CA GLN A 151 34.09 -30.43 -30.89
C GLN A 151 33.20 -30.30 -29.65
N TYR A 152 31.92 -30.61 -29.73
CA TYR A 152 30.98 -30.41 -28.55
C TYR A 152 31.50 -31.03 -27.24
N SER A 153 31.74 -30.23 -26.22
CA SER A 153 32.66 -30.66 -25.16
C SER A 153 32.40 -30.07 -23.78
N ASN A 154 32.13 -31.00 -22.88
CA ASN A 154 32.08 -30.70 -21.50
C ASN A 154 33.41 -30.19 -20.89
N PRO A 155 34.55 -30.86 -21.21
CA PRO A 155 35.82 -30.24 -20.75
C PRO A 155 36.07 -28.81 -21.24
N SER A 156 35.69 -28.53 -22.48
CA SER A 156 35.96 -27.18 -23.06
C SER A 156 35.23 -26.03 -22.30
N ILE A 157 33.90 -26.13 -22.28
CA ILE A 157 33.09 -25.12 -21.64
C ILE A 157 33.32 -25.09 -20.13
N GLY A 158 33.65 -26.27 -19.58
CA GLY A 158 34.01 -26.42 -18.17
C GLY A 158 35.19 -25.56 -17.82
N LEU A 159 36.24 -25.69 -18.64
CA LEU A 159 37.46 -24.88 -18.48
C LEU A 159 37.14 -23.39 -18.48
N PHE A 160 36.34 -22.97 -19.46
CA PHE A 160 35.82 -21.60 -19.56
C PHE A 160 35.12 -21.11 -18.28
N GLY A 161 34.21 -21.94 -17.78
CA GLY A 161 33.53 -21.62 -16.54
C GLY A 161 34.47 -21.48 -15.36
N LYS A 162 35.33 -22.48 -15.20
CA LYS A 162 36.36 -22.48 -14.17
C LYS A 162 37.22 -21.21 -14.29
N VAL A 163 37.57 -20.83 -15.50
CA VAL A 163 38.29 -19.56 -15.76
C VAL A 163 37.50 -18.31 -15.37
N VAL A 164 36.21 -18.26 -15.80
CA VAL A 164 35.29 -17.18 -15.45
C VAL A 164 35.26 -17.02 -13.94
N ALA A 165 35.11 -18.13 -13.23
CA ALA A 165 35.18 -18.16 -11.75
C ALA A 165 36.51 -17.59 -11.23
N LEU A 166 37.60 -18.02 -11.82
CA LEU A 166 38.91 -17.47 -11.42
C LEU A 166 38.93 -15.94 -11.58
N SER A 167 38.48 -15.43 -12.73
CA SER A 167 38.43 -13.98 -12.98
C SER A 167 37.57 -13.21 -11.99
N MET A 168 36.51 -13.85 -11.50
CA MET A 168 35.64 -13.26 -10.49
C MET A 168 36.02 -13.61 -9.06
N ASN A 169 37.10 -14.38 -8.89
CA ASN A 169 37.70 -14.67 -7.57
C ASN A 169 37.00 -15.76 -6.78
N LYS A 170 35.78 -16.14 -7.18
CA LYS A 170 34.91 -17.00 -6.39
C LYS A 170 34.74 -18.30 -7.15
N PRO A 171 34.49 -19.40 -6.44
CA PRO A 171 34.38 -20.64 -7.18
C PRO A 171 33.09 -20.59 -8.02
N PHE A 172 33.04 -21.44 -9.06
CA PHE A 172 31.97 -21.38 -10.04
C PHE A 172 30.60 -21.40 -9.40
N ASP A 173 30.38 -22.34 -8.48
CA ASP A 173 29.08 -22.51 -7.83
C ASP A 173 28.59 -21.22 -7.17
N GLN A 174 29.52 -20.44 -6.64
CA GLN A 174 29.16 -19.20 -5.99
C GLN A 174 28.88 -18.13 -7.04
N VAL A 175 29.48 -18.21 -8.23
CA VAL A 175 29.25 -17.18 -9.27
C VAL A 175 27.77 -17.21 -9.67
N LEU A 176 27.31 -18.39 -10.06
CA LEU A 176 25.91 -18.60 -10.41
C LEU A 176 24.97 -18.29 -9.27
N GLU A 177 25.16 -18.86 -8.07
CA GLU A 177 24.17 -18.71 -6.97
C GLU A 177 24.18 -17.35 -6.21
N LYS A 178 25.33 -16.68 -6.14
CA LYS A 178 25.40 -15.38 -5.47
C LYS A 178 25.36 -14.19 -6.40
N THR A 179 25.73 -14.40 -7.67
CA THR A 179 25.83 -13.33 -8.64
C THR A 179 24.85 -13.51 -9.80
N ILE A 180 24.98 -14.57 -10.59
CA ILE A 180 24.19 -14.66 -11.83
C ILE A 180 22.69 -14.91 -11.58
N PHE A 181 22.34 -15.90 -10.77
CA PHE A 181 20.94 -16.26 -10.54
C PHE A 181 20.14 -15.07 -9.91
N PRO A 182 20.69 -14.41 -8.87
CA PRO A 182 19.91 -13.24 -8.35
C PRO A 182 19.74 -12.13 -9.39
N ALA A 183 20.82 -11.72 -10.04
CA ALA A 183 20.69 -10.75 -11.17
C ALA A 183 19.64 -11.14 -12.26
N LEU A 184 19.37 -12.43 -12.48
CA LEU A 184 18.26 -12.89 -13.36
C LEU A 184 16.87 -13.02 -12.64
N GLY A 185 16.77 -12.60 -11.38
CA GLY A 185 15.59 -12.85 -10.56
C GLY A 185 15.20 -14.33 -10.34
N LEU A 186 16.14 -15.25 -10.31
CA LEU A 186 15.81 -16.66 -10.19
C LEU A 186 15.91 -17.11 -8.72
N LYS A 187 14.77 -17.48 -8.12
CA LYS A 187 14.69 -17.84 -6.69
C LYS A 187 14.95 -19.33 -6.32
N HIS A 188 14.89 -20.25 -7.31
CA HIS A 188 14.98 -21.69 -7.07
C HIS A 188 15.81 -22.44 -8.14
N SER A 189 16.92 -21.83 -8.52
CA SER A 189 17.86 -22.44 -9.46
C SER A 189 19.14 -22.64 -8.66
N TYR A 190 19.80 -23.77 -8.81
CA TYR A 190 20.87 -24.15 -7.91
C TYR A 190 21.88 -24.91 -8.67
N VAL A 191 23.16 -24.77 -8.27
CA VAL A 191 24.19 -25.76 -8.58
C VAL A 191 24.14 -26.86 -7.51
N ASN A 192 23.99 -26.52 -6.24
CA ASN A 192 23.74 -27.51 -5.16
C ASN A 192 22.39 -27.28 -4.46
N VAL A 193 21.49 -28.25 -4.53
CA VAL A 193 20.15 -28.13 -3.92
C VAL A 193 20.28 -28.15 -2.39
N PRO A 194 19.95 -27.05 -1.72
CA PRO A 194 20.02 -27.09 -0.25
C PRO A 194 18.99 -28.04 0.41
N LYS A 195 19.26 -28.39 1.67
CA LYS A 195 18.47 -29.32 2.46
C LYS A 195 17.01 -28.90 2.55
N THR A 196 16.75 -27.60 2.70
CA THR A 196 15.40 -27.11 2.77
C THR A 196 14.60 -27.26 1.45
N GLN A 197 15.28 -27.68 0.37
CA GLN A 197 14.66 -27.88 -0.94
C GLN A 197 14.73 -29.31 -1.45
N MET A 198 15.27 -30.27 -0.69
CA MET A 198 15.38 -31.64 -1.20
C MET A 198 14.04 -32.30 -1.47
N GLN A 199 13.04 -31.95 -0.68
CA GLN A 199 11.71 -32.49 -0.88
C GLN A 199 11.18 -32.09 -2.28
N ASN A 200 11.58 -30.91 -2.78
CA ASN A 200 11.19 -30.45 -4.14
C ASN A 200 11.99 -30.96 -5.30
N TYR A 201 13.10 -31.66 -5.07
CA TYR A 201 13.96 -32.18 -6.12
C TYR A 201 13.35 -33.48 -6.63
N ALA A 202 13.03 -33.52 -7.91
CA ALA A 202 12.46 -34.70 -8.56
C ALA A 202 13.47 -35.85 -8.57
N PHE A 203 12.92 -37.07 -8.66
CA PHE A 203 13.69 -38.17 -9.13
C PHE A 203 13.71 -38.11 -10.63
N GLY A 204 14.90 -38.35 -11.20
CA GLY A 204 14.99 -38.65 -12.60
C GLY A 204 14.75 -40.13 -12.70
N TYR A 205 14.49 -40.58 -13.91
CA TYR A 205 14.18 -41.97 -14.14
C TYR A 205 14.93 -42.41 -15.36
N ASN A 206 15.68 -43.51 -15.21
CA ASN A 206 16.54 -44.00 -16.27
C ASN A 206 15.74 -44.78 -17.26
N GLN A 207 16.40 -45.55 -18.13
CA GLN A 207 15.66 -46.21 -19.21
C GLN A 207 14.99 -47.51 -18.69
N GLU A 208 15.42 -47.99 -17.51
CA GLU A 208 14.76 -49.08 -16.78
C GLU A 208 13.65 -48.53 -15.82
N ASN A 209 13.28 -47.26 -15.96
CA ASN A 209 12.45 -46.56 -14.96
C ASN A 209 12.89 -46.71 -13.49
N GLN A 210 14.20 -46.82 -13.26
CA GLN A 210 14.74 -46.77 -11.89
C GLN A 210 15.01 -45.33 -11.53
N PRO A 211 14.73 -44.92 -10.28
CA PRO A 211 14.91 -43.51 -9.91
C PRO A 211 16.41 -43.15 -9.66
N ILE A 212 16.84 -42.00 -10.22
CA ILE A 212 18.26 -41.61 -10.24
C ILE A 212 18.35 -40.09 -10.19
N ARG A 213 19.55 -39.61 -9.83
CA ARG A 213 19.89 -38.18 -9.88
C ARG A 213 21.30 -38.09 -10.43
N VAL A 214 21.80 -36.89 -10.64
CA VAL A 214 23.02 -36.71 -11.42
C VAL A 214 24.22 -37.17 -10.57
N ASN A 215 25.16 -37.84 -11.23
CA ASN A 215 26.44 -38.30 -10.61
C ASN A 215 27.50 -37.20 -10.62
N PRO A 216 28.23 -36.99 -9.48
CA PRO A 216 29.38 -36.06 -9.52
C PRO A 216 30.40 -36.44 -10.61
N GLY A 217 30.97 -35.43 -11.26
CA GLY A 217 31.99 -35.61 -12.30
C GLY A 217 32.92 -34.40 -12.33
N PRO A 218 33.98 -34.46 -13.12
CA PRO A 218 34.97 -33.36 -13.18
C PRO A 218 34.43 -32.06 -13.84
N LEU A 219 34.50 -30.92 -13.14
CA LEU A 219 33.86 -29.67 -13.59
C LEU A 219 32.42 -29.91 -14.10
N ASP A 220 31.65 -30.61 -13.27
CA ASP A 220 30.24 -30.86 -13.57
C ASP A 220 29.42 -29.55 -13.56
N ALA A 221 29.58 -28.68 -12.55
CA ALA A 221 28.73 -27.47 -12.45
C ALA A 221 28.60 -26.63 -13.73
N PRO A 222 29.72 -26.15 -14.29
CA PRO A 222 29.66 -25.33 -15.53
C PRO A 222 29.19 -26.07 -16.78
N ALA A 223 29.29 -27.39 -16.84
CA ALA A 223 28.92 -28.12 -18.09
C ALA A 223 27.50 -28.75 -18.11
N TYR A 224 27.02 -29.20 -16.96
CA TYR A 224 25.70 -29.87 -16.97
C TYR A 224 25.08 -29.92 -15.60
N GLY A 225 25.49 -29.03 -14.71
CA GLY A 225 25.25 -29.24 -13.26
C GLY A 225 24.23 -28.32 -12.61
N VAL A 226 23.37 -27.65 -13.43
CA VAL A 226 22.35 -26.73 -12.88
C VAL A 226 20.98 -27.44 -12.79
N LYS A 227 20.24 -27.09 -11.77
CA LYS A 227 18.90 -27.59 -11.51
C LYS A 227 18.02 -26.35 -11.30
N SER A 228 16.81 -26.39 -11.87
CA SER A 228 15.84 -25.29 -11.78
C SER A 228 14.38 -25.74 -11.82
N THR A 229 13.48 -24.79 -11.59
CA THR A 229 12.04 -25.00 -11.70
C THR A 229 11.47 -24.39 -12.99
N LEU A 230 10.23 -24.73 -13.35
CA LEU A 230 9.61 -24.13 -14.53
C LEU A 230 9.39 -22.61 -14.41
N PRO A 231 8.93 -22.10 -13.24
CA PRO A 231 8.82 -20.61 -13.16
C PRO A 231 10.18 -19.89 -13.41
N ASP A 232 11.22 -20.45 -12.80
CA ASP A 232 12.56 -19.92 -12.99
C ASP A 232 13.00 -19.97 -14.45
N MET A 233 12.81 -21.10 -15.12
CA MET A 233 13.21 -21.17 -16.49
C MET A 233 12.40 -20.23 -17.37
N LEU A 234 11.11 -20.02 -17.04
CA LEU A 234 10.30 -19.03 -17.78
C LEU A 234 10.84 -17.56 -17.53
N SER A 235 11.32 -17.29 -16.33
CA SER A 235 11.97 -15.99 -16.07
C SER A 235 13.23 -15.83 -16.90
N PHE A 236 13.98 -16.92 -17.05
CA PHE A 236 15.24 -16.89 -17.84
C PHE A 236 14.99 -16.66 -19.32
N ILE A 237 13.92 -17.26 -19.85
CA ILE A 237 13.46 -16.98 -21.19
C ILE A 237 12.96 -15.55 -21.35
N HIS A 238 12.16 -15.08 -20.40
CA HIS A 238 11.73 -13.67 -20.34
C HIS A 238 12.90 -12.68 -20.48
N ALA A 239 13.95 -12.93 -19.70
CA ALA A 239 15.19 -12.19 -19.74
C ALA A 239 15.84 -12.24 -21.09
N ASN A 240 15.85 -13.40 -21.73
CA ASN A 240 16.42 -13.53 -23.05
C ASN A 240 15.59 -12.78 -24.13
N LEU A 241 14.27 -12.77 -24.00
CA LEU A 241 13.41 -12.05 -24.87
C LEU A 241 13.41 -10.53 -24.60
N ASN A 242 13.60 -10.10 -23.35
CA ASN A 242 13.44 -8.67 -22.94
C ASN A 242 14.51 -8.19 -22.01
N PRO A 243 15.78 -8.24 -22.43
CA PRO A 243 16.84 -7.95 -21.48
C PRO A 243 16.99 -6.48 -21.08
N GLN A 244 16.43 -5.58 -21.88
CA GLN A 244 16.46 -4.12 -21.57
C GLN A 244 16.02 -3.79 -20.14
N LYS A 245 15.08 -4.56 -19.60
CA LYS A 245 14.53 -4.38 -18.25
C LYS A 245 15.47 -4.79 -17.08
N TYR A 246 16.57 -5.49 -17.38
CA TYR A 246 17.35 -6.12 -16.34
C TYR A 246 18.49 -5.20 -15.99
N PRO A 247 19.19 -5.49 -14.87
CA PRO A 247 20.35 -4.68 -14.63
C PRO A 247 21.24 -4.59 -15.88
N THR A 248 21.74 -3.40 -16.13
CA THR A 248 22.66 -3.11 -17.23
C THR A 248 23.67 -4.25 -17.59
N ASP A 249 24.40 -4.73 -16.59
CA ASP A 249 25.46 -5.73 -16.76
C ASP A 249 25.02 -7.15 -17.20
N ILE A 250 23.81 -7.53 -16.77
CA ILE A 250 23.19 -8.81 -17.14
C ILE A 250 22.50 -8.62 -18.52
N GLN A 251 22.06 -7.41 -18.81
CA GLN A 251 21.60 -7.08 -20.15
C GLN A 251 22.74 -7.36 -21.17
N ARG A 252 23.90 -6.78 -20.92
CA ARG A 252 25.09 -7.03 -21.71
C ARG A 252 25.51 -8.50 -21.74
N ALA A 253 25.52 -9.14 -20.59
CA ALA A 253 25.87 -10.56 -20.55
C ALA A 253 24.98 -11.38 -21.48
N ILE A 254 23.66 -11.12 -21.42
CA ILE A 254 22.64 -11.75 -22.24
C ILE A 254 22.78 -11.42 -23.72
N ASN A 255 22.99 -10.13 -24.04
CA ASN A 255 23.24 -9.81 -25.43
C ASN A 255 24.48 -10.47 -26.02
N GLU A 256 25.51 -10.62 -25.19
CA GLU A 256 26.69 -11.33 -25.59
C GLU A 256 26.37 -12.77 -26.02
N THR A 257 25.44 -13.43 -25.32
CA THR A 257 25.14 -14.83 -25.58
C THR A 257 24.36 -15.04 -26.81
N HIS A 258 23.81 -13.96 -27.36
CA HIS A 258 23.06 -14.05 -28.61
C HIS A 258 23.90 -13.83 -29.88
N GLN A 259 25.15 -13.43 -29.75
CA GLN A 259 25.96 -13.11 -30.93
C GLN A 259 26.47 -14.44 -31.51
N GLY A 260 26.03 -14.78 -32.70
CA GLY A 260 26.62 -15.86 -33.51
C GLY A 260 28.11 -15.63 -33.80
N ARG A 261 28.90 -16.67 -33.62
CA ARG A 261 30.34 -16.61 -33.77
C ARG A 261 30.83 -17.28 -35.07
N TYR A 262 30.08 -18.24 -35.56
CA TYR A 262 30.52 -19.07 -36.70
C TYR A 262 29.34 -19.87 -37.10
N GLN A 263 29.38 -20.48 -38.28
CA GLN A 263 28.31 -21.38 -38.68
C GLN A 263 28.87 -22.80 -38.93
N VAL A 264 28.01 -23.79 -38.69
CA VAL A 264 28.28 -25.19 -38.99
C VAL A 264 27.04 -25.53 -39.75
N ASN A 265 27.18 -25.40 -41.07
CA ASN A 265 26.09 -25.30 -42.00
C ASN A 265 25.06 -24.34 -41.46
N THR A 266 23.89 -24.82 -41.07
CA THR A 266 22.75 -23.94 -40.82
C THR A 266 22.55 -23.65 -39.36
N MET A 267 23.45 -24.13 -38.50
CA MET A 267 23.39 -23.82 -37.12
C MET A 267 24.51 -22.79 -36.93
N TYR A 268 24.15 -21.64 -36.34
CA TYR A 268 25.12 -20.63 -35.95
C TYR A 268 25.35 -20.94 -34.51
N GLN A 269 26.59 -20.91 -34.07
CA GLN A 269 26.92 -21.21 -32.70
C GLN A 269 27.09 -19.87 -32.00
N ALA A 270 26.41 -19.70 -30.87
CA ALA A 270 26.49 -18.50 -30.10
C ALA A 270 27.09 -18.98 -28.83
N LEU A 271 27.07 -18.18 -27.78
CA LEU A 271 27.72 -18.59 -26.56
C LEU A 271 26.69 -19.45 -25.88
N GLY A 272 26.78 -20.78 -26.05
CA GLY A 272 25.79 -21.72 -25.48
C GLY A 272 24.61 -21.93 -26.37
N TRP A 273 23.87 -20.87 -26.63
CA TRP A 273 22.74 -20.97 -27.54
C TRP A 273 23.13 -21.38 -28.96
N GLU A 274 22.25 -22.15 -29.55
CA GLU A 274 22.25 -22.40 -30.96
C GLU A 274 21.33 -21.39 -31.60
N GLU A 275 21.74 -20.79 -32.73
CA GLU A 275 21.00 -19.69 -33.40
C GLU A 275 20.63 -20.08 -34.80
N PHE A 276 19.43 -19.70 -35.25
CA PHE A 276 18.98 -20.01 -36.60
C PHE A 276 18.32 -18.80 -37.20
N SER A 277 18.20 -18.83 -38.53
CA SER A 277 17.38 -17.83 -39.21
C SER A 277 15.91 -18.15 -38.99
N TYR A 278 15.10 -17.15 -38.63
CA TYR A 278 13.66 -17.31 -38.39
C TYR A 278 12.83 -16.74 -39.56
N PRO A 279 11.78 -17.44 -40.03
CA PRO A 279 11.38 -18.77 -39.55
C PRO A 279 12.38 -19.84 -39.97
N ALA A 280 12.46 -20.91 -39.19
CA ALA A 280 13.32 -22.03 -39.56
C ALA A 280 12.44 -23.22 -39.93
N THR A 281 12.92 -24.08 -40.81
CA THR A 281 12.22 -25.35 -41.04
C THR A 281 12.45 -26.27 -39.87
N LEU A 282 11.46 -27.09 -39.54
CA LEU A 282 11.69 -28.18 -38.58
C LEU A 282 12.99 -28.95 -38.77
N GLN A 283 13.31 -29.30 -40.02
CA GLN A 283 14.48 -30.16 -40.26
C GLN A 283 15.75 -29.44 -39.94
N THR A 284 15.79 -28.14 -40.23
CA THR A 284 16.92 -27.36 -39.77
C THR A 284 17.14 -27.49 -38.25
N LEU A 285 16.06 -27.41 -37.50
CA LEU A 285 16.14 -27.46 -35.99
C LEU A 285 16.66 -28.85 -35.51
N LEU A 286 16.20 -29.90 -36.16
CA LEU A 286 16.72 -31.28 -35.86
C LEU A 286 18.18 -31.52 -36.19
N ASP A 287 18.62 -31.11 -37.39
CA ASP A 287 20.01 -31.30 -37.83
C ASP A 287 20.99 -30.72 -36.86
N SER A 288 20.56 -29.63 -36.18
CA SER A 288 21.40 -29.03 -35.19
C SER A 288 21.80 -30.00 -34.13
N ASN A 289 20.93 -30.95 -33.78
CA ASN A 289 21.37 -31.97 -32.75
C ASN A 289 21.65 -33.42 -33.23
N SER A 290 22.05 -33.55 -34.50
CA SER A 290 22.53 -34.83 -35.14
C SER A 290 23.73 -35.44 -34.46
N GLU A 291 23.89 -36.75 -34.66
CA GLU A 291 25.08 -37.49 -34.22
C GLU A 291 26.34 -36.69 -34.62
N GLN A 292 26.35 -36.33 -35.90
CA GLN A 292 27.50 -35.67 -36.54
C GLN A 292 27.96 -34.35 -35.85
N ILE A 293 27.02 -33.47 -35.57
CA ILE A 293 27.28 -32.20 -34.90
C ILE A 293 27.69 -32.50 -33.44
N VAL A 294 26.86 -33.30 -32.77
CA VAL A 294 26.97 -33.56 -31.34
C VAL A 294 28.21 -34.40 -30.98
N MET A 295 28.46 -35.47 -31.74
CA MET A 295 29.48 -36.49 -31.37
C MET A 295 30.86 -36.35 -32.03
N LYS A 296 30.87 -36.06 -33.34
CA LYS A 296 32.13 -35.85 -34.11
C LYS A 296 32.66 -34.37 -34.08
N PRO A 297 33.98 -34.17 -34.31
CA PRO A 297 34.45 -32.85 -34.80
C PRO A 297 33.83 -32.43 -36.15
N ASN A 298 33.59 -31.13 -36.36
CA ASN A 298 33.08 -30.61 -37.67
C ASN A 298 33.78 -29.24 -37.94
N LYS A 299 34.05 -28.98 -39.23
CA LYS A 299 34.83 -27.81 -39.67
C LYS A 299 33.97 -26.53 -39.61
N VAL A 300 34.42 -25.48 -38.91
CA VAL A 300 33.64 -24.20 -38.86
C VAL A 300 33.86 -23.30 -40.10
N THR A 301 32.78 -22.59 -40.46
CA THR A 301 32.71 -21.64 -41.57
C THR A 301 32.30 -20.28 -40.99
N ALA A 302 32.80 -19.17 -41.56
CA ALA A 302 32.44 -17.84 -41.05
C ALA A 302 31.01 -17.57 -41.42
N ILE A 303 30.32 -16.76 -40.62
CA ILE A 303 28.93 -16.40 -40.89
C ILE A 303 28.89 -15.61 -42.16
N SER A 304 28.03 -16.02 -43.10
CA SER A 304 27.94 -15.37 -44.38
C SER A 304 26.67 -14.57 -44.39
N LYS A 305 25.53 -15.25 -44.38
CA LYS A 305 24.22 -14.59 -44.19
C LYS A 305 23.98 -14.32 -42.66
N GLU A 306 24.00 -13.06 -42.29
CA GLU A 306 23.69 -12.65 -40.92
C GLU A 306 22.15 -12.62 -40.85
N PRO A 307 21.51 -13.51 -40.06
CA PRO A 307 20.03 -13.55 -40.16
C PRO A 307 19.43 -12.26 -39.60
N SER A 308 18.36 -11.79 -40.24
CA SER A 308 17.67 -10.57 -39.87
C SER A 308 16.86 -10.82 -38.59
N VAL A 309 16.00 -11.84 -38.66
CA VAL A 309 15.14 -12.30 -37.60
C VAL A 309 15.72 -13.63 -37.15
N LYS A 310 16.08 -13.75 -35.88
CA LYS A 310 16.76 -14.88 -35.32
C LYS A 310 15.89 -15.63 -34.30
N MET A 311 16.00 -16.96 -34.26
CA MET A 311 15.55 -17.74 -33.10
C MET A 311 16.70 -18.48 -32.48
N TYR A 312 16.53 -18.95 -31.26
CA TYR A 312 17.56 -19.64 -30.53
C TYR A 312 17.02 -20.90 -29.87
N HIS A 313 17.85 -21.95 -29.78
CA HIS A 313 17.49 -23.10 -28.93
C HIS A 313 18.67 -23.84 -28.27
N LYS A 314 18.33 -24.71 -27.31
CA LYS A 314 19.29 -25.55 -26.62
C LYS A 314 18.59 -26.73 -25.99
N THR A 315 19.14 -27.93 -26.22
CA THR A 315 18.72 -29.17 -25.55
C THR A 315 19.60 -29.41 -24.35
N GLY A 316 19.07 -30.15 -23.36
CA GLY A 316 19.89 -30.73 -22.32
C GLY A 316 19.36 -32.08 -21.83
N SER A 317 20.29 -32.87 -21.26
CA SER A 317 20.04 -34.23 -20.77
C SER A 317 20.99 -34.57 -19.66
N THR A 318 20.46 -34.98 -18.51
CA THR A 318 21.24 -35.84 -17.58
C THR A 318 20.69 -37.25 -17.82
N SER A 319 21.24 -38.26 -17.13
CA SER A 319 20.76 -39.64 -17.40
C SER A 319 19.26 -39.79 -17.09
N GLY A 320 18.73 -39.00 -16.17
CA GLY A 320 17.33 -39.12 -15.77
C GLY A 320 16.35 -38.01 -16.17
N PHE A 321 16.86 -36.97 -16.87
CA PHE A 321 16.12 -35.74 -17.14
C PHE A 321 16.30 -35.21 -18.54
N GLY A 322 15.23 -34.68 -19.12
CA GLY A 322 15.26 -34.01 -20.43
C GLY A 322 14.85 -32.54 -20.30
N THR A 323 15.59 -31.65 -20.97
CA THR A 323 15.27 -30.21 -21.06
C THR A 323 15.33 -29.74 -22.52
N TYR A 324 14.39 -28.86 -22.92
CA TYR A 324 14.50 -28.09 -24.17
C TYR A 324 13.99 -26.69 -23.95
N VAL A 325 14.72 -25.72 -24.54
CA VAL A 325 14.49 -24.28 -24.41
C VAL A 325 14.65 -23.59 -25.79
N VAL A 326 13.66 -22.77 -26.16
CA VAL A 326 13.55 -22.07 -27.45
C VAL A 326 12.90 -20.69 -27.24
N PHE A 327 13.41 -19.66 -27.94
CA PHE A 327 12.79 -18.33 -27.93
C PHE A 327 13.03 -17.59 -29.25
N ILE A 328 12.05 -16.75 -29.61
CA ILE A 328 12.09 -15.95 -30.82
C ILE A 328 11.78 -14.49 -30.49
N PRO A 329 12.82 -13.65 -30.36
CA PRO A 329 12.69 -12.23 -29.98
C PRO A 329 11.59 -11.40 -30.67
N LYS A 330 11.55 -11.47 -32.00
CA LYS A 330 10.63 -10.62 -32.77
C LYS A 330 9.20 -11.08 -32.65
N GLU A 331 8.96 -12.34 -32.29
CA GLU A 331 7.58 -12.78 -31.98
C GLU A 331 7.27 -12.65 -30.49
N ASN A 332 8.25 -12.22 -29.68
CA ASN A 332 8.12 -12.18 -28.22
C ASN A 332 7.46 -13.49 -27.66
N ILE A 333 7.98 -14.62 -28.10
CA ILE A 333 7.45 -15.93 -27.73
C ILE A 333 8.61 -16.90 -27.34
N GLY A 334 8.39 -17.74 -26.35
CA GLY A 334 9.31 -18.82 -26.01
C GLY A 334 8.65 -20.02 -25.35
N LEU A 335 9.35 -21.15 -25.35
CA LEU A 335 8.93 -22.38 -24.67
C LEU A 335 10.06 -23.09 -23.87
N VAL A 336 9.64 -23.69 -22.76
CA VAL A 336 10.46 -24.56 -21.95
C VAL A 336 9.72 -25.87 -21.70
N MET A 337 10.44 -26.98 -21.87
CA MET A 337 9.98 -28.33 -21.54
C MET A 337 10.99 -28.93 -20.60
N LEU A 338 10.50 -29.50 -19.51
CA LEU A 338 11.30 -30.17 -18.49
C LEU A 338 10.68 -31.54 -18.21
N THR A 339 11.48 -32.62 -18.23
CA THR A 339 10.98 -33.99 -17.99
C THR A 339 11.93 -34.75 -17.07
N ASN A 340 11.38 -35.73 -16.32
CA ASN A 340 12.19 -36.54 -15.44
C ASN A 340 12.32 -37.97 -15.97
N LYS A 341 12.33 -38.04 -17.28
CA LYS A 341 12.91 -39.13 -18.04
C LYS A 341 13.28 -38.53 -19.43
N ARG A 342 14.43 -38.94 -19.97
CA ARG A 342 14.85 -38.50 -21.30
C ARG A 342 13.85 -38.96 -22.36
N ILE A 343 13.51 -38.09 -23.31
CA ILE A 343 12.81 -38.47 -24.55
C ILE A 343 13.69 -37.98 -25.71
N PRO A 344 13.47 -38.52 -26.92
CA PRO A 344 14.45 -38.16 -27.97
C PRO A 344 14.43 -36.68 -28.21
N ASN A 345 15.60 -36.08 -28.32
CA ASN A 345 15.73 -34.64 -28.63
C ASN A 345 14.76 -34.21 -29.72
N GLU A 346 14.65 -35.01 -30.76
CA GLU A 346 13.74 -34.71 -31.91
C GLU A 346 12.25 -34.53 -31.59
N GLU A 347 11.78 -35.28 -30.60
CA GLU A 347 10.40 -35.13 -30.13
C GLU A 347 10.26 -33.82 -29.33
N ARG A 348 11.31 -33.46 -28.63
CA ARG A 348 11.27 -32.21 -27.84
C ARG A 348 11.11 -31.08 -28.85
N ILE A 349 12.07 -31.00 -29.77
CA ILE A 349 12.15 -29.96 -30.78
C ILE A 349 10.87 -29.86 -31.59
N LYS A 350 10.31 -31.00 -31.99
CA LYS A 350 9.08 -31.01 -32.83
C LYS A 350 7.85 -30.51 -32.12
N ALA A 351 7.60 -30.92 -30.91
CA ALA A 351 6.35 -30.44 -30.27
C ALA A 351 6.34 -28.93 -30.11
N ALA A 352 7.49 -28.40 -29.72
CA ALA A 352 7.69 -26.95 -29.55
C ALA A 352 7.44 -26.20 -30.85
N TYR A 353 7.88 -26.79 -31.96
CA TYR A 353 7.69 -26.26 -33.32
C TYR A 353 6.23 -26.03 -33.64
N VAL A 354 5.43 -27.04 -33.37
CA VAL A 354 4.03 -27.00 -33.66
C VAL A 354 3.31 -26.00 -32.73
N VAL A 355 3.69 -25.93 -31.48
CA VAL A 355 3.03 -24.98 -30.56
C VAL A 355 3.33 -23.49 -30.86
N LEU A 356 4.61 -23.13 -30.92
CA LEU A 356 5.01 -21.76 -31.21
C LEU A 356 4.55 -21.27 -32.62
N ASN A 357 4.49 -22.17 -33.59
CA ASN A 357 3.88 -21.80 -34.89
C ASN A 357 2.39 -21.54 -34.77
N ALA A 358 1.71 -22.44 -34.07
CA ALA A 358 0.27 -22.36 -34.00
C ALA A 358 -0.21 -21.10 -33.31
N ILE A 359 0.62 -20.54 -32.44
CA ILE A 359 0.27 -19.34 -31.71
C ILE A 359 0.63 -18.09 -32.52
N LYS A 360 1.77 -18.09 -33.24
CA LYS A 360 2.30 -16.87 -33.87
C LYS A 360 1.29 -16.23 -34.85
N THR B 4 -34.39 19.57 -28.62
CA THR B 4 -33.57 18.95 -27.52
C THR B 4 -32.37 19.81 -27.12
N PRO B 5 -32.24 20.15 -25.82
CA PRO B 5 -31.12 20.99 -25.37
C PRO B 5 -29.75 20.43 -25.73
N LYS B 6 -28.75 21.29 -25.79
CA LYS B 6 -27.40 20.88 -26.16
C LYS B 6 -26.85 19.83 -25.17
N ASP B 7 -27.00 20.03 -23.87
CA ASP B 7 -26.45 19.07 -22.93
C ASP B 7 -26.96 17.61 -23.11
N GLN B 8 -28.24 17.45 -23.49
CA GLN B 8 -28.85 16.15 -23.68
C GLN B 8 -28.37 15.49 -24.95
N GLU B 9 -28.19 16.27 -26.02
CA GLU B 9 -27.61 15.81 -27.26
C GLU B 9 -26.21 15.21 -27.08
N ILE B 10 -25.38 15.93 -26.35
CA ILE B 10 -24.03 15.50 -25.96
C ILE B 10 -24.08 14.25 -25.10
N LYS B 11 -24.99 14.22 -24.13
CA LYS B 11 -25.16 13.03 -23.28
C LYS B 11 -25.53 11.80 -24.11
N LYS B 12 -26.45 11.94 -25.07
CA LYS B 12 -26.87 10.79 -25.91
C LYS B 12 -25.71 10.29 -26.78
N LEU B 13 -24.92 11.17 -27.37
CA LEU B 13 -23.75 10.79 -28.20
C LEU B 13 -22.71 10.05 -27.35
N VAL B 14 -22.48 10.54 -26.16
CA VAL B 14 -21.56 9.85 -25.23
C VAL B 14 -22.17 8.53 -24.78
N ASP B 15 -23.52 8.49 -24.64
CA ASP B 15 -24.18 7.23 -24.30
C ASP B 15 -24.05 6.20 -25.40
N GLN B 16 -24.13 6.67 -26.63
CA GLN B 16 -24.03 5.82 -27.81
C GLN B 16 -22.64 5.26 -28.08
N ASN B 17 -21.61 6.03 -27.74
CA ASN B 17 -20.26 5.71 -28.07
C ASN B 17 -19.32 5.33 -26.92
N PHE B 18 -19.42 5.96 -25.77
CA PHE B 18 -18.55 5.62 -24.64
C PHE B 18 -19.18 4.61 -23.70
N LYS B 19 -20.49 4.70 -23.44
CA LYS B 19 -21.13 3.82 -22.40
C LYS B 19 -20.95 2.31 -22.66
N PRO B 20 -21.19 1.88 -23.90
CA PRO B 20 -21.07 0.40 -24.15
C PRO B 20 -19.68 -0.18 -23.93
N LEU B 21 -18.66 0.67 -23.92
CA LEU B 21 -17.29 0.22 -23.59
C LEU B 21 -17.13 -0.34 -22.14
N LEU B 22 -18.01 0.12 -21.23
CA LEU B 22 -18.03 -0.30 -19.82
C LEU B 22 -18.38 -1.77 -19.72
N GLU B 23 -19.51 -2.13 -20.29
CA GLU B 23 -19.91 -3.54 -20.36
C GLU B 23 -18.91 -4.37 -21.18
N LYS B 24 -18.58 -3.92 -22.39
CA LYS B 24 -17.70 -4.67 -23.30
C LYS B 24 -16.36 -5.05 -22.64
N TYR B 25 -15.71 -4.05 -22.04
CA TYR B 25 -14.41 -4.21 -21.38
C TYR B 25 -14.42 -4.47 -19.84
N ASP B 26 -15.60 -4.58 -19.23
CA ASP B 26 -15.77 -4.77 -17.77
C ASP B 26 -15.04 -3.70 -16.89
N VAL B 27 -15.33 -2.45 -17.20
CA VAL B 27 -14.64 -1.23 -16.63
C VAL B 27 -15.51 -0.74 -15.53
N PRO B 28 -14.98 -0.60 -14.29
CA PRO B 28 -15.97 -0.30 -13.26
C PRO B 28 -16.51 1.13 -13.32
N GLY B 29 -15.67 2.10 -13.66
CA GLY B 29 -16.01 3.52 -13.74
C GLY B 29 -15.36 4.36 -14.89
N MET B 30 -16.08 5.38 -15.34
N MET B 30 -16.08 5.40 -15.30
CA MET B 30 -15.64 6.25 -16.41
CA MET B 30 -15.67 6.24 -16.41
C MET B 30 -16.08 7.67 -16.06
C MET B 30 -16.23 7.68 -16.28
N ALA B 31 -15.38 8.65 -16.62
CA ALA B 31 -15.80 10.05 -16.70
C ALA B 31 -15.43 10.56 -18.07
N VAL B 32 -16.43 11.10 -18.76
CA VAL B 32 -16.26 11.66 -20.07
C VAL B 32 -16.75 13.12 -20.02
N GLY B 33 -15.94 14.03 -20.52
CA GLY B 33 -16.22 15.46 -20.48
C GLY B 33 -16.01 16.02 -21.85
N VAL B 34 -16.87 16.94 -22.25
CA VAL B 34 -16.75 17.68 -23.51
C VAL B 34 -16.71 19.17 -23.12
N ILE B 35 -15.90 19.94 -23.85
CA ILE B 35 -15.95 21.39 -23.76
C ILE B 35 -16.17 21.91 -25.17
N GLN B 36 -17.01 22.93 -25.28
CA GLN B 36 -17.40 23.51 -26.57
C GLN B 36 -17.86 24.96 -26.35
N ASN B 37 -17.11 25.89 -26.93
CA ASN B 37 -17.31 27.32 -26.74
C ASN B 37 -17.37 27.70 -25.28
N ASN B 38 -16.36 27.29 -24.53
CA ASN B 38 -16.34 27.60 -23.09
C ASN B 38 -17.51 27.07 -22.24
N LYS B 39 -18.37 26.19 -22.79
CA LYS B 39 -19.32 25.42 -22.00
C LYS B 39 -18.86 23.99 -21.83
N LYS B 40 -18.88 23.57 -20.59
CA LYS B 40 -18.45 22.24 -20.15
C LYS B 40 -19.65 21.35 -19.93
N TYR B 41 -19.49 20.07 -20.27
CA TYR B 41 -20.47 19.01 -20.00
C TYR B 41 -19.71 17.83 -19.36
N GLU B 42 -20.24 17.33 -18.24
CA GLU B 42 -19.66 16.26 -17.46
C GLU B 42 -20.64 15.05 -17.39
N MET B 43 -20.13 13.87 -17.73
CA MET B 43 -20.89 12.64 -17.70
C MET B 43 -20.13 11.65 -16.89
N TYR B 44 -20.78 11.05 -15.90
CA TYR B 44 -20.12 10.11 -15.02
C TYR B 44 -20.89 8.76 -15.02
N TYR B 45 -20.14 7.66 -15.05
CA TYR B 45 -20.68 6.32 -15.08
C TYR B 45 -20.02 5.47 -14.03
N GLY B 46 -20.77 4.58 -13.42
CA GLY B 46 -20.17 3.55 -12.55
C GLY B 46 -19.49 3.93 -11.28
N LEU B 47 -18.49 3.12 -10.90
CA LEU B 47 -17.90 3.15 -9.55
C LEU B 47 -16.41 3.48 -9.54
N GLN B 48 -16.01 4.49 -8.76
CA GLN B 48 -14.58 4.71 -8.46
C GLN B 48 -13.90 3.67 -7.54
N SER B 49 -14.69 3.10 -6.65
CA SER B 49 -14.29 1.92 -5.84
C SER B 49 -15.42 0.93 -5.85
N VAL B 50 -15.17 -0.21 -6.48
CA VAL B 50 -16.12 -1.30 -6.43
C VAL B 50 -16.44 -1.78 -4.98
N GLN B 51 -15.42 -2.05 -4.18
CA GLN B 51 -15.68 -2.59 -2.85
C GLN B 51 -16.40 -1.62 -1.89
N ASP B 52 -16.22 -0.32 -2.08
CA ASP B 52 -16.78 0.69 -1.18
C ASP B 52 -18.10 1.18 -1.74
N LYS B 53 -18.49 0.68 -2.94
CA LYS B 53 -19.70 1.15 -3.65
C LYS B 53 -19.78 2.68 -3.81
N LYS B 54 -18.63 3.32 -4.09
CA LYS B 54 -18.59 4.80 -4.23
C LYS B 54 -18.72 5.14 -5.71
N ALA B 55 -19.72 5.95 -6.06
CA ALA B 55 -19.99 6.36 -7.44
C ALA B 55 -18.93 7.28 -7.98
N VAL B 56 -18.64 7.18 -9.28
CA VAL B 56 -17.74 8.11 -9.91
C VAL B 56 -18.46 9.44 -10.02
N ASN B 57 -17.78 10.51 -9.68
CA ASN B 57 -18.39 11.86 -9.77
C ASN B 57 -17.33 12.94 -9.92
N SER B 58 -17.69 14.23 -9.79
CA SER B 58 -16.79 15.33 -10.14
C SER B 58 -15.57 15.46 -9.28
N ASN B 59 -15.62 14.87 -8.09
CA ASN B 59 -14.46 14.77 -7.19
C ASN B 59 -13.59 13.54 -7.37
N THR B 60 -14.04 12.58 -8.16
CA THR B 60 -13.18 11.44 -8.39
C THR B 60 -11.87 11.81 -9.04
N ILE B 61 -10.79 11.48 -8.32
CA ILE B 61 -9.43 11.60 -8.76
C ILE B 61 -8.94 10.31 -9.48
N PHE B 62 -8.47 10.46 -10.73
CA PHE B 62 -7.98 9.35 -11.55
C PHE B 62 -6.48 9.55 -11.86
N GLU B 63 -5.79 8.47 -12.12
CA GLU B 63 -4.39 8.51 -12.52
C GLU B 63 -4.35 8.77 -14.02
N LEU B 64 -3.54 9.76 -14.43
CA LEU B 64 -3.52 10.19 -15.86
C LEU B 64 -2.55 9.45 -16.76
N GLY B 65 -1.66 8.68 -16.15
CA GLY B 65 -0.50 8.10 -16.82
C GLY B 65 0.22 9.09 -17.72
N SER B 66 0.59 8.65 -18.91
CA SER B 66 1.33 9.52 -19.83
C SER B 66 0.63 10.85 -20.25
N VAL B 67 -0.66 11.06 -19.95
CA VAL B 67 -1.19 12.43 -20.06
C VAL B 67 -0.41 13.38 -19.14
N SER B 68 0.23 12.83 -18.11
CA SER B 68 1.13 13.61 -17.24
C SER B 68 2.28 14.36 -18.01
N LYS B 69 2.77 13.72 -19.08
CA LYS B 69 3.72 14.37 -20.03
C LYS B 69 3.37 15.73 -20.49
N LEU B 70 2.05 16.02 -20.62
CA LEU B 70 1.59 17.29 -21.06
C LEU B 70 1.81 18.41 -20.01
N PHE B 71 1.71 18.06 -18.75
CA PHE B 71 2.04 19.00 -17.68
C PHE B 71 3.54 19.20 -17.60
N THR B 72 4.32 18.14 -17.87
CA THR B 72 5.78 18.27 -17.90
C THR B 72 6.27 19.18 -19.04
N ALA B 73 5.65 19.02 -20.23
CA ALA B 73 5.87 19.89 -21.38
C ALA B 73 5.48 21.32 -21.07
N THR B 74 4.35 21.46 -20.39
CA THR B 74 3.88 22.82 -20.01
C THR B 74 4.84 23.52 -19.08
N ALA B 75 5.39 22.81 -18.13
CA ALA B 75 6.38 23.33 -17.21
C ALA B 75 7.69 23.76 -17.89
N GLY B 76 8.07 23.02 -18.93
CA GLY B 76 9.24 23.33 -19.73
C GLY B 76 9.08 24.58 -20.60
N GLY B 77 7.90 24.72 -21.20
CA GLY B 77 7.52 25.90 -21.87
C GLY B 77 7.46 27.12 -20.97
N TYR B 78 7.09 26.94 -19.68
CA TYR B 78 7.04 28.06 -18.69
C TYR B 78 8.50 28.50 -18.34
N ALA B 79 9.32 27.51 -18.05
CA ALA B 79 10.73 27.74 -17.80
C ALA B 79 11.37 28.45 -19.01
N LYS B 80 11.20 27.91 -20.21
CA LYS B 80 11.82 28.53 -21.38
C LYS B 80 11.43 29.99 -21.52
N ASN B 81 10.14 30.28 -21.47
CA ASN B 81 9.65 31.63 -21.77
C ASN B 81 10.02 32.65 -20.68
N LYS B 82 10.22 32.18 -19.45
CA LYS B 82 10.83 33.00 -18.39
C LYS B 82 12.37 33.06 -18.41
N GLY B 83 13.01 32.53 -19.46
CA GLY B 83 14.46 32.48 -19.59
C GLY B 83 15.23 31.61 -18.61
N LYS B 84 14.58 30.67 -17.91
CA LYS B 84 15.27 29.78 -16.97
C LYS B 84 16.00 28.63 -17.69
N ILE B 85 15.59 28.29 -18.91
CA ILE B 85 16.27 27.30 -19.79
C ILE B 85 16.13 27.73 -21.23
N SER B 86 16.97 27.15 -22.06
CA SER B 86 16.79 27.19 -23.48
C SER B 86 16.70 25.73 -23.91
N PHE B 87 15.85 25.46 -24.89
CA PHE B 87 15.75 24.11 -25.46
C PHE B 87 17.02 23.59 -26.19
N ASP B 88 17.94 24.51 -26.50
CA ASP B 88 19.25 24.16 -27.05
C ASP B 88 20.29 23.83 -25.96
N ASP B 89 20.01 24.13 -24.68
CA ASP B 89 20.85 23.65 -23.57
C ASP B 89 20.94 22.13 -23.49
N THR B 90 21.97 21.67 -22.80
CA THR B 90 22.13 20.26 -22.50
C THR B 90 22.02 20.07 -20.98
N PRO B 91 21.80 18.84 -20.55
CA PRO B 91 21.40 18.64 -19.14
C PRO B 91 22.48 18.94 -18.07
N GLY B 92 23.77 18.86 -18.46
CA GLY B 92 24.90 19.13 -17.58
C GLY B 92 24.97 20.57 -17.06
N LYS B 93 24.32 21.46 -17.78
CA LYS B 93 24.21 22.84 -17.35
C LYS B 93 23.41 23.01 -16.06
N TYR B 94 22.51 22.09 -15.75
CA TYR B 94 21.63 22.23 -14.59
C TYR B 94 21.86 21.12 -13.62
N TRP B 95 22.00 19.90 -14.14
CA TRP B 95 22.45 18.79 -13.34
C TRP B 95 23.97 18.62 -13.51
N LYS B 96 24.71 19.17 -12.57
CA LYS B 96 26.12 19.48 -12.77
C LYS B 96 26.95 18.25 -12.89
N GLU B 97 26.48 17.20 -12.20
CA GLU B 97 27.14 15.92 -12.23
C GLU B 97 27.09 15.25 -13.61
N LEU B 98 26.25 15.76 -14.53
CA LEU B 98 26.21 15.25 -15.90
C LEU B 98 27.09 16.01 -16.90
N LYS B 99 27.58 17.18 -16.52
CA LYS B 99 28.44 17.98 -17.40
C LYS B 99 29.64 17.18 -17.94
N ASN B 100 29.92 17.33 -19.23
CA ASN B 100 30.96 16.54 -19.98
C ASN B 100 30.83 15.00 -20.00
N THR B 101 29.68 14.46 -19.62
CA THR B 101 29.39 13.05 -19.88
C THR B 101 28.67 12.96 -21.25
N PRO B 102 28.59 11.74 -21.83
CA PRO B 102 27.95 11.59 -23.17
C PRO B 102 26.49 12.06 -23.27
N ILE B 103 25.68 11.86 -22.24
CA ILE B 103 24.29 12.42 -22.27
C ILE B 103 24.27 13.95 -22.38
N ASP B 104 25.38 14.60 -22.03
CA ASP B 104 25.46 16.08 -22.09
C ASP B 104 25.64 16.56 -23.51
N GLN B 105 25.72 15.63 -24.48
CA GLN B 105 25.66 15.94 -25.90
C GLN B 105 24.22 16.00 -26.48
N VAL B 106 23.23 15.65 -25.68
CA VAL B 106 21.82 15.61 -26.11
C VAL B 106 21.17 16.90 -25.55
N ASN B 107 20.44 17.65 -26.35
CA ASN B 107 19.78 18.88 -25.83
C ASN B 107 18.42 18.61 -25.20
N LEU B 108 17.85 19.63 -24.57
CA LEU B 108 16.63 19.44 -23.83
C LEU B 108 15.48 19.09 -24.72
N LEU B 109 15.40 19.71 -25.91
CA LEU B 109 14.31 19.48 -26.81
C LEU B 109 14.29 18.02 -27.25
N GLN B 110 15.49 17.50 -27.42
CA GLN B 110 15.70 16.11 -27.88
C GLN B 110 15.31 15.14 -26.80
N LEU B 111 15.60 15.50 -25.54
CA LEU B 111 15.11 14.72 -24.43
C LEU B 111 13.54 14.80 -24.34
N ALA B 112 12.93 15.99 -24.43
CA ALA B 112 11.45 16.09 -24.36
C ALA B 112 10.73 15.30 -25.44
N THR B 113 11.33 15.25 -26.63
CA THR B 113 10.71 14.71 -27.86
C THR B 113 11.32 13.33 -28.28
N TYR B 114 12.02 12.72 -27.34
CA TYR B 114 12.42 11.28 -27.38
C TYR B 114 13.44 10.88 -28.45
N THR B 115 14.34 11.80 -28.81
CA THR B 115 15.32 11.57 -29.90
C THR B 115 16.79 11.48 -29.42
N SER B 116 17.03 11.03 -28.17
CA SER B 116 18.40 10.83 -27.73
C SER B 116 19.14 9.77 -28.57
N GLY B 117 18.39 8.82 -29.12
CA GLY B 117 18.96 7.74 -29.93
C GLY B 117 19.38 6.57 -29.09
N ASN B 118 19.18 6.65 -27.78
CA ASN B 118 19.47 5.51 -26.93
C ASN B 118 18.78 5.50 -25.60
N LEU B 119 17.45 5.72 -25.58
CA LEU B 119 16.65 5.58 -24.37
C LEU B 119 15.37 4.82 -24.64
N ALA B 120 15.21 3.75 -23.91
CA ALA B 120 14.14 2.82 -24.04
C ALA B 120 12.87 3.36 -23.29
N LEU B 121 11.76 2.65 -23.41
CA LEU B 121 10.50 3.06 -22.79
C LEU B 121 10.63 3.24 -21.23
N GLN B 122 11.29 2.28 -20.56
CA GLN B 122 11.46 2.31 -19.08
C GLN B 122 12.95 2.29 -18.72
N PHE B 123 13.28 2.81 -17.56
CA PHE B 123 14.54 2.50 -16.88
C PHE B 123 14.61 0.98 -16.58
N PRO B 124 15.82 0.41 -16.40
CA PRO B 124 15.86 -0.96 -15.86
C PRO B 124 15.18 -0.99 -14.49
N ASP B 125 14.53 -2.08 -14.13
CA ASP B 125 13.81 -2.20 -12.82
C ASP B 125 14.66 -1.84 -11.57
N GLU B 126 15.94 -2.13 -11.62
CA GLU B 126 16.86 -1.82 -10.52
C GLU B 126 17.01 -0.36 -10.22
N VAL B 127 16.78 0.52 -11.21
CA VAL B 127 16.91 1.95 -10.98
C VAL B 127 15.68 2.43 -10.20
N GLN B 128 15.88 2.82 -8.94
CA GLN B 128 14.82 3.42 -8.09
C GLN B 128 15.18 4.79 -7.46
N THR B 129 16.31 4.86 -6.76
CA THR B 129 16.69 6.05 -6.00
C THR B 129 17.19 7.14 -6.91
N ASP B 130 17.15 8.36 -6.36
CA ASP B 130 17.57 9.53 -7.09
C ASP B 130 19.09 9.43 -7.45
N GLN B 131 19.87 8.70 -6.61
CA GLN B 131 21.29 8.39 -6.87
C GLN B 131 21.50 7.29 -7.96
N GLN B 132 20.66 6.25 -7.95
CA GLN B 132 20.69 5.27 -9.08
C GLN B 132 20.27 5.87 -10.46
N VAL B 133 19.43 6.90 -10.43
CA VAL B 133 19.03 7.67 -11.62
C VAL B 133 20.24 8.43 -12.09
N LEU B 134 20.98 9.04 -11.17
CA LEU B 134 22.14 9.86 -11.55
C LEU B 134 23.20 9.00 -12.26
N THR B 135 23.43 7.83 -11.67
CA THR B 135 24.41 6.89 -12.13
C THR B 135 24.05 6.34 -13.52
N PHE B 136 22.79 5.97 -13.71
CA PHE B 136 22.26 5.59 -15.01
C PHE B 136 22.63 6.61 -16.12
N PHE B 137 22.34 7.89 -15.87
CA PHE B 137 22.68 8.94 -16.80
C PHE B 137 24.18 9.22 -16.96
N LYS B 138 24.97 9.14 -15.89
CA LYS B 138 26.43 9.26 -15.98
C LYS B 138 27.01 8.15 -16.84
N ASP B 139 26.45 6.95 -16.71
CA ASP B 139 26.94 5.76 -17.45
C ASP B 139 26.47 5.68 -18.88
N TRP B 140 25.51 6.50 -19.27
CA TRP B 140 24.89 6.39 -20.58
C TRP B 140 25.84 6.65 -21.73
N LYS B 141 25.64 5.91 -22.82
CA LYS B 141 26.39 6.07 -24.08
C LYS B 141 25.43 6.11 -25.28
N PRO B 142 25.78 6.91 -26.32
CA PRO B 142 24.94 7.09 -27.51
C PRO B 142 24.83 5.84 -28.31
N LYS B 143 23.82 5.76 -29.16
CA LYS B 143 23.69 4.61 -30.05
C LYS B 143 23.34 5.12 -31.45
N ASN B 144 22.12 5.58 -31.63
CA ASN B 144 21.74 6.16 -32.89
C ASN B 144 22.11 7.62 -32.97
N PRO B 145 22.30 8.14 -34.21
CA PRO B 145 22.64 9.51 -34.32
C PRO B 145 21.64 10.43 -33.54
N ILE B 146 22.19 11.25 -32.65
CA ILE B 146 21.34 12.08 -31.79
C ILE B 146 20.38 12.92 -32.64
N GLY B 147 19.07 12.86 -32.27
CA GLY B 147 18.06 13.67 -32.90
C GLY B 147 17.36 13.11 -34.12
N GLU B 148 17.87 12.02 -34.67
CA GLU B 148 17.27 11.44 -35.87
C GLU B 148 16.20 10.35 -35.62
N TYR B 149 16.22 9.70 -34.44
CA TYR B 149 15.28 8.60 -34.15
C TYR B 149 14.42 8.83 -32.90
N ARG B 150 13.11 8.74 -33.08
CA ARG B 150 12.14 8.80 -32.00
C ARG B 150 11.94 7.43 -31.38
N GLN B 151 12.23 7.31 -30.07
CA GLN B 151 11.81 6.18 -29.29
C GLN B 151 11.06 6.68 -28.09
N TYR B 152 9.74 6.45 -28.00
CA TYR B 152 8.90 6.90 -26.87
C TYR B 152 9.45 6.36 -25.57
N SER B 153 9.64 7.25 -24.57
CA SER B 153 10.52 6.92 -23.47
C SER B 153 10.27 7.76 -22.22
N ASN B 154 10.02 7.09 -21.10
CA ASN B 154 9.88 7.72 -19.79
C ASN B 154 11.17 8.30 -19.22
N PRO B 155 12.29 7.61 -19.39
CA PRO B 155 13.55 8.22 -18.96
C PRO B 155 13.91 9.51 -19.68
N SER B 156 13.55 9.61 -20.98
CA SER B 156 13.98 10.72 -21.79
C SER B 156 13.20 11.97 -21.34
N ILE B 157 11.88 11.89 -21.29
CA ILE B 157 11.10 13.08 -20.89
C ILE B 157 11.16 13.33 -19.39
N GLY B 158 11.36 12.27 -18.62
CA GLY B 158 11.69 12.41 -17.19
C GLY B 158 12.95 13.20 -16.86
N LEU B 159 14.02 12.98 -17.59
CA LEU B 159 15.25 13.78 -17.40
C LEU B 159 14.97 15.25 -17.72
N PHE B 160 14.19 15.51 -18.80
CA PHE B 160 13.75 16.86 -19.15
C PHE B 160 12.99 17.55 -18.04
N GLY B 161 12.05 16.83 -17.44
CA GLY B 161 11.32 17.33 -16.29
C GLY B 161 12.20 17.66 -15.09
N LYS B 162 13.02 16.69 -14.71
CA LYS B 162 14.09 16.90 -13.73
C LYS B 162 14.92 18.17 -14.00
N VAL B 163 15.37 18.35 -15.25
CA VAL B 163 16.13 19.57 -15.60
C VAL B 163 15.32 20.87 -15.44
N VAL B 164 14.10 20.84 -15.91
CA VAL B 164 13.19 21.98 -15.76
C VAL B 164 13.05 22.34 -14.28
N ALA B 165 12.89 21.31 -13.45
CA ALA B 165 12.80 21.50 -11.99
C ALA B 165 14.01 22.14 -11.37
N LEU B 166 15.18 21.60 -11.71
CA LEU B 166 16.45 22.20 -11.30
C LEU B 166 16.58 23.67 -11.75
N SER B 167 16.10 24.00 -12.95
CA SER B 167 16.13 25.38 -13.49
C SER B 167 15.26 26.36 -12.68
N MET B 168 14.19 25.88 -12.07
CA MET B 168 13.29 26.72 -11.28
C MET B 168 13.54 26.64 -9.74
N ASN B 169 14.65 26.04 -9.34
CA ASN B 169 15.03 25.73 -7.92
C ASN B 169 14.01 25.11 -6.99
N LYS B 170 13.18 24.21 -7.53
CA LYS B 170 12.17 23.48 -6.75
C LYS B 170 12.18 22.03 -7.22
N PRO B 171 11.88 21.06 -6.34
CA PRO B 171 11.63 19.72 -6.89
C PRO B 171 10.43 19.72 -7.86
N PHE B 172 10.43 18.79 -8.81
CA PHE B 172 9.39 18.72 -9.85
C PHE B 172 7.96 18.67 -9.28
N ASP B 173 7.72 17.96 -8.17
CA ASP B 173 6.37 17.89 -7.60
C ASP B 173 5.87 19.28 -7.17
N GLN B 174 6.83 20.10 -6.75
CA GLN B 174 6.55 21.47 -6.28
C GLN B 174 6.40 22.41 -7.46
N VAL B 175 7.11 22.17 -8.54
CA VAL B 175 6.91 22.97 -9.76
C VAL B 175 5.41 22.89 -10.22
N LEU B 176 4.87 21.66 -10.34
CA LEU B 176 3.48 21.49 -10.67
C LEU B 176 2.59 21.96 -9.54
N GLU B 177 2.79 21.48 -8.32
CA GLU B 177 1.76 21.76 -7.28
C GLU B 177 1.70 23.25 -6.85
N LYS B 178 2.88 23.88 -6.73
CA LYS B 178 3.00 25.34 -6.38
C LYS B 178 2.95 26.34 -7.55
N THR B 179 3.39 25.93 -8.74
CA THR B 179 3.48 26.89 -9.85
C THR B 179 2.57 26.57 -11.04
N ILE B 180 2.71 25.39 -11.67
CA ILE B 180 2.00 25.20 -12.91
C ILE B 180 0.52 24.99 -12.67
N PHE B 181 0.14 24.10 -11.74
CA PHE B 181 -1.29 23.82 -11.53
C PHE B 181 -2.04 25.11 -11.12
N PRO B 182 -1.49 25.87 -10.15
CA PRO B 182 -2.15 27.18 -9.85
C PRO B 182 -2.27 28.13 -11.03
N ALA B 183 -1.20 28.31 -11.81
CA ALA B 183 -1.27 29.19 -13.00
C ALA B 183 -2.37 28.81 -13.99
N LEU B 184 -2.71 27.51 -14.05
CA LEU B 184 -3.74 27.02 -14.93
C LEU B 184 -5.12 27.04 -14.23
N GLY B 185 -5.19 27.49 -12.98
CA GLY B 185 -6.44 27.43 -12.21
C GLY B 185 -6.95 26.01 -11.89
N LEU B 186 -6.04 25.06 -11.59
CA LEU B 186 -6.42 23.68 -11.28
C LEU B 186 -6.34 23.42 -9.78
N LYS B 187 -7.43 22.89 -9.23
CA LYS B 187 -7.64 22.78 -7.78
C LYS B 187 -7.48 21.38 -7.23
N HIS B 188 -7.61 20.38 -8.08
CA HIS B 188 -7.75 19.02 -7.68
C HIS B 188 -6.87 18.14 -8.56
N SER B 189 -5.63 18.61 -8.74
CA SER B 189 -4.62 17.91 -9.48
C SER B 189 -3.39 17.78 -8.65
N TYR B 190 -2.78 16.62 -8.71
CA TYR B 190 -1.75 16.22 -7.76
C TYR B 190 -0.65 15.42 -8.37
N VAL B 191 0.58 15.60 -7.87
CA VAL B 191 1.62 14.63 -8.04
C VAL B 191 1.44 13.65 -6.87
N ASN B 192 1.13 14.19 -5.69
CA ASN B 192 0.96 13.37 -4.48
C ASN B 192 -0.40 13.68 -3.89
N VAL B 193 -1.28 12.67 -3.81
CA VAL B 193 -2.61 12.93 -3.31
C VAL B 193 -2.43 13.03 -1.78
N PRO B 194 -2.96 14.10 -1.17
CA PRO B 194 -2.87 14.24 0.29
C PRO B 194 -3.85 13.32 1.00
N LYS B 195 -3.50 12.96 2.26
CA LYS B 195 -4.26 12.03 3.08
C LYS B 195 -5.73 12.41 3.09
N THR B 196 -5.97 13.71 3.21
CA THR B 196 -7.31 14.26 3.27
C THR B 196 -8.15 14.27 1.95
N GLN B 197 -7.55 13.88 0.83
CA GLN B 197 -8.28 13.69 -0.43
C GLN B 197 -8.39 12.22 -0.83
N MET B 198 -7.77 11.33 -0.06
CA MET B 198 -7.63 9.91 -0.42
C MET B 198 -8.95 9.20 -0.66
N GLN B 199 -10.04 9.69 -0.09
CA GLN B 199 -11.33 9.06 -0.31
C GLN B 199 -11.98 9.42 -1.65
N ASN B 200 -11.39 10.35 -2.37
CA ASN B 200 -11.79 10.58 -3.75
C ASN B 200 -10.90 9.92 -4.77
N TYR B 201 -9.82 9.28 -4.32
CA TYR B 201 -8.82 8.66 -5.19
C TYR B 201 -9.41 7.28 -5.60
N ALA B 202 -9.92 7.19 -6.82
CA ALA B 202 -10.34 5.88 -7.37
C ALA B 202 -9.33 4.78 -7.13
N PHE B 203 -9.81 3.56 -6.95
CA PHE B 203 -8.96 2.42 -7.26
C PHE B 203 -8.87 2.28 -8.78
N GLY B 204 -7.72 1.90 -9.23
CA GLY B 204 -7.57 1.32 -10.59
C GLY B 204 -7.88 -0.17 -10.49
N TYR B 205 -8.14 -0.78 -11.64
CA TYR B 205 -8.48 -2.20 -11.73
C TYR B 205 -7.70 -2.79 -12.89
N ASN B 206 -7.11 -3.97 -12.66
CA ASN B 206 -6.22 -4.61 -13.59
C ASN B 206 -7.01 -5.49 -14.49
N GLN B 207 -6.34 -6.32 -15.27
CA GLN B 207 -7.08 -7.12 -16.27
C GLN B 207 -7.97 -8.22 -15.69
N GLU B 208 -7.72 -8.64 -14.45
CA GLU B 208 -8.64 -9.51 -13.71
C GLU B 208 -9.58 -8.74 -12.77
N ASN B 209 -9.76 -7.44 -13.02
CA ASN B 209 -10.54 -6.54 -12.14
C ASN B 209 -10.20 -6.54 -10.60
N GLN B 210 -8.92 -6.65 -10.32
CA GLN B 210 -8.35 -6.58 -8.96
C GLN B 210 -7.92 -5.13 -8.71
N PRO B 211 -8.29 -4.55 -7.54
CA PRO B 211 -7.97 -3.12 -7.32
C PRO B 211 -6.47 -2.89 -7.09
N ILE B 212 -5.90 -1.91 -7.80
CA ILE B 212 -4.46 -1.59 -7.79
C ILE B 212 -4.34 -0.06 -7.90
N ARG B 213 -3.17 0.46 -7.57
CA ARG B 213 -2.77 1.87 -7.81
C ARG B 213 -1.34 1.93 -8.31
N VAL B 214 -0.90 3.09 -8.79
CA VAL B 214 0.40 3.21 -9.45
C VAL B 214 1.56 2.86 -8.48
N ASN B 215 2.61 2.25 -8.99
CA ASN B 215 3.82 2.01 -8.23
C ASN B 215 4.80 3.18 -8.32
N PRO B 216 5.52 3.46 -7.22
CA PRO B 216 6.61 4.41 -7.25
C PRO B 216 7.69 3.91 -8.22
N GLY B 217 8.27 4.86 -8.94
CA GLY B 217 9.34 4.58 -9.91
C GLY B 217 10.21 5.81 -10.15
N PRO B 218 11.42 5.60 -10.66
CA PRO B 218 12.39 6.61 -10.99
C PRO B 218 11.81 7.65 -11.98
N LEU B 219 11.74 8.90 -11.55
CA LEU B 219 11.23 10.01 -12.33
C LEU B 219 9.83 9.73 -12.74
N ASP B 220 9.07 9.10 -11.87
CA ASP B 220 7.67 8.80 -12.18
C ASP B 220 6.82 10.05 -12.41
N ALA B 221 6.95 11.06 -11.55
CA ALA B 221 6.09 12.24 -11.64
C ALA B 221 6.06 12.92 -13.04
N PRO B 222 7.21 13.28 -13.61
CA PRO B 222 7.19 13.94 -14.91
C PRO B 222 6.76 13.05 -16.08
N ALA B 223 6.93 11.73 -15.95
CA ALA B 223 6.59 10.81 -17.05
C ALA B 223 5.16 10.23 -17.03
N TYR B 224 4.64 9.92 -15.84
CA TYR B 224 3.30 9.29 -15.71
C TYR B 224 2.63 9.41 -14.34
N GLY B 225 3.02 10.38 -13.52
CA GLY B 225 2.61 10.38 -12.11
C GLY B 225 1.64 11.43 -11.61
N VAL B 226 0.88 12.04 -12.52
CA VAL B 226 -0.12 13.03 -12.15
C VAL B 226 -1.50 12.39 -12.04
N LYS B 227 -2.29 12.93 -11.11
CA LYS B 227 -3.66 12.56 -10.84
C LYS B 227 -4.55 13.76 -10.89
N SER B 228 -5.78 13.58 -11.37
CA SER B 228 -6.65 14.73 -11.56
C SER B 228 -8.13 14.31 -11.70
N THR B 229 -9.02 15.26 -11.76
CA THR B 229 -10.47 14.99 -11.80
C THR B 229 -10.97 15.40 -13.14
N LEU B 230 -12.20 15.03 -13.51
CA LEU B 230 -12.73 15.47 -14.80
C LEU B 230 -12.86 17.01 -14.97
N PRO B 231 -13.39 17.72 -13.95
CA PRO B 231 -13.50 19.21 -14.07
C PRO B 231 -12.15 19.88 -14.32
N ASP B 232 -11.15 19.52 -13.55
CA ASP B 232 -9.78 19.97 -13.80
C ASP B 232 -9.21 19.71 -15.20
N MET B 233 -9.36 18.49 -15.70
CA MET B 233 -8.95 18.19 -17.04
C MET B 233 -9.69 18.96 -18.11
N LEU B 234 -10.99 19.20 -17.90
CA LEU B 234 -11.75 20.08 -18.79
C LEU B 234 -11.18 21.50 -18.80
N SER B 235 -10.72 21.96 -17.64
CA SER B 235 -10.11 23.30 -17.54
C SER B 235 -8.74 23.32 -18.23
N PHE B 236 -7.94 22.25 -18.10
CA PHE B 236 -6.68 22.15 -18.86
C PHE B 236 -6.95 22.16 -20.37
N ILE B 237 -7.96 21.44 -20.84
CA ILE B 237 -8.37 21.54 -22.29
C ILE B 237 -8.80 22.99 -22.64
N HIS B 238 -9.47 23.67 -21.71
CA HIS B 238 -9.95 25.00 -21.98
C HIS B 238 -8.75 25.96 -22.19
N ALA B 239 -7.75 25.82 -21.35
CA ALA B 239 -6.50 26.53 -21.45
C ALA B 239 -5.74 26.32 -22.76
N ASN B 240 -5.85 25.12 -23.31
CA ASN B 240 -5.17 24.79 -24.51
C ASN B 240 -5.91 25.33 -25.72
N LEU B 241 -7.24 25.37 -25.61
CA LEU B 241 -8.08 26.00 -26.61
C LEU B 241 -8.04 27.53 -26.57
N ASN B 242 -7.78 28.11 -25.41
CA ASN B 242 -7.88 29.57 -25.22
C ASN B 242 -6.70 30.14 -24.46
N PRO B 243 -5.47 29.86 -24.89
CA PRO B 243 -4.30 30.32 -24.13
C PRO B 243 -4.21 31.85 -23.99
N GLN B 244 -4.75 32.59 -24.99
CA GLN B 244 -4.90 34.09 -24.91
C GLN B 244 -5.55 34.59 -23.64
N LYS B 245 -6.44 33.80 -23.01
CA LYS B 245 -7.13 34.22 -21.78
C LYS B 245 -6.28 34.08 -20.50
N TYR B 246 -5.05 33.59 -20.63
CA TYR B 246 -4.20 33.35 -19.49
C TYR B 246 -3.10 34.37 -19.47
N PRO B 247 -2.50 34.61 -18.28
CA PRO B 247 -1.40 35.57 -18.18
C PRO B 247 -0.21 35.10 -19.03
N THR B 248 0.63 36.07 -19.38
CA THR B 248 1.61 35.89 -20.44
C THR B 248 2.53 34.65 -20.27
N ASP B 249 2.99 34.35 -19.05
CA ASP B 249 4.03 33.28 -18.88
C ASP B 249 3.44 31.89 -19.21
N ILE B 250 2.26 31.63 -18.65
CA ILE B 250 1.55 30.37 -18.87
C ILE B 250 0.95 30.28 -20.29
N GLN B 251 0.50 31.41 -20.81
CA GLN B 251 -0.01 31.48 -22.21
C GLN B 251 1.09 31.11 -23.24
N ARG B 252 2.28 31.69 -23.05
CA ARG B 252 3.44 31.35 -23.82
C ARG B 252 3.83 29.88 -23.63
N ALA B 253 3.77 29.38 -22.38
CA ALA B 253 4.04 28.00 -22.04
C ALA B 253 3.13 27.06 -22.84
N ILE B 254 1.84 27.35 -22.87
CA ILE B 254 0.88 26.52 -23.53
C ILE B 254 1.10 26.51 -25.02
N ASN B 255 1.26 27.70 -25.60
CA ASN B 255 1.56 27.79 -27.05
C ASN B 255 2.85 27.10 -27.44
N GLU B 256 3.89 27.14 -26.59
CA GLU B 256 5.15 26.35 -26.79
C GLU B 256 4.86 24.85 -26.94
N THR B 257 3.90 24.32 -26.16
CA THR B 257 3.58 22.87 -26.22
C THR B 257 2.90 22.45 -27.51
N HIS B 258 2.35 23.41 -28.24
CA HIS B 258 1.61 23.14 -29.47
C HIS B 258 2.50 23.12 -30.73
N GLN B 259 3.77 23.51 -30.60
CA GLN B 259 4.60 23.69 -31.81
C GLN B 259 5.13 22.35 -32.29
N GLY B 260 4.79 21.96 -33.49
CA GLY B 260 5.40 20.74 -34.10
C GLY B 260 6.91 20.90 -34.24
N ARG B 261 7.65 19.86 -33.88
CA ARG B 261 9.09 19.82 -33.94
C ARG B 261 9.60 18.89 -35.07
N TYR B 262 8.87 17.84 -35.40
CA TYR B 262 9.26 16.91 -36.48
C TYR B 262 8.04 16.10 -36.76
N GLN B 263 8.14 15.17 -37.71
CA GLN B 263 7.06 14.24 -38.00
C GLN B 263 7.54 12.81 -38.23
N VAL B 264 6.64 11.87 -37.95
CA VAL B 264 6.73 10.47 -38.31
C VAL B 264 5.43 10.25 -39.07
N ASN B 265 5.55 10.16 -40.40
CA ASN B 265 4.42 10.21 -41.36
C ASN B 265 3.42 11.32 -41.03
N THR B 266 2.22 10.96 -40.65
CA THR B 266 1.18 11.98 -40.44
C THR B 266 1.15 12.58 -39.04
N MET B 267 1.98 12.05 -38.13
CA MET B 267 2.00 12.54 -36.77
C MET B 267 3.10 13.55 -36.65
N TYR B 268 2.76 14.72 -36.12
CA TYR B 268 3.71 15.74 -35.75
C TYR B 268 3.92 15.61 -34.24
N GLN B 269 5.19 15.55 -33.83
CA GLN B 269 5.50 15.49 -32.43
C GLN B 269 5.66 16.92 -31.99
N ALA B 270 4.73 17.38 -31.18
CA ALA B 270 4.93 18.64 -30.40
C ALA B 270 5.51 18.33 -29.01
N LEU B 271 5.41 19.27 -28.08
CA LEU B 271 5.93 19.02 -26.75
C LEU B 271 4.88 18.33 -25.95
N GLY B 272 5.05 17.03 -25.73
CA GLY B 272 4.07 16.22 -25.07
C GLY B 272 2.93 15.82 -25.99
N TRP B 273 2.25 16.82 -26.50
CA TRP B 273 1.11 16.61 -27.37
C TRP B 273 1.60 16.00 -28.70
N GLU B 274 0.75 15.16 -29.26
CA GLU B 274 0.84 14.79 -30.63
C GLU B 274 -0.05 15.71 -31.44
N GLU B 275 0.35 16.01 -32.68
CA GLU B 275 -0.34 17.04 -33.50
C GLU B 275 -0.61 16.48 -34.89
N PHE B 276 -1.76 16.83 -35.45
CA PHE B 276 -2.13 16.35 -36.77
C PHE B 276 -2.74 17.47 -37.59
N SER B 277 -2.63 17.32 -38.90
CA SER B 277 -3.32 18.20 -39.78
C SER B 277 -4.85 18.03 -39.64
N TYR B 278 -5.58 19.14 -39.39
CA TYR B 278 -7.04 19.10 -39.25
C TYR B 278 -7.78 19.64 -40.49
N PRO B 279 -8.80 18.95 -41.00
CA PRO B 279 -9.35 17.68 -40.46
C PRO B 279 -8.42 16.49 -40.59
N ALA B 280 -8.43 15.62 -39.57
CA ALA B 280 -7.70 14.34 -39.61
C ALA B 280 -8.68 13.21 -39.81
N THR B 281 -8.32 12.15 -40.56
CA THR B 281 -9.11 10.95 -40.58
C THR B 281 -8.85 10.14 -39.28
N LEU B 282 -9.82 9.27 -38.97
CA LEU B 282 -9.75 8.33 -37.89
C LEU B 282 -8.51 7.48 -37.96
N GLN B 283 -8.20 6.94 -39.14
CA GLN B 283 -7.00 6.11 -39.31
C GLN B 283 -5.66 6.83 -39.01
N THR B 284 -5.57 8.09 -39.37
CA THR B 284 -4.39 8.88 -38.96
C THR B 284 -4.21 8.87 -37.44
N LEU B 285 -5.33 9.10 -36.74
CA LEU B 285 -5.30 9.20 -35.28
C LEU B 285 -5.00 7.81 -34.71
N LEU B 286 -5.64 6.79 -35.25
CA LEU B 286 -5.27 5.41 -34.91
C LEU B 286 -3.80 5.02 -35.14
N ASP B 287 -3.27 5.41 -36.31
CA ASP B 287 -1.87 5.20 -36.73
C ASP B 287 -0.88 5.79 -35.72
N SER B 288 -1.25 6.91 -35.12
CA SER B 288 -0.37 7.57 -34.19
C SER B 288 0.10 6.68 -33.04
N ASN B 289 -0.76 5.81 -32.55
CA ASN B 289 -0.39 5.01 -31.37
C ASN B 289 -0.34 3.50 -31.69
N SER B 290 -0.01 3.18 -32.95
CA SER B 290 0.35 1.82 -33.36
C SER B 290 1.58 1.30 -32.55
N GLU B 291 1.65 -0.02 -32.47
CA GLU B 291 2.76 -0.68 -31.85
C GLU B 291 4.13 -0.20 -32.43
N GLN B 292 4.25 -0.07 -33.76
CA GLN B 292 5.46 0.42 -34.44
C GLN B 292 5.91 1.82 -34.00
N ILE B 293 4.97 2.75 -33.86
CA ILE B 293 5.28 4.11 -33.39
C ILE B 293 5.56 4.15 -31.86
N VAL B 294 4.72 3.47 -31.10
CA VAL B 294 4.82 3.53 -29.66
C VAL B 294 6.02 2.76 -29.10
N MET B 295 6.30 1.53 -29.60
CA MET B 295 7.22 0.61 -28.96
C MET B 295 8.60 0.51 -29.59
N LYS B 296 8.79 1.06 -30.77
CA LYS B 296 10.03 0.90 -31.52
C LYS B 296 10.59 2.22 -31.92
N PRO B 297 11.90 2.25 -32.27
CA PRO B 297 12.43 3.54 -32.75
C PRO B 297 11.99 3.85 -34.20
N ASN B 298 11.75 5.10 -34.55
CA ASN B 298 11.38 5.47 -35.94
C ASN B 298 12.12 6.67 -36.33
N LYS B 299 12.79 6.58 -37.49
CA LYS B 299 13.49 7.72 -38.04
C LYS B 299 12.49 8.85 -38.26
N VAL B 300 12.84 10.05 -37.81
CA VAL B 300 11.94 11.19 -37.94
C VAL B 300 12.23 11.90 -39.27
N THR B 301 11.25 12.64 -39.76
CA THR B 301 11.43 13.60 -40.88
C THR B 301 11.30 15.08 -40.43
N ALA B 302 12.01 15.97 -41.11
CA ALA B 302 11.75 17.41 -40.95
C ALA B 302 10.36 17.78 -41.48
N ILE B 303 9.69 18.74 -40.85
CA ILE B 303 8.39 19.19 -41.27
C ILE B 303 8.57 19.93 -42.60
N SER B 304 7.96 19.42 -43.66
CA SER B 304 7.98 20.13 -44.93
C SER B 304 6.61 20.59 -45.44
N LYS B 305 5.56 20.22 -44.72
CA LYS B 305 4.25 20.87 -44.80
C LYS B 305 3.74 21.18 -43.40
N GLU B 306 3.75 22.46 -43.03
CA GLU B 306 3.11 23.00 -41.86
C GLU B 306 1.64 23.43 -42.14
N PRO B 307 0.65 22.65 -41.62
CA PRO B 307 -0.75 23.02 -41.82
C PRO B 307 -1.18 24.27 -41.05
N SER B 308 -2.15 24.98 -41.64
CA SER B 308 -2.74 26.15 -41.04
C SER B 308 -3.51 25.80 -39.77
N VAL B 309 -4.24 24.70 -39.84
CA VAL B 309 -5.22 24.32 -38.80
C VAL B 309 -4.85 22.91 -38.32
N LYS B 310 -4.71 22.72 -37.01
CA LYS B 310 -4.26 21.46 -36.45
C LYS B 310 -5.26 20.86 -35.47
N MET B 311 -5.08 19.58 -35.12
CA MET B 311 -5.69 18.99 -33.92
C MET B 311 -4.62 18.30 -33.09
N TYR B 312 -4.94 18.02 -31.80
CA TYR B 312 -3.96 17.50 -30.82
C TYR B 312 -4.58 16.42 -29.95
N HIS B 313 -3.81 15.42 -29.57
CA HIS B 313 -4.27 14.39 -28.69
C HIS B 313 -3.11 13.78 -27.91
N LYS B 314 -3.48 12.99 -26.91
CA LYS B 314 -2.56 12.23 -26.09
C LYS B 314 -3.31 11.20 -25.31
N THR B 315 -2.85 9.95 -25.45
CA THR B 315 -3.30 8.86 -24.62
C THR B 315 -2.47 8.75 -23.36
N GLY B 316 -3.04 8.14 -22.32
CA GLY B 316 -2.22 7.69 -21.16
C GLY B 316 -2.82 6.50 -20.46
N SER B 317 -1.95 5.66 -19.96
CA SER B 317 -2.31 4.54 -19.18
C SER B 317 -1.33 4.35 -18.00
N THR B 318 -1.87 4.00 -16.85
CA THR B 318 -1.12 3.28 -15.75
C THR B 318 -1.73 1.87 -15.78
N SER B 319 -1.34 0.96 -14.89
CA SER B 319 -1.78 -0.43 -15.08
C SER B 319 -3.26 -0.53 -14.80
N GLY B 320 -3.79 0.39 -13.98
CA GLY B 320 -5.16 0.39 -13.59
C GLY B 320 -6.04 1.47 -14.21
N PHE B 321 -5.49 2.36 -15.02
CA PHE B 321 -6.21 3.52 -15.47
C PHE B 321 -5.93 3.87 -16.90
N GLY B 322 -6.98 4.30 -17.59
CA GLY B 322 -6.84 4.86 -18.92
C GLY B 322 -7.32 6.30 -19.08
N THR B 323 -6.60 7.02 -19.92
CA THR B 323 -6.85 8.42 -20.22
C THR B 323 -6.76 8.69 -21.72
N TYR B 324 -7.63 9.55 -22.20
CA TYR B 324 -7.48 10.14 -23.55
C TYR B 324 -7.94 11.63 -23.53
N VAL B 325 -7.14 12.54 -24.07
CA VAL B 325 -7.49 13.97 -24.24
C VAL B 325 -7.28 14.37 -25.70
N VAL B 326 -8.21 15.14 -26.26
CA VAL B 326 -8.12 15.65 -27.64
C VAL B 326 -8.82 17.00 -27.72
N PHE B 327 -8.31 17.87 -28.59
CA PHE B 327 -8.88 19.21 -28.78
C PHE B 327 -8.55 19.75 -30.18
N ILE B 328 -9.45 20.59 -30.66
CA ILE B 328 -9.43 21.08 -32.05
C ILE B 328 -9.70 22.58 -31.97
N PRO B 329 -8.67 23.41 -32.06
CA PRO B 329 -8.88 24.89 -31.94
C PRO B 329 -9.91 25.50 -32.94
N LYS B 330 -9.97 25.00 -34.16
CA LYS B 330 -10.88 25.51 -35.18
C LYS B 330 -12.35 25.42 -34.75
N GLU B 331 -12.73 24.33 -34.05
CA GLU B 331 -14.10 24.07 -33.68
C GLU B 331 -14.35 24.47 -32.25
N ASN B 332 -13.37 25.09 -31.60
CA ASN B 332 -13.38 25.40 -30.18
C ASN B 332 -13.93 24.27 -29.28
N ILE B 333 -13.45 23.05 -29.52
CA ILE B 333 -14.00 21.86 -28.92
C ILE B 333 -12.92 20.91 -28.41
N GLY B 334 -13.25 20.19 -27.35
CA GLY B 334 -12.37 19.14 -26.86
C GLY B 334 -13.08 18.16 -25.97
N LEU B 335 -12.36 17.09 -25.62
CA LEU B 335 -12.93 15.91 -24.92
C LEU B 335 -11.88 15.28 -24.01
N VAL B 336 -12.32 14.84 -22.82
CA VAL B 336 -11.50 14.10 -21.87
C VAL B 336 -12.20 12.78 -21.55
N MET B 337 -11.50 11.67 -21.67
CA MET B 337 -11.97 10.35 -21.12
C MET B 337 -11.02 9.90 -20.04
N LEU B 338 -11.60 9.50 -18.90
CA LEU B 338 -10.89 8.91 -17.77
C LEU B 338 -11.56 7.63 -17.41
N THR B 339 -10.80 6.55 -17.25
CA THR B 339 -11.33 5.28 -16.71
C THR B 339 -10.44 4.68 -15.68
N ASN B 340 -11.03 3.90 -14.78
CA ASN B 340 -10.29 3.15 -13.84
C ASN B 340 -10.15 1.67 -14.23
N LYS B 341 -10.07 1.44 -15.53
CA LYS B 341 -9.49 0.22 -16.11
C LYS B 341 -9.07 0.59 -17.54
N ARG B 342 -7.89 0.11 -17.92
CA ARG B 342 -7.43 0.29 -19.26
C ARG B 342 -8.34 -0.35 -20.26
N ILE B 343 -8.56 0.36 -21.37
CA ILE B 343 -9.26 -0.17 -22.55
C ILE B 343 -8.38 0.19 -23.80
N PRO B 344 -8.46 -0.61 -24.83
CA PRO B 344 -7.52 -0.31 -25.90
C PRO B 344 -7.61 1.13 -26.38
N ASN B 345 -6.45 1.66 -26.73
CA ASN B 345 -6.35 3.02 -27.26
C ASN B 345 -7.27 3.22 -28.46
N GLU B 346 -7.38 2.23 -29.36
CA GLU B 346 -8.21 2.35 -30.57
C GLU B 346 -9.68 2.72 -30.22
N GLU B 347 -10.18 2.19 -29.10
CA GLU B 347 -11.58 2.37 -28.66
C GLU B 347 -11.77 3.77 -28.11
N ARG B 348 -10.77 4.26 -27.42
CA ARG B 348 -10.81 5.64 -26.82
C ARG B 348 -10.84 6.66 -27.97
N ILE B 349 -9.90 6.49 -28.90
CA ILE B 349 -9.74 7.41 -30.04
C ILE B 349 -11.00 7.44 -30.89
N LYS B 350 -11.49 6.27 -31.23
CA LYS B 350 -12.66 6.17 -32.12
C LYS B 350 -13.93 6.74 -31.48
N ALA B 351 -14.23 6.34 -30.25
CA ALA B 351 -15.41 6.94 -29.54
C ALA B 351 -15.35 8.44 -29.52
N ALA B 352 -14.18 8.99 -29.20
CA ALA B 352 -14.03 10.46 -29.13
C ALA B 352 -14.18 11.12 -30.53
N TYR B 353 -13.75 10.43 -31.59
CA TYR B 353 -13.84 10.89 -32.99
C TYR B 353 -15.30 10.96 -33.42
N VAL B 354 -16.08 9.94 -33.06
CA VAL B 354 -17.48 9.92 -33.46
C VAL B 354 -18.23 11.04 -32.70
N VAL B 355 -18.02 11.12 -31.41
CA VAL B 355 -18.67 12.16 -30.64
C VAL B 355 -18.33 13.53 -31.16
N LEU B 356 -17.05 13.81 -31.37
CA LEU B 356 -16.66 15.17 -31.68
C LEU B 356 -17.11 15.55 -33.08
N ASN B 357 -17.18 14.61 -34.02
CA ASN B 357 -17.60 14.96 -35.35
C ASN B 357 -19.10 15.06 -35.52
N ALA B 358 -19.87 14.45 -34.61
CA ALA B 358 -21.34 14.46 -34.68
C ALA B 358 -21.94 15.64 -33.91
N ILE B 359 -21.23 16.25 -32.97
CA ILE B 359 -21.78 17.35 -32.19
C ILE B 359 -22.06 18.52 -33.14
N LYS B 360 -23.21 19.18 -32.95
CA LYS B 360 -23.62 20.27 -33.84
C LYS B 360 -22.79 21.49 -33.48
N LYS B 361 -22.03 22.00 -34.45
CA LYS B 361 -21.05 23.06 -34.21
C LYS B 361 -21.76 24.39 -34.12
N PRO C 5 5.95 14.44 4.57
CA PRO C 5 7.24 14.75 5.20
C PRO C 5 7.92 13.50 5.81
N LYS C 6 7.59 13.16 7.05
CA LYS C 6 7.85 11.85 7.64
C LYS C 6 7.13 10.69 6.91
N ASP C 7 5.86 10.94 6.55
CA ASP C 7 5.01 10.07 5.71
C ASP C 7 5.73 9.43 4.56
N GLN C 8 6.38 10.31 3.77
CA GLN C 8 7.10 9.92 2.58
C GLN C 8 8.28 9.07 3.02
N GLU C 9 9.02 9.54 4.02
CA GLU C 9 10.24 8.83 4.45
C GLU C 9 9.90 7.38 4.86
N ILE C 10 8.80 7.22 5.60
CA ILE C 10 8.42 5.90 6.16
C ILE C 10 7.84 4.99 5.07
N LYS C 11 6.93 5.56 4.26
CA LYS C 11 6.35 4.85 3.12
C LYS C 11 7.46 4.32 2.21
N LYS C 12 8.44 5.15 1.88
CA LYS C 12 9.59 4.70 1.06
C LYS C 12 10.28 3.52 1.72
N LEU C 13 10.60 3.61 3.01
CA LEU C 13 11.29 2.53 3.74
C LEU C 13 10.51 1.22 3.83
N VAL C 14 9.21 1.36 4.05
CA VAL C 14 8.31 0.20 4.11
C VAL C 14 8.23 -0.44 2.73
N ASP C 15 7.98 0.39 1.71
CA ASP C 15 8.06 -0.08 0.31
C ASP C 15 9.34 -0.84 0.01
N GLN C 16 10.46 -0.35 0.53
CA GLN C 16 11.75 -0.91 0.23
C GLN C 16 12.00 -2.21 0.91
N ASN C 17 11.59 -2.36 2.18
CA ASN C 17 11.87 -3.61 2.89
C ASN C 17 10.71 -4.61 3.04
N PHE C 18 9.46 -4.13 2.97
CA PHE C 18 8.25 -4.99 3.11
C PHE C 18 7.62 -5.42 1.75
N LYS C 19 7.37 -4.47 0.87
CA LYS C 19 6.73 -4.70 -0.44
C LYS C 19 7.31 -5.87 -1.23
N PRO C 20 8.66 -6.02 -1.29
CA PRO C 20 9.24 -7.13 -2.07
C PRO C 20 8.94 -8.51 -1.54
N LEU C 21 8.50 -8.60 -0.29
CA LEU C 21 8.17 -9.88 0.29
C LEU C 21 6.84 -10.43 -0.31
N LEU C 22 5.98 -9.55 -0.81
CA LEU C 22 4.79 -9.97 -1.56
C LEU C 22 5.16 -10.80 -2.80
N GLU C 23 6.08 -10.26 -3.62
CA GLU C 23 6.48 -10.93 -4.87
C GLU C 23 7.16 -12.21 -4.50
N LYS C 24 8.06 -12.13 -3.53
CA LYS C 24 8.96 -13.22 -3.16
C LYS C 24 8.26 -14.48 -2.64
N TYR C 25 7.23 -14.26 -1.84
CA TYR C 25 6.47 -15.33 -1.21
C TYR C 25 5.04 -15.47 -1.73
N ASP C 26 4.65 -14.62 -2.67
CA ASP C 26 3.31 -14.70 -3.32
C ASP C 26 2.24 -14.47 -2.27
N VAL C 27 2.36 -13.33 -1.57
CA VAL C 27 1.48 -12.94 -0.52
C VAL C 27 0.43 -12.07 -1.14
N PRO C 28 -0.83 -12.47 -0.97
CA PRO C 28 -1.84 -11.62 -1.54
C PRO C 28 -1.92 -10.24 -0.99
N GLY C 29 -2.01 -10.13 0.32
CA GLY C 29 -2.25 -8.80 0.97
C GLY C 29 -1.36 -8.60 2.20
N MET C 30 -1.12 -7.34 2.56
CA MET C 30 -0.25 -7.02 3.69
C MET C 30 -0.62 -5.66 4.17
N ALA C 31 -0.60 -5.50 5.48
CA ALA C 31 -0.74 -4.17 6.09
C ALA C 31 0.49 -4.00 7.03
N VAL C 32 1.17 -2.85 6.93
CA VAL C 32 2.37 -2.59 7.73
C VAL C 32 2.18 -1.19 8.36
N GLY C 33 2.29 -1.13 9.68
CA GLY C 33 2.04 0.10 10.43
C GLY C 33 3.31 0.48 11.22
N VAL C 34 3.50 1.78 11.37
CA VAL C 34 4.56 2.34 12.19
C VAL C 34 3.96 3.39 13.12
N ILE C 35 4.38 3.35 14.39
CA ILE C 35 4.07 4.42 15.33
C ILE C 35 5.38 5.01 15.89
N GLN C 36 5.49 6.33 15.80
CA GLN C 36 6.63 7.09 16.30
C GLN C 36 6.17 8.46 16.86
N ASN C 37 6.42 8.67 18.16
CA ASN C 37 6.01 9.92 18.83
C ASN C 37 4.51 10.22 18.65
N ASN C 38 3.71 9.17 18.79
CA ASN C 38 2.25 9.20 18.75
C ASN C 38 1.63 9.73 17.45
N LYS C 39 2.37 9.55 16.35
CA LYS C 39 1.92 9.81 14.98
C LYS C 39 1.96 8.44 14.26
N LYS C 40 0.83 8.03 13.74
CA LYS C 40 0.64 6.70 13.19
C LYS C 40 0.81 6.75 11.69
N TYR C 41 1.42 5.71 11.12
CA TYR C 41 1.62 5.59 9.67
C TYR C 41 1.18 4.17 9.16
N GLU C 42 0.29 4.18 8.17
CA GLU C 42 -0.39 2.99 7.67
C GLU C 42 -0.11 2.83 6.21
N MET C 43 0.47 1.68 5.86
CA MET C 43 0.73 1.21 4.49
C MET C 43 -0.06 -0.12 4.23
N TYR C 44 -0.87 -0.14 3.17
CA TYR C 44 -1.66 -1.35 2.74
C TYR C 44 -1.23 -1.80 1.38
N TYR C 45 -1.01 -3.11 1.20
CA TYR C 45 -0.62 -3.68 -0.11
C TYR C 45 -1.57 -4.81 -0.49
N GLY C 46 -1.93 -4.83 -1.78
CA GLY C 46 -2.49 -6.03 -2.38
C GLY C 46 -3.90 -6.32 -1.86
N LEU C 47 -4.23 -7.60 -1.71
CA LEU C 47 -5.63 -8.01 -1.62
C LEU C 47 -5.97 -8.70 -0.33
N GLN C 48 -7.07 -8.23 0.29
CA GLN C 48 -7.80 -8.83 1.41
C GLN C 48 -8.44 -10.19 1.01
N SER C 49 -9.03 -10.25 -0.18
CA SER C 49 -9.61 -11.48 -0.71
C SER C 49 -9.44 -11.57 -2.21
N VAL C 50 -8.86 -12.68 -2.67
CA VAL C 50 -8.66 -12.87 -4.09
C VAL C 50 -10.01 -13.06 -4.78
N GLN C 51 -10.84 -13.92 -4.19
CA GLN C 51 -12.12 -14.28 -4.80
C GLN C 51 -12.98 -13.05 -4.95
N ASP C 52 -13.12 -12.26 -3.90
CA ASP C 52 -14.00 -11.08 -3.93
C ASP C 52 -13.39 -9.77 -4.49
N LYS C 53 -12.12 -9.84 -4.87
CA LYS C 53 -11.39 -8.73 -5.44
C LYS C 53 -11.37 -7.48 -4.50
N LYS C 54 -11.15 -7.71 -3.20
CA LYS C 54 -11.13 -6.64 -2.20
C LYS C 54 -9.70 -6.30 -1.82
N ALA C 55 -9.36 -5.02 -1.89
CA ALA C 55 -8.04 -4.53 -1.51
C ALA C 55 -7.97 -4.44 0.02
N VAL C 56 -6.81 -4.73 0.56
CA VAL C 56 -6.47 -4.51 1.95
C VAL C 56 -6.58 -3.00 2.20
N ASN C 57 -7.23 -2.63 3.31
CA ASN C 57 -7.52 -1.21 3.67
C ASN C 57 -7.58 -1.10 5.22
N SER C 58 -7.93 0.05 5.78
CA SER C 58 -7.85 0.25 7.20
C SER C 58 -8.85 -0.57 7.98
N ASN C 59 -9.94 -0.99 7.33
CA ASN C 59 -10.92 -1.87 7.93
C ASN C 59 -10.61 -3.37 7.84
N THR C 60 -9.55 -3.80 7.12
CA THR C 60 -9.34 -5.20 6.91
C THR C 60 -9.00 -5.84 8.24
N ILE C 61 -9.72 -6.92 8.57
CA ILE C 61 -9.42 -7.77 9.76
C ILE C 61 -8.52 -8.95 9.41
N PHE C 62 -7.41 -9.08 10.14
CA PHE C 62 -6.48 -10.17 9.99
C PHE C 62 -6.47 -11.04 11.28
N GLU C 63 -6.13 -12.32 11.11
CA GLU C 63 -5.86 -13.28 12.21
C GLU C 63 -4.47 -13.07 12.80
N LEU C 64 -4.44 -12.80 14.11
CA LEU C 64 -3.21 -12.46 14.80
C LEU C 64 -2.35 -13.63 15.23
N GLY C 65 -2.88 -14.86 15.18
CA GLY C 65 -2.14 -16.03 15.66
C GLY C 65 -1.64 -15.85 17.08
N SER C 66 -0.44 -16.34 17.37
CA SER C 66 0.12 -16.26 18.75
C SER C 66 0.30 -14.84 19.27
N VAL C 67 0.15 -13.81 18.44
CA VAL C 67 0.04 -12.42 19.00
C VAL C 67 -1.22 -12.24 19.86
N SER C 68 -2.18 -13.16 19.73
CA SER C 68 -3.34 -13.28 20.60
C SER C 68 -2.89 -13.48 22.07
N LYS C 69 -1.78 -14.22 22.24
CA LYS C 69 -1.15 -14.44 23.57
C LYS C 69 -0.91 -13.18 24.34
N LEU C 70 -0.64 -12.06 23.66
CA LEU C 70 -0.44 -10.76 24.34
C LEU C 70 -1.71 -10.13 24.98
N PHE C 71 -2.86 -10.41 24.34
CA PHE C 71 -4.16 -9.99 24.87
C PHE C 71 -4.59 -10.90 26.04
N THR C 72 -4.30 -12.20 25.93
CA THR C 72 -4.42 -13.14 27.06
C THR C 72 -3.58 -12.72 28.28
N ALA C 73 -2.37 -12.23 28.03
CA ALA C 73 -1.50 -11.73 29.10
C ALA C 73 -2.06 -10.49 29.74
N THR C 74 -2.38 -9.47 28.92
CA THR C 74 -3.00 -8.24 29.41
C THR C 74 -4.27 -8.47 30.25
N ALA C 75 -5.12 -9.40 29.83
CA ALA C 75 -6.28 -9.85 30.58
C ALA C 75 -5.88 -10.44 31.94
N GLY C 76 -4.93 -11.40 31.89
CA GLY C 76 -4.24 -11.95 33.05
C GLY C 76 -3.78 -10.88 34.02
N GLY C 77 -3.06 -9.90 33.51
CA GLY C 77 -2.62 -8.75 34.29
C GLY C 77 -3.70 -7.79 34.81
N TYR C 78 -4.80 -7.65 34.09
CA TYR C 78 -5.91 -6.82 34.58
C TYR C 78 -6.71 -7.54 35.69
N ALA C 79 -6.94 -8.83 35.52
CA ALA C 79 -7.60 -9.63 36.55
C ALA C 79 -6.80 -9.52 37.86
N LYS C 80 -5.47 -9.58 37.75
CA LYS C 80 -4.57 -9.55 38.90
C LYS C 80 -4.56 -8.20 39.59
N ASN C 81 -4.31 -7.13 38.86
CA ASN C 81 -4.26 -5.79 39.51
C ASN C 81 -5.58 -5.25 40.10
N LYS C 82 -6.71 -5.84 39.71
CA LYS C 82 -8.02 -5.56 40.35
C LYS C 82 -8.28 -6.45 41.55
N GLY C 83 -7.55 -7.56 41.62
CA GLY C 83 -7.61 -8.50 42.73
C GLY C 83 -8.52 -9.69 42.48
N LYS C 84 -8.82 -10.01 41.22
CA LYS C 84 -9.66 -11.20 40.89
C LYS C 84 -8.85 -12.51 40.85
N ILE C 85 -7.51 -12.41 40.93
CA ILE C 85 -6.60 -13.57 41.02
C ILE C 85 -5.24 -13.12 41.57
N SER C 86 -4.47 -14.07 42.11
CA SER C 86 -3.06 -13.88 42.44
C SER C 86 -2.28 -14.83 41.56
N PHE C 87 -1.07 -14.42 41.21
CA PHE C 87 -0.20 -15.20 40.34
C PHE C 87 0.25 -16.52 40.96
N ASP C 88 0.11 -16.63 42.29
CA ASP C 88 0.50 -17.82 43.02
C ASP C 88 -0.56 -18.90 43.12
N ASP C 89 -1.84 -18.56 42.89
CA ASP C 89 -2.94 -19.54 42.81
C ASP C 89 -2.68 -20.73 41.93
N THR C 90 -3.59 -21.68 42.02
CA THR C 90 -3.59 -22.88 41.20
C THR C 90 -4.91 -22.92 40.38
N PRO C 91 -4.93 -23.71 39.29
CA PRO C 91 -6.13 -23.80 38.41
C PRO C 91 -7.40 -24.34 39.09
N GLY C 92 -7.25 -25.44 39.83
CA GLY C 92 -8.33 -26.04 40.65
C GLY C 92 -9.00 -25.08 41.62
N LYS C 93 -8.28 -24.03 42.05
CA LYS C 93 -8.94 -22.97 42.77
C LYS C 93 -10.14 -22.45 41.99
N TYR C 94 -10.01 -22.33 40.66
CA TYR C 94 -11.08 -21.76 39.81
C TYR C 94 -11.84 -22.81 38.99
N TRP C 95 -11.15 -23.78 38.42
CA TRP C 95 -11.82 -24.85 37.73
C TRP C 95 -12.01 -26.02 38.71
N LYS C 96 -13.14 -26.01 39.41
CA LYS C 96 -13.35 -26.88 40.57
C LYS C 96 -13.09 -28.33 40.22
N GLU C 97 -13.46 -28.72 39.01
CA GLU C 97 -13.41 -30.11 38.59
C GLU C 97 -11.97 -30.61 38.40
N LEU C 98 -10.99 -29.68 38.42
CA LEU C 98 -9.55 -30.00 38.47
C LEU C 98 -8.93 -29.94 39.87
N LYS C 99 -9.66 -29.40 40.85
CA LYS C 99 -9.20 -29.33 42.24
C LYS C 99 -8.94 -30.74 42.80
N ASN C 100 -7.90 -30.85 43.62
CA ASN C 100 -7.33 -32.14 44.09
C ASN C 100 -6.77 -33.02 42.93
N THR C 101 -6.40 -32.39 41.79
CA THR C 101 -5.85 -33.12 40.63
C THR C 101 -4.37 -32.81 40.53
N PRO C 102 -3.57 -33.69 39.91
CA PRO C 102 -2.11 -33.49 39.67
C PRO C 102 -1.69 -32.15 38.99
N ILE C 103 -2.44 -31.72 37.96
CA ILE C 103 -2.26 -30.40 37.32
C ILE C 103 -2.48 -29.19 38.25
N ASP C 104 -3.25 -29.38 39.33
CA ASP C 104 -3.46 -28.35 40.39
C ASP C 104 -2.17 -28.03 41.25
N GLN C 105 -1.06 -28.72 41.01
CA GLN C 105 0.23 -28.36 41.60
C GLN C 105 0.94 -27.15 40.93
N VAL C 106 0.51 -26.80 39.71
CA VAL C 106 1.12 -25.69 38.92
C VAL C 106 0.40 -24.36 39.18
N ASN C 107 1.16 -23.27 39.17
CA ASN C 107 0.62 -21.94 39.44
C ASN C 107 0.21 -21.17 38.15
N LEU C 108 -0.53 -20.08 38.34
CA LEU C 108 -1.04 -19.28 37.20
C LEU C 108 0.10 -18.69 36.37
N LEU C 109 1.06 -18.04 37.03
CA LEU C 109 2.24 -17.56 36.32
C LEU C 109 3.06 -18.66 35.57
N GLN C 110 3.05 -19.88 36.07
CA GLN C 110 3.81 -20.98 35.46
C GLN C 110 3.18 -21.49 34.15
N LEU C 111 1.85 -21.49 34.14
CA LEU C 111 1.07 -21.91 32.98
C LEU C 111 1.18 -20.86 31.88
N ALA C 112 0.95 -19.61 32.28
CA ALA C 112 1.07 -18.44 31.39
C ALA C 112 2.43 -18.31 30.72
N THR C 113 3.48 -18.81 31.38
CA THR C 113 4.85 -18.73 30.82
C THR C 113 5.44 -20.07 30.44
N TYR C 114 4.59 -21.09 30.25
CA TYR C 114 4.97 -22.36 29.61
C TYR C 114 5.97 -23.25 30.45
N THR C 115 5.89 -23.15 31.80
CA THR C 115 6.87 -23.75 32.77
C THR C 115 6.43 -25.10 33.38
N SER C 116 5.14 -25.44 33.16
CA SER C 116 4.43 -26.57 33.83
C SER C 116 5.17 -27.92 34.00
N GLY C 117 6.08 -28.22 33.07
CA GLY C 117 6.86 -29.44 33.08
C GLY C 117 6.53 -30.42 31.97
N ASN C 118 5.29 -30.40 31.47
CA ASN C 118 4.80 -31.48 30.58
C ASN C 118 3.69 -31.07 29.52
N LEU C 119 3.72 -29.84 29.03
CA LEU C 119 2.72 -29.42 28.02
C LEU C 119 3.37 -29.02 26.72
N ALA C 120 3.09 -29.78 25.67
CA ALA C 120 3.56 -29.49 24.32
C ALA C 120 2.81 -28.30 23.63
N LEU C 121 3.33 -27.92 22.47
CA LEU C 121 2.80 -26.87 21.58
C LEU C 121 1.30 -27.05 21.37
N GLN C 122 0.86 -28.21 20.91
CA GLN C 122 -0.58 -28.51 20.77
C GLN C 122 -1.06 -29.50 21.86
N PHE C 123 -2.38 -29.53 22.07
CA PHE C 123 -3.07 -30.72 22.59
C PHE C 123 -2.85 -31.86 21.55
N PRO C 124 -3.02 -33.14 21.97
CA PRO C 124 -2.96 -34.23 20.97
C PRO C 124 -4.21 -34.22 20.12
N ASP C 125 -4.09 -34.80 18.95
CA ASP C 125 -5.07 -34.69 17.85
C ASP C 125 -6.55 -34.89 18.23
N GLU C 126 -6.83 -35.83 19.12
CA GLU C 126 -8.20 -36.25 19.49
C GLU C 126 -8.85 -35.48 20.66
N VAL C 127 -8.16 -34.47 21.21
CA VAL C 127 -8.79 -33.55 22.14
C VAL C 127 -9.44 -32.39 21.36
N GLN C 128 -10.77 -32.39 21.32
CA GLN C 128 -11.56 -31.42 20.56
C GLN C 128 -12.62 -30.79 21.47
N THR C 129 -13.49 -31.61 22.06
CA THR C 129 -14.57 -31.13 22.92
C THR C 129 -14.04 -30.64 24.25
N ASP C 130 -14.88 -29.88 24.97
CA ASP C 130 -14.54 -29.36 26.30
C ASP C 130 -14.45 -30.48 27.37
N GLN C 131 -15.27 -31.53 27.24
CA GLN C 131 -15.11 -32.77 28.03
C GLN C 131 -13.75 -33.41 27.72
N GLN C 132 -13.39 -33.55 26.43
CA GLN C 132 -12.06 -34.07 26.07
C GLN C 132 -10.91 -33.14 26.59
N VAL C 133 -11.10 -31.81 26.52
CA VAL C 133 -10.15 -30.85 27.10
C VAL C 133 -10.09 -30.99 28.65
N LEU C 134 -11.25 -31.01 29.33
CA LEU C 134 -11.31 -31.16 30.81
C LEU C 134 -10.63 -32.48 31.25
N THR C 135 -11.12 -33.58 30.69
CA THR C 135 -10.55 -34.93 30.87
C THR C 135 -9.02 -34.91 30.72
N PHE C 136 -8.53 -34.09 29.80
CA PHE C 136 -7.09 -33.92 29.59
C PHE C 136 -6.29 -33.37 30.79
N PHE C 137 -6.89 -32.41 31.50
CA PHE C 137 -6.18 -31.73 32.58
C PHE C 137 -6.29 -32.49 33.91
N LYS C 138 -7.45 -33.13 34.13
CA LYS C 138 -7.66 -34.07 35.25
C LYS C 138 -6.73 -35.28 35.15
N ASP C 139 -6.55 -35.81 33.93
CA ASP C 139 -5.61 -36.92 33.65
C ASP C 139 -4.12 -36.52 33.38
N TRP C 140 -3.78 -35.25 33.59
CA TRP C 140 -2.41 -34.75 33.35
C TRP C 140 -1.56 -35.18 34.51
N LYS C 141 -0.37 -35.72 34.20
CA LYS C 141 0.63 -36.09 35.19
C LYS C 141 1.86 -35.19 35.00
N PRO C 142 2.39 -34.60 36.09
CA PRO C 142 3.60 -33.78 35.93
C PRO C 142 4.78 -34.63 35.52
N LYS C 143 5.80 -34.01 34.93
CA LYS C 143 7.00 -34.74 34.52
C LYS C 143 8.30 -34.00 34.91
N ASN C 144 8.80 -33.12 34.03
CA ASN C 144 9.97 -32.33 34.36
C ASN C 144 9.53 -31.48 35.51
N PRO C 145 10.48 -31.03 36.35
CA PRO C 145 10.10 -30.25 37.53
C PRO C 145 9.25 -29.00 37.21
N ILE C 146 8.15 -28.80 37.95
CA ILE C 146 7.28 -27.63 37.80
C ILE C 146 8.08 -26.35 38.07
N GLY C 147 8.35 -25.59 37.02
CA GLY C 147 8.82 -24.21 37.16
C GLY C 147 10.17 -24.00 36.56
N GLU C 148 10.90 -25.10 36.33
CA GLU C 148 12.26 -25.02 35.83
C GLU C 148 12.32 -25.02 34.30
N TYR C 149 11.34 -25.67 33.66
CA TYR C 149 11.40 -25.91 32.20
C TYR C 149 10.40 -25.07 31.37
N ARG C 150 10.90 -24.50 30.28
CA ARG C 150 10.16 -23.62 29.37
C ARG C 150 9.93 -24.34 28.05
N GLN C 151 8.70 -24.79 27.81
CA GLN C 151 8.34 -25.38 26.52
C GLN C 151 7.12 -24.64 25.99
N TYR C 152 7.29 -23.87 24.92
CA TYR C 152 6.18 -23.06 24.30
C TYR C 152 4.90 -23.93 24.08
N SER C 153 3.79 -23.53 24.71
CA SER C 153 2.57 -24.38 24.72
C SER C 153 1.24 -23.63 24.54
N ASN C 154 0.41 -24.09 23.59
CA ASN C 154 -0.97 -23.55 23.46
C ASN C 154 -1.86 -24.05 24.58
N PRO C 155 -1.89 -25.37 24.83
CA PRO C 155 -2.59 -25.80 26.07
C PRO C 155 -2.17 -25.07 27.38
N SER C 156 -0.89 -24.71 27.53
CA SER C 156 -0.44 -24.07 28.77
C SER C 156 -1.13 -22.72 28.99
N ILE C 157 -0.90 -21.77 28.07
CA ILE C 157 -1.51 -20.42 28.21
C ILE C 157 -3.01 -20.44 27.93
N GLY C 158 -3.52 -21.45 27.23
CA GLY C 158 -4.97 -21.65 27.16
C GLY C 158 -5.59 -21.76 28.55
N LEU C 159 -5.11 -22.74 29.33
CA LEU C 159 -5.63 -22.98 30.70
C LEU C 159 -5.59 -21.72 31.52
N PHE C 160 -4.44 -21.02 31.49
CA PHE C 160 -4.31 -19.72 32.16
C PHE C 160 -5.45 -18.80 31.72
N GLY C 161 -5.64 -18.67 30.40
CA GLY C 161 -6.71 -17.80 29.89
C GLY C 161 -8.10 -18.19 30.41
N LYS C 162 -8.37 -19.48 30.36
CA LYS C 162 -9.65 -20.04 30.83
C LYS C 162 -9.89 -19.70 32.30
N VAL C 163 -8.86 -19.81 33.11
CA VAL C 163 -8.89 -19.51 34.55
C VAL C 163 -9.26 -18.05 34.80
N VAL C 164 -8.58 -17.19 34.04
CA VAL C 164 -8.82 -15.75 34.12
C VAL C 164 -10.29 -15.45 33.78
N ALA C 165 -10.81 -16.07 32.70
CA ALA C 165 -12.25 -15.97 32.33
C ALA C 165 -13.23 -16.41 33.48
N LEU C 166 -12.91 -17.53 34.14
CA LEU C 166 -13.68 -17.99 35.35
C LEU C 166 -13.58 -16.97 36.49
N SER C 167 -12.34 -16.62 36.89
CA SER C 167 -12.05 -15.52 37.84
C SER C 167 -12.87 -14.24 37.71
N MET C 168 -13.23 -13.89 36.48
CA MET C 168 -14.03 -12.70 36.23
C MET C 168 -15.52 -13.04 35.97
N ASN C 169 -15.82 -14.34 35.85
CA ASN C 169 -17.20 -14.85 35.76
C ASN C 169 -17.89 -14.51 34.40
N LYS C 170 -17.13 -14.70 33.32
CA LYS C 170 -17.61 -14.49 31.96
C LYS C 170 -16.69 -15.24 31.07
N PRO C 171 -17.21 -15.80 29.97
CA PRO C 171 -16.31 -16.58 29.13
C PRO C 171 -15.20 -15.72 28.52
N PHE C 172 -14.15 -16.39 28.05
CA PHE C 172 -12.91 -15.71 27.71
C PHE C 172 -13.10 -14.66 26.58
N ASP C 173 -13.94 -15.02 25.59
CA ASP C 173 -14.30 -14.11 24.50
C ASP C 173 -14.85 -12.75 24.99
N GLN C 174 -15.63 -12.80 26.07
CA GLN C 174 -16.20 -11.61 26.70
C GLN C 174 -15.23 -10.83 27.56
N VAL C 175 -14.28 -11.49 28.20
CA VAL C 175 -13.24 -10.73 28.94
C VAL C 175 -12.51 -9.77 27.98
N LEU C 176 -12.25 -10.27 26.79
CA LEU C 176 -11.63 -9.47 25.78
C LEU C 176 -12.66 -8.49 25.15
N GLU C 177 -13.75 -9.00 24.58
CA GLU C 177 -14.68 -8.13 23.80
C GLU C 177 -15.42 -7.05 24.62
N LYS C 178 -15.69 -7.35 25.90
CA LYS C 178 -16.43 -6.42 26.78
C LYS C 178 -15.58 -5.59 27.73
N THR C 179 -14.40 -6.07 28.13
CA THR C 179 -13.55 -5.43 29.18
C THR C 179 -12.19 -4.91 28.68
N ILE C 180 -11.36 -5.80 28.12
CA ILE C 180 -9.98 -5.47 27.72
C ILE C 180 -9.88 -4.56 26.47
N PHE C 181 -10.44 -5.01 25.34
CA PHE C 181 -10.45 -4.16 24.11
C PHE C 181 -11.07 -2.80 24.36
N PRO C 182 -12.23 -2.76 25.03
CA PRO C 182 -12.73 -1.41 25.27
C PRO C 182 -11.83 -0.58 26.14
N ALA C 183 -11.20 -1.16 27.16
CA ALA C 183 -10.28 -0.38 28.01
C ALA C 183 -9.05 0.14 27.27
N LEU C 184 -8.62 -0.61 26.26
CA LEU C 184 -7.53 -0.20 25.37
C LEU C 184 -8.04 0.76 24.27
N GLY C 185 -9.36 0.83 24.09
CA GLY C 185 -9.96 1.72 23.12
C GLY C 185 -9.92 1.12 21.73
N LEU C 186 -10.09 -0.20 21.64
CA LEU C 186 -10.02 -0.92 20.37
C LEU C 186 -11.41 -1.28 19.87
N LYS C 187 -11.79 -0.75 18.70
CA LYS C 187 -13.13 -0.88 18.13
C LYS C 187 -13.35 -2.06 17.21
N HIS C 188 -12.28 -2.64 16.66
CA HIS C 188 -12.40 -3.64 15.61
C HIS C 188 -11.52 -4.83 15.89
N SER C 189 -11.52 -5.25 17.14
CA SER C 189 -10.79 -6.43 17.56
C SER C 189 -11.79 -7.42 18.16
N TYR C 190 -11.62 -8.69 17.82
CA TYR C 190 -12.65 -9.70 18.01
C TYR C 190 -12.01 -11.01 18.33
N VAL C 191 -12.69 -11.86 19.10
CA VAL C 191 -12.46 -13.33 19.10
C VAL C 191 -13.37 -13.98 18.11
N ASN C 192 -14.63 -13.55 18.10
CA ASN C 192 -15.56 -14.01 17.08
C ASN C 192 -15.97 -12.82 16.21
N VAL C 193 -15.68 -12.90 14.92
CA VAL C 193 -15.98 -11.77 14.04
C VAL C 193 -17.50 -11.78 13.83
N PRO C 194 -18.20 -10.68 14.18
CA PRO C 194 -19.67 -10.58 13.98
C PRO C 194 -20.09 -10.46 12.52
N LYS C 195 -21.36 -10.82 12.21
CA LYS C 195 -21.94 -10.76 10.84
C LYS C 195 -21.69 -9.41 10.12
N THR C 196 -21.82 -8.31 10.87
CA THR C 196 -21.63 -7.00 10.30
C THR C 196 -20.18 -6.74 9.86
N GLN C 197 -19.21 -7.50 10.35
CA GLN C 197 -17.81 -7.36 9.91
C GLN C 197 -17.28 -8.45 8.96
N MET C 198 -18.08 -9.47 8.62
CA MET C 198 -17.55 -10.51 7.78
C MET C 198 -17.01 -9.99 6.44
N GLN C 199 -17.59 -8.93 5.89
CA GLN C 199 -17.13 -8.38 4.62
C GLN C 199 -15.71 -7.75 4.74
N ASN C 200 -15.28 -7.40 5.97
CA ASN C 200 -13.91 -6.87 6.22
C ASN C 200 -12.90 -7.91 6.69
N TYR C 201 -13.35 -9.13 6.89
CA TYR C 201 -12.48 -10.17 7.39
C TYR C 201 -11.78 -10.86 6.21
N ALA C 202 -10.45 -10.72 6.16
CA ALA C 202 -9.65 -11.35 5.11
C ALA C 202 -9.72 -12.88 5.15
N PHE C 203 -9.54 -13.51 3.99
CA PHE C 203 -9.07 -14.88 3.93
C PHE C 203 -7.57 -14.92 4.08
N GLY C 204 -7.10 -16.00 4.74
CA GLY C 204 -5.68 -16.39 4.79
C GLY C 204 -5.48 -17.25 3.58
N TYR C 205 -4.26 -17.44 3.16
CA TYR C 205 -3.92 -18.28 1.97
C TYR C 205 -2.84 -19.25 2.37
N ASN C 206 -3.01 -20.48 1.92
CA ASN C 206 -2.09 -21.52 2.27
C ASN C 206 -0.92 -21.56 1.26
N GLN C 207 -0.07 -22.58 1.37
CA GLN C 207 1.06 -22.75 0.44
C GLN C 207 0.65 -22.89 -1.01
N GLU C 208 -0.57 -23.34 -1.28
CA GLU C 208 -1.07 -23.40 -2.66
C GLU C 208 -1.74 -22.09 -3.15
N ASN C 209 -1.68 -21.00 -2.36
CA ASN C 209 -2.49 -19.79 -2.59
C ASN C 209 -4.00 -20.05 -2.70
N GLN C 210 -4.52 -20.86 -1.79
CA GLN C 210 -5.96 -21.17 -1.69
C GLN C 210 -6.49 -20.73 -0.36
N PRO C 211 -7.75 -20.24 -0.30
CA PRO C 211 -8.23 -19.57 0.90
C PRO C 211 -8.59 -20.47 2.10
N ILE C 212 -8.33 -19.94 3.28
CA ILE C 212 -8.31 -20.68 4.51
C ILE C 212 -8.62 -19.70 5.62
N ARG C 213 -9.25 -20.17 6.68
CA ARG C 213 -9.39 -19.45 7.92
C ARG C 213 -9.09 -20.39 9.12
N VAL C 214 -8.89 -19.76 10.27
CA VAL C 214 -8.48 -20.48 11.49
C VAL C 214 -9.56 -21.50 11.84
N ASN C 215 -9.15 -22.72 12.10
CA ASN C 215 -10.07 -23.80 12.50
C ASN C 215 -10.43 -23.77 13.99
N PRO C 216 -11.68 -24.18 14.33
CA PRO C 216 -12.03 -24.35 15.76
C PRO C 216 -11.10 -25.33 16.40
N GLY C 217 -10.66 -25.00 17.61
CA GLY C 217 -9.83 -25.88 18.41
C GLY C 217 -10.10 -25.79 19.90
N PRO C 218 -9.51 -26.72 20.68
CA PRO C 218 -9.61 -26.63 22.16
C PRO C 218 -8.75 -25.51 22.72
N LEU C 219 -9.38 -24.62 23.49
CA LEU C 219 -8.82 -23.37 24.02
C LEU C 219 -8.17 -22.42 22.98
N ASP C 220 -8.64 -22.52 21.72
CA ASP C 220 -8.13 -21.71 20.59
C ASP C 220 -8.06 -20.23 20.95
N ALA C 221 -9.09 -19.70 21.56
CA ALA C 221 -9.19 -18.25 21.75
C ALA C 221 -7.99 -17.66 22.49
N PRO C 222 -7.68 -18.13 23.72
CA PRO C 222 -6.60 -17.46 24.48
C PRO C 222 -5.20 -17.67 23.94
N ALA C 223 -5.01 -18.77 23.20
CA ALA C 223 -3.75 -19.10 22.57
C ALA C 223 -3.47 -18.42 21.19
N TYR C 224 -4.42 -18.44 20.25
CA TYR C 224 -4.17 -17.97 18.86
C TYR C 224 -5.40 -17.44 18.10
N GLY C 225 -6.35 -16.85 18.81
CA GLY C 225 -7.72 -16.65 18.30
C GLY C 225 -8.25 -15.26 18.11
N VAL C 226 -7.39 -14.25 18.29
CA VAL C 226 -7.78 -12.87 18.17
C VAL C 226 -7.61 -12.42 16.69
N LYS C 227 -8.54 -11.60 16.25
CA LYS C 227 -8.52 -10.98 14.92
C LYS C 227 -8.63 -9.47 15.10
N SER C 228 -7.87 -8.71 14.32
CA SER C 228 -7.78 -7.27 14.53
C SER C 228 -7.44 -6.57 13.20
N THR C 229 -7.50 -5.26 13.23
CA THR C 229 -7.14 -4.41 12.07
C THR C 229 -5.80 -3.76 12.34
N LEU C 230 -5.20 -3.14 11.33
CA LEU C 230 -3.94 -2.44 11.51
C LEU C 230 -4.08 -1.22 12.43
N PRO C 231 -5.12 -0.37 12.26
CA PRO C 231 -5.27 0.79 13.18
C PRO C 231 -5.51 0.40 14.64
N ASP C 232 -6.17 -0.72 14.87
CA ASP C 232 -6.27 -1.25 16.23
C ASP C 232 -4.93 -1.73 16.78
N MET C 233 -4.16 -2.42 15.96
CA MET C 233 -2.93 -2.99 16.43
C MET C 233 -1.92 -1.92 16.72
N LEU C 234 -1.93 -0.84 15.94
CA LEU C 234 -1.12 0.35 16.28
C LEU C 234 -1.55 1.03 17.58
N SER C 235 -2.84 1.02 17.90
CA SER C 235 -3.26 1.63 19.15
C SER C 235 -2.80 0.77 20.31
N PHE C 236 -2.79 -0.55 20.13
CA PHE C 236 -2.29 -1.45 21.10
C PHE C 236 -0.76 -1.25 21.30
N ILE C 237 -0.01 -1.00 20.22
CA ILE C 237 1.41 -0.69 20.38
C ILE C 237 1.54 0.65 21.07
N HIS C 238 0.68 1.61 20.76
CA HIS C 238 0.68 2.88 21.52
C HIS C 238 0.44 2.74 23.07
N ALA C 239 -0.54 1.94 23.48
CA ALA C 239 -0.82 1.70 24.90
C ALA C 239 0.36 1.03 25.63
N ASN C 240 0.95 0.01 25.00
CA ASN C 240 2.23 -0.54 25.46
C ASN C 240 3.37 0.50 25.63
N LEU C 241 3.47 1.46 24.71
CA LEU C 241 4.50 2.49 24.77
C LEU C 241 4.16 3.67 25.72
N ASN C 242 2.86 3.91 25.95
CA ASN C 242 2.40 5.07 26.75
C ASN C 242 1.33 4.63 27.79
N PRO C 243 1.68 3.66 28.68
CA PRO C 243 0.67 3.15 29.60
C PRO C 243 0.13 4.28 30.49
N GLN C 244 1.03 5.16 30.91
CA GLN C 244 0.67 6.33 31.73
C GLN C 244 -0.41 7.27 31.15
N LYS C 245 -0.57 7.31 29.83
CA LYS C 245 -1.68 8.06 29.20
C LYS C 245 -3.08 7.41 29.36
N TYR C 246 -3.15 6.19 29.92
CA TYR C 246 -4.42 5.43 30.08
C TYR C 246 -4.86 5.34 31.54
N PRO C 247 -6.11 4.88 31.79
CA PRO C 247 -6.54 4.65 33.17
C PRO C 247 -5.87 3.46 33.90
N THR C 248 -5.94 3.51 35.22
CA THR C 248 -5.16 2.71 36.15
C THR C 248 -5.29 1.21 35.98
N ASP C 249 -6.51 0.72 35.90
CA ASP C 249 -6.77 -0.70 35.83
C ASP C 249 -6.15 -1.32 34.58
N ILE C 250 -6.23 -0.64 33.44
CA ILE C 250 -5.58 -1.17 32.23
C ILE C 250 -4.09 -0.78 32.15
N GLN C 251 -3.77 0.46 32.52
CA GLN C 251 -2.37 0.89 32.58
C GLN C 251 -1.52 -0.08 33.41
N ARG C 252 -1.98 -0.38 34.63
CA ARG C 252 -1.30 -1.36 35.50
C ARG C 252 -1.29 -2.78 34.89
N ALA C 253 -2.36 -3.16 34.19
CA ALA C 253 -2.39 -4.42 33.45
C ALA C 253 -1.30 -4.54 32.37
N ILE C 254 -1.03 -3.44 31.65
CA ILE C 254 0.00 -3.39 30.60
C ILE C 254 1.42 -3.57 31.19
N ASN C 255 1.73 -2.72 32.18
CA ASN C 255 3.01 -2.82 32.94
C ASN C 255 3.25 -4.22 33.51
N GLU C 256 2.20 -4.90 33.95
CA GLU C 256 2.27 -6.32 34.31
C GLU C 256 2.83 -7.23 33.19
N THR C 257 2.46 -6.97 31.93
CA THR C 257 3.02 -7.74 30.80
C THR C 257 4.45 -7.34 30.42
N HIS C 258 5.00 -6.25 30.94
CA HIS C 258 6.40 -5.89 30.62
C HIS C 258 7.49 -6.44 31.61
N GLN C 259 7.09 -6.82 32.82
CA GLN C 259 8.04 -7.38 33.80
C GLN C 259 8.53 -8.75 33.33
N GLY C 260 9.85 -8.87 33.15
CA GLY C 260 10.51 -10.15 32.85
C GLY C 260 10.33 -11.11 34.00
N ARG C 261 10.23 -12.40 33.68
CA ARG C 261 9.89 -13.46 34.63
C ARG C 261 11.01 -14.51 34.81
N TYR C 262 11.79 -14.77 33.76
CA TYR C 262 12.97 -15.60 33.86
C TYR C 262 13.82 -15.34 32.61
N GLN C 263 14.80 -16.19 32.34
CA GLN C 263 15.71 -15.98 31.22
C GLN C 263 15.98 -17.28 30.47
N VAL C 264 16.11 -17.14 29.14
CA VAL C 264 16.57 -18.19 28.22
C VAL C 264 17.53 -17.53 27.23
N ASN C 265 18.84 -17.76 27.46
CA ASN C 265 19.94 -17.15 26.73
C ASN C 265 19.81 -15.64 26.69
N THR C 266 19.78 -15.03 25.51
CA THR C 266 19.67 -13.57 25.36
C THR C 266 18.21 -13.06 25.32
N MET C 267 17.24 -13.96 25.55
CA MET C 267 15.81 -13.63 25.71
C MET C 267 15.29 -13.86 27.18
N TYR C 268 14.54 -12.86 27.67
CA TYR C 268 13.78 -12.90 28.91
C TYR C 268 12.23 -13.03 28.66
N GLN C 269 11.58 -14.00 29.30
CA GLN C 269 10.13 -14.18 29.09
C GLN C 269 9.36 -13.20 29.93
N ALA C 270 8.50 -12.41 29.29
CA ALA C 270 7.53 -11.65 30.04
C ALA C 270 6.18 -12.35 29.91
N LEU C 271 5.14 -11.66 30.36
CA LEU C 271 3.79 -12.18 30.22
C LEU C 271 3.41 -11.94 28.74
N GLY C 272 3.37 -13.00 27.95
CA GLY C 272 3.10 -12.89 26.51
C GLY C 272 4.29 -12.45 25.67
N TRP C 273 4.71 -11.19 25.86
CA TRP C 273 5.88 -10.59 25.21
C TRP C 273 7.20 -11.31 25.51
N GLU C 274 8.06 -11.35 24.51
CA GLU C 274 9.46 -11.73 24.70
C GLU C 274 10.20 -10.43 24.85
N GLU C 275 11.17 -10.41 25.79
CA GLU C 275 11.89 -9.19 26.19
C GLU C 275 13.39 -9.31 25.90
N PHE C 276 14.00 -8.21 25.47
CA PHE C 276 15.44 -8.16 25.19
C PHE C 276 16.08 -6.88 25.72
N SER C 277 17.39 -6.95 26.00
CA SER C 277 18.19 -5.78 26.30
C SER C 277 18.32 -4.99 25.04
N TYR C 278 18.18 -3.68 25.14
CA TYR C 278 18.24 -2.82 23.96
C TYR C 278 19.45 -1.92 24.08
N PRO C 279 20.22 -1.70 23.01
CA PRO C 279 20.03 -2.28 21.68
C PRO C 279 20.10 -3.79 21.68
N ALA C 280 19.32 -4.41 20.79
CA ALA C 280 19.42 -5.85 20.55
C ALA C 280 19.78 -6.04 19.10
N THR C 281 20.63 -7.01 18.83
CA THR C 281 21.14 -7.23 17.49
C THR C 281 20.24 -8.20 16.77
N LEU C 282 20.17 -8.03 15.46
CA LEU C 282 19.37 -8.91 14.60
C LEU C 282 19.44 -10.38 15.03
N GLN C 283 20.65 -10.87 15.26
CA GLN C 283 20.90 -12.26 15.65
C GLN C 283 20.28 -12.71 16.98
N THR C 284 20.22 -11.76 17.93
CA THR C 284 19.50 -11.94 19.18
C THR C 284 18.00 -12.11 18.87
N LEU C 285 17.45 -11.19 18.07
CA LEU C 285 16.02 -11.23 17.65
C LEU C 285 15.68 -12.47 16.81
N LEU C 286 16.59 -12.89 15.92
CA LEU C 286 16.38 -14.10 15.14
C LEU C 286 16.54 -15.34 15.99
N ASP C 287 17.47 -15.28 16.95
CA ASP C 287 17.70 -16.39 17.86
C ASP C 287 16.49 -16.61 18.79
N SER C 288 15.81 -15.53 19.19
CA SER C 288 14.54 -15.63 19.96
C SER C 288 13.53 -16.67 19.45
N ASN C 289 13.41 -16.83 18.12
CA ASN C 289 12.41 -17.73 17.53
C ASN C 289 13.06 -18.78 16.63
N SER C 290 14.05 -19.46 17.19
CA SER C 290 14.78 -20.53 16.51
C SER C 290 14.09 -21.85 16.86
N GLU C 291 14.33 -22.90 16.08
CA GLU C 291 13.71 -24.22 16.35
C GLU C 291 13.86 -24.70 17.83
N GLN C 292 15.05 -24.48 18.39
CA GLN C 292 15.41 -24.94 19.75
C GLN C 292 14.58 -24.25 20.87
N ILE C 293 14.40 -22.94 20.73
CA ILE C 293 13.61 -22.15 21.71
C ILE C 293 12.08 -22.41 21.57
N VAL C 294 11.61 -22.57 20.32
CA VAL C 294 10.17 -22.66 20.00
C VAL C 294 9.65 -24.08 20.22
N MET C 295 10.32 -25.04 19.59
CA MET C 295 9.81 -26.40 19.44
C MET C 295 10.26 -27.34 20.54
N LYS C 296 11.39 -27.03 21.20
CA LYS C 296 11.98 -27.92 22.23
C LYS C 296 11.91 -27.29 23.64
N PRO C 297 12.13 -28.11 24.70
CA PRO C 297 12.17 -27.60 26.09
C PRO C 297 13.56 -27.08 26.53
N ASN C 298 13.57 -26.22 27.54
CA ASN C 298 14.78 -25.49 27.93
C ASN C 298 14.79 -25.08 29.40
N LYS C 299 15.90 -25.43 30.10
CA LYS C 299 16.07 -25.07 31.48
C LYS C 299 16.10 -23.53 31.55
N VAL C 300 15.43 -22.96 32.57
CA VAL C 300 15.37 -21.50 32.78
C VAL C 300 16.21 -21.03 33.99
N THR C 301 16.71 -19.78 33.93
CA THR C 301 17.41 -19.10 35.04
C THR C 301 16.56 -17.95 35.62
N ALA C 302 16.63 -17.70 36.94
CA ALA C 302 16.07 -16.44 37.50
C ALA C 302 16.86 -15.21 36.97
N ILE C 303 16.21 -14.04 36.91
CA ILE C 303 16.86 -12.85 36.34
C ILE C 303 17.84 -12.29 37.37
N SER C 304 19.07 -12.07 36.95
CA SER C 304 20.04 -11.35 37.79
C SER C 304 19.55 -9.90 37.99
N LYS C 305 19.76 -9.06 36.98
CA LYS C 305 19.11 -7.77 36.85
C LYS C 305 18.01 -7.98 35.77
N GLU C 306 16.92 -7.21 35.83
CA GLU C 306 16.15 -6.89 34.61
C GLU C 306 17.01 -5.81 33.92
N PRO C 307 17.22 -5.91 32.58
CA PRO C 307 17.97 -4.86 31.88
C PRO C 307 17.49 -3.46 32.22
N SER C 308 18.42 -2.52 32.29
CA SER C 308 18.11 -1.11 32.54
C SER C 308 17.17 -0.57 31.44
N VAL C 309 17.43 -0.94 30.18
CA VAL C 309 16.65 -0.50 29.01
C VAL C 309 16.26 -1.70 28.12
N LYS C 310 14.99 -1.72 27.67
CA LYS C 310 14.38 -2.89 27.00
C LYS C 310 13.71 -2.63 25.61
N MET C 311 13.48 -3.73 24.90
CA MET C 311 12.57 -3.79 23.76
C MET C 311 11.87 -5.12 23.83
N TYR C 312 10.73 -5.21 23.16
CA TYR C 312 9.92 -6.41 23.19
C TYR C 312 9.40 -6.71 21.79
N HIS C 313 9.09 -7.97 21.54
CA HIS C 313 8.50 -8.38 20.29
C HIS C 313 7.65 -9.66 20.43
N LYS C 314 6.83 -9.94 19.42
CA LYS C 314 6.06 -11.20 19.40
C LYS C 314 5.71 -11.53 17.98
N THR C 315 5.85 -12.81 17.64
CA THR C 315 5.42 -13.34 16.38
C THR C 315 4.10 -14.12 16.55
N GLY C 316 3.35 -14.12 15.45
CA GLY C 316 2.09 -14.84 15.33
C GLY C 316 1.91 -15.51 13.96
N SER C 317 1.45 -16.74 14.01
CA SER C 317 1.03 -17.42 12.83
C SER C 317 -0.21 -18.26 13.03
N THR C 318 -1.14 -18.14 12.09
CA THR C 318 -2.14 -19.16 11.85
C THR C 318 -1.73 -19.80 10.55
N SER C 319 -2.40 -20.86 10.14
CA SER C 319 -2.03 -21.49 8.88
C SER C 319 -2.01 -20.52 7.67
N GLY C 320 -2.86 -19.50 7.71
CA GLY C 320 -3.01 -18.58 6.58
C GLY C 320 -2.56 -17.14 6.80
N PHE C 321 -2.08 -16.82 8.01
CA PHE C 321 -1.74 -15.43 8.38
C PHE C 321 -0.41 -15.34 9.15
N GLY C 322 0.42 -14.36 8.77
CA GLY C 322 1.67 -13.95 9.51
C GLY C 322 1.52 -12.60 10.23
N THR C 323 1.96 -12.54 11.48
CA THR C 323 1.93 -11.31 12.29
C THR C 323 3.31 -11.09 12.97
N TYR C 324 3.70 -9.84 13.07
CA TYR C 324 4.85 -9.42 13.86
C TYR C 324 4.60 -8.09 14.44
N VAL C 325 4.93 -7.98 15.73
CA VAL C 325 4.70 -6.77 16.50
C VAL C 325 6.00 -6.50 17.34
N VAL C 326 6.44 -5.24 17.37
CA VAL C 326 7.69 -4.89 18.06
C VAL C 326 7.59 -3.45 18.56
N PHE C 327 8.12 -3.14 19.75
CA PHE C 327 8.23 -1.71 20.20
C PHE C 327 9.46 -1.46 21.12
N ILE C 328 9.94 -0.23 21.12
CA ILE C 328 11.17 0.09 21.82
C ILE C 328 10.85 1.33 22.60
N PRO C 329 10.55 1.16 23.91
CA PRO C 329 10.11 2.27 24.74
C PRO C 329 11.03 3.47 24.70
N LYS C 330 12.34 3.25 24.89
CA LYS C 330 13.33 4.34 24.75
C LYS C 330 13.08 5.23 23.53
N GLU C 331 12.90 4.59 22.38
CA GLU C 331 12.75 5.31 21.10
C GLU C 331 11.33 5.87 20.80
N ASN C 332 10.35 5.59 21.67
CA ASN C 332 8.91 5.82 21.47
C ASN C 332 8.49 5.35 20.06
N ILE C 333 8.80 4.09 19.74
CA ILE C 333 8.58 3.57 18.41
C ILE C 333 8.18 2.08 18.37
N GLY C 334 7.31 1.73 17.42
CA GLY C 334 6.92 0.33 17.23
C GLY C 334 6.40 0.03 15.85
N LEU C 335 6.23 -1.26 15.55
CA LEU C 335 5.88 -1.67 14.19
C LEU C 335 4.90 -2.80 14.23
N VAL C 336 3.86 -2.68 13.40
CA VAL C 336 2.96 -3.83 13.12
C VAL C 336 3.09 -4.35 11.69
N MET C 337 3.32 -5.66 11.51
CA MET C 337 3.16 -6.31 10.17
C MET C 337 2.05 -7.39 10.21
N LEU C 338 1.15 -7.30 9.22
CA LEU C 338 0.04 -8.26 9.04
C LEU C 338 0.02 -8.73 7.59
N THR C 339 0.08 -10.03 7.40
CA THR C 339 -0.08 -10.64 6.07
C THR C 339 -1.15 -11.72 6.12
N ASN C 340 -1.78 -11.96 4.95
CA ASN C 340 -2.76 -13.00 4.82
C ASN C 340 -2.16 -14.18 4.06
N LYS C 341 -0.83 -14.32 4.15
CA LYS C 341 -0.10 -15.57 3.87
C LYS C 341 1.11 -15.62 4.82
N ARG C 342 1.41 -16.80 5.32
CA ARG C 342 2.57 -16.92 6.23
C ARG C 342 3.82 -16.62 5.40
N ILE C 343 4.74 -15.83 5.96
CA ILE C 343 6.14 -15.81 5.52
C ILE C 343 7.07 -16.15 6.68
N PRO C 344 8.37 -16.44 6.39
CA PRO C 344 9.22 -16.85 7.52
C PRO C 344 9.45 -15.68 8.50
N ASN C 345 9.42 -16.00 9.80
CA ASN C 345 9.69 -15.01 10.86
C ASN C 345 11.00 -14.25 10.62
N GLU C 346 12.04 -15.01 10.23
CA GLU C 346 13.34 -14.43 9.88
C GLU C 346 13.11 -13.18 9.07
N GLU C 347 12.27 -13.28 8.01
CA GLU C 347 12.01 -12.13 7.12
C GLU C 347 11.22 -11.01 7.75
N ARG C 348 10.33 -11.36 8.67
CA ARG C 348 9.47 -10.38 9.32
C ARG C 348 10.35 -9.53 10.25
N ILE C 349 11.12 -10.24 11.07
CA ILE C 349 12.11 -9.59 12.01
C ILE C 349 13.15 -8.72 11.28
N LYS C 350 13.90 -9.32 10.37
CA LYS C 350 14.86 -8.55 9.57
C LYS C 350 14.25 -7.28 8.97
N ALA C 351 13.12 -7.43 8.25
CA ALA C 351 12.46 -6.31 7.60
C ALA C 351 12.03 -5.18 8.56
N ALA C 352 11.52 -5.56 9.73
CA ALA C 352 11.24 -4.57 10.78
C ALA C 352 12.58 -4.04 11.38
N TYR C 353 13.52 -4.92 11.66
CA TYR C 353 14.82 -4.51 12.20
C TYR C 353 15.44 -3.45 11.28
N VAL C 354 15.50 -3.74 9.97
CA VAL C 354 16.06 -2.78 9.00
C VAL C 354 15.31 -1.46 9.00
N VAL C 355 13.98 -1.49 8.96
CA VAL C 355 13.18 -0.24 8.90
C VAL C 355 13.29 0.63 10.17
N LEU C 356 13.25 -0.04 11.33
CA LEU C 356 13.26 0.71 12.61
C LEU C 356 14.65 1.37 12.78
N ASN C 357 15.74 0.58 12.76
CA ASN C 357 17.16 1.08 12.64
C ASN C 357 17.52 2.00 11.45
N ALA C 358 16.54 2.42 10.63
CA ALA C 358 16.74 3.38 9.54
C ALA C 358 15.91 4.66 9.63
N ILE C 359 14.82 4.66 10.41
CA ILE C 359 14.00 5.85 10.61
C ILE C 359 14.73 6.85 11.54
N LYS C 360 14.53 8.15 11.28
CA LYS C 360 15.21 9.24 12.02
C LYS C 360 14.51 9.59 13.33
N PRO D 5 -15.99 51.92 6.19
CA PRO D 5 -16.20 51.58 7.60
C PRO D 5 -15.68 50.18 7.98
N LYS D 6 -15.99 49.76 9.22
CA LYS D 6 -15.68 48.40 9.71
C LYS D 6 -16.45 47.29 8.98
N ASP D 7 -17.61 47.60 8.36
CA ASP D 7 -18.42 46.57 7.65
C ASP D 7 -17.73 46.07 6.37
N GLN D 8 -17.22 46.97 5.55
CA GLN D 8 -16.47 46.57 4.35
C GLN D 8 -15.18 45.85 4.75
N GLU D 9 -14.63 46.20 5.92
CA GLU D 9 -13.36 45.64 6.40
C GLU D 9 -13.49 44.16 6.81
N ILE D 10 -14.33 43.90 7.82
CA ILE D 10 -14.69 42.54 8.28
C ILE D 10 -15.07 41.64 7.10
N LYS D 11 -16.13 42.02 6.39
CA LYS D 11 -16.53 41.43 5.08
C LYS D 11 -15.34 41.01 4.18
N LYS D 12 -14.40 41.94 3.99
CA LYS D 12 -13.18 41.71 3.19
C LYS D 12 -12.28 40.59 3.79
N LEU D 13 -12.17 40.58 5.12
CA LEU D 13 -11.42 39.50 5.83
C LEU D 13 -12.15 38.12 5.82
N VAL D 14 -13.45 38.14 6.08
CA VAL D 14 -14.28 36.93 6.02
C VAL D 14 -14.17 36.31 4.63
N ASP D 15 -14.27 37.14 3.61
CA ASP D 15 -14.05 36.70 2.23
C ASP D 15 -12.71 36.02 1.99
N GLN D 16 -11.64 36.58 2.57
CA GLN D 16 -10.29 36.06 2.36
C GLN D 16 -10.13 34.65 2.95
N ASN D 17 -10.52 34.52 4.22
CA ASN D 17 -10.33 33.29 5.01
C ASN D 17 -11.48 32.23 4.96
N PHE D 18 -12.75 32.67 4.96
CA PHE D 18 -13.87 31.69 4.94
C PHE D 18 -14.31 31.28 3.51
N LYS D 19 -14.63 32.24 2.64
CA LYS D 19 -15.15 31.94 1.28
C LYS D 19 -14.53 30.80 0.50
N PRO D 20 -13.20 30.69 0.49
CA PRO D 20 -12.65 29.63 -0.35
C PRO D 20 -12.94 28.21 0.14
N LEU D 21 -13.40 28.08 1.40
CA LEU D 21 -13.67 26.78 2.00
C LEU D 21 -14.90 26.10 1.38
N LEU D 22 -15.84 26.89 0.84
CA LEU D 22 -17.00 26.35 0.10
C LEU D 22 -16.62 25.57 -1.18
N GLU D 23 -15.76 26.15 -2.02
CA GLU D 23 -15.31 25.44 -3.24
C GLU D 23 -14.40 24.31 -2.86
N LYS D 24 -13.55 24.53 -1.86
CA LYS D 24 -12.62 23.51 -1.40
C LYS D 24 -13.35 22.21 -0.98
N TYR D 25 -14.43 22.36 -0.20
CA TYR D 25 -15.15 21.21 0.37
C TYR D 25 -16.52 20.94 -0.25
N ASP D 26 -16.91 21.79 -1.21
CA ASP D 26 -18.16 21.62 -1.96
C ASP D 26 -19.35 21.78 -1.00
N VAL D 27 -19.31 22.88 -0.27
CA VAL D 27 -20.32 23.20 0.74
C VAL D 27 -21.35 24.12 0.09
N PRO D 28 -22.63 23.74 0.10
CA PRO D 28 -23.58 24.61 -0.60
C PRO D 28 -23.75 26.00 -0.08
N GLY D 29 -23.89 26.14 1.22
CA GLY D 29 -24.11 27.42 1.88
C GLY D 29 -23.34 27.59 3.19
N MET D 30 -23.18 28.86 3.59
CA MET D 30 -22.40 29.22 4.80
C MET D 30 -22.82 30.59 5.30
N ALA D 31 -22.90 30.74 6.61
CA ALA D 31 -23.14 32.06 7.29
C ALA D 31 -21.97 32.35 8.26
N VAL D 32 -21.37 33.53 8.15
CA VAL D 32 -20.25 33.92 9.03
C VAL D 32 -20.57 35.27 9.63
N GLY D 33 -20.61 35.34 10.97
CA GLY D 33 -20.96 36.58 11.71
C GLY D 33 -19.91 36.99 12.72
N VAL D 34 -19.82 38.30 12.98
CA VAL D 34 -18.80 38.89 13.86
C VAL D 34 -19.42 39.92 14.77
N ILE D 35 -19.07 39.88 16.05
CA ILE D 35 -19.48 40.90 16.99
C ILE D 35 -18.22 41.50 17.58
N GLN D 36 -18.28 42.82 17.79
CA GLN D 36 -17.18 43.63 18.32
C GLN D 36 -17.71 44.96 18.91
N ASN D 37 -17.35 45.24 20.15
CA ASN D 37 -17.80 46.45 20.87
C ASN D 37 -19.32 46.67 20.76
N ASN D 38 -20.10 45.58 20.77
CA ASN D 38 -21.57 45.59 20.53
C ASN D 38 -22.07 45.89 19.06
N LYS D 39 -21.18 45.97 18.06
CA LYS D 39 -21.56 46.08 16.63
C LYS D 39 -21.59 44.70 15.96
N LYS D 40 -22.64 44.38 15.17
CA LYS D 40 -22.82 43.03 14.57
C LYS D 40 -22.66 43.07 13.06
N TYR D 41 -21.86 42.16 12.52
CA TYR D 41 -21.57 42.07 11.09
C TYR D 41 -21.99 40.65 10.63
N GLU D 42 -22.72 40.56 9.51
CA GLU D 42 -23.28 39.27 9.04
C GLU D 42 -22.94 39.05 7.56
N MET D 43 -22.34 37.91 7.20
CA MET D 43 -21.95 37.57 5.83
C MET D 43 -22.45 36.20 5.37
N TYR D 44 -23.03 36.14 4.16
CA TYR D 44 -23.86 35.01 3.70
C TYR D 44 -23.41 34.57 2.33
N TYR D 45 -23.19 33.26 2.17
CA TYR D 45 -22.70 32.67 0.91
C TYR D 45 -23.50 31.45 0.48
N GLY D 46 -23.71 31.32 -0.82
CA GLY D 46 -24.30 30.14 -1.43
C GLY D 46 -25.75 29.87 -1.02
N LEU D 47 -26.07 28.58 -0.96
CA LEU D 47 -27.45 28.05 -0.83
C LEU D 47 -27.76 27.29 0.46
N GLN D 48 -28.87 27.71 1.08
CA GLN D 48 -29.65 27.04 2.12
C GLN D 48 -30.21 25.68 1.67
N SER D 49 -30.68 25.65 0.44
CA SER D 49 -31.34 24.48 -0.13
C SER D 49 -31.04 24.47 -1.57
N VAL D 50 -30.38 23.43 -2.03
CA VAL D 50 -30.04 23.30 -3.44
C VAL D 50 -31.32 23.10 -4.24
N GLN D 51 -32.12 22.12 -3.81
CA GLN D 51 -33.36 21.71 -4.45
C GLN D 51 -34.28 22.90 -4.63
N ASP D 52 -34.44 23.71 -3.59
CA ASP D 52 -35.39 24.82 -3.66
C ASP D 52 -34.75 26.16 -4.11
N LYS D 53 -33.49 26.16 -4.54
CA LYS D 53 -32.83 27.38 -5.04
C LYS D 53 -32.96 28.55 -4.06
N LYS D 54 -32.68 28.28 -2.78
CA LYS D 54 -32.82 29.28 -1.72
C LYS D 54 -31.46 29.66 -1.23
N ALA D 55 -31.17 30.98 -1.27
CA ALA D 55 -29.91 31.51 -0.79
C ALA D 55 -29.92 31.63 0.72
N VAL D 56 -28.75 31.41 1.31
CA VAL D 56 -28.49 31.65 2.74
C VAL D 56 -28.70 33.15 3.04
N ASN D 57 -29.24 33.46 4.22
CA ASN D 57 -29.67 34.80 4.59
C ASN D 57 -29.94 34.83 6.09
N SER D 58 -30.31 36.00 6.59
CA SER D 58 -30.55 36.21 8.03
C SER D 58 -31.55 35.30 8.69
N ASN D 59 -32.50 34.80 7.90
CA ASN D 59 -33.49 33.85 8.39
C ASN D 59 -33.04 32.40 8.31
N THR D 60 -31.92 32.09 7.67
CA THR D 60 -31.58 30.65 7.50
C THR D 60 -31.34 30.01 8.87
N ILE D 61 -32.00 28.88 9.13
CA ILE D 61 -31.83 28.07 10.35
C ILE D 61 -30.85 26.89 10.10
N PHE D 62 -29.77 26.86 10.89
CA PHE D 62 -28.73 25.79 10.81
C PHE D 62 -28.81 24.91 12.03
N GLU D 63 -28.52 23.61 11.84
CA GLU D 63 -28.31 22.67 12.92
C GLU D 63 -26.94 22.96 13.57
N LEU D 64 -26.94 23.22 14.88
CA LEU D 64 -25.76 23.61 15.66
C LEU D 64 -24.93 22.44 16.13
N GLY D 65 -25.47 21.23 16.07
CA GLY D 65 -24.80 20.12 16.70
C GLY D 65 -24.42 20.34 18.15
N SER D 66 -23.19 19.96 18.50
CA SER D 66 -22.70 20.03 19.88
C SER D 66 -22.64 21.45 20.45
N VAL D 67 -22.78 22.49 19.63
CA VAL D 67 -22.90 23.84 20.20
C VAL D 67 -24.25 23.97 20.93
N SER D 68 -25.18 23.06 20.67
CA SER D 68 -26.34 22.86 21.58
C SER D 68 -25.95 22.68 23.08
N LYS D 69 -24.81 22.02 23.32
CA LYS D 69 -24.29 21.77 24.69
C LYS D 69 -24.15 23.05 25.53
N LEU D 70 -23.92 24.18 24.88
CA LEU D 70 -23.81 25.47 25.56
C LEU D 70 -25.16 25.97 26.14
N PHE D 71 -26.27 25.69 25.43
CA PHE D 71 -27.57 26.00 25.97
C PHE D 71 -27.94 25.03 27.07
N THR D 72 -27.57 23.75 26.95
CA THR D 72 -27.82 22.84 28.07
C THR D 72 -27.06 23.30 29.35
N ALA D 73 -25.86 23.84 29.15
CA ALA D 73 -25.01 24.35 30.21
C ALA D 73 -25.67 25.53 30.85
N THR D 74 -26.18 26.41 30.01
CA THR D 74 -26.79 27.66 30.43
C THR D 74 -28.08 27.38 31.20
N ALA D 75 -28.88 26.40 30.74
CA ALA D 75 -30.07 25.95 31.49
C ALA D 75 -29.75 25.32 32.87
N GLY D 76 -28.66 24.56 32.99
CA GLY D 76 -28.20 24.06 34.28
C GLY D 76 -27.74 25.19 35.21
N GLY D 77 -27.01 26.16 34.66
CA GLY D 77 -26.63 27.37 35.38
C GLY D 77 -27.80 28.18 35.93
N TYR D 78 -28.86 28.26 35.14
CA TYR D 78 -30.10 28.89 35.55
C TYR D 78 -30.73 28.16 36.76
N ALA D 79 -30.99 26.84 36.64
CA ALA D 79 -31.61 26.04 37.73
C ALA D 79 -30.79 26.02 39.05
N LYS D 80 -29.48 25.77 38.90
CA LYS D 80 -28.47 25.94 39.96
C LYS D 80 -28.64 27.29 40.67
N ASN D 81 -28.66 28.40 39.93
CA ASN D 81 -28.79 29.74 40.54
C ASN D 81 -30.20 30.12 41.05
N LYS D 82 -31.21 29.36 40.68
CA LYS D 82 -32.55 29.54 41.20
C LYS D 82 -32.81 28.57 42.37
N GLY D 83 -31.97 27.55 42.53
CA GLY D 83 -32.05 26.62 43.68
C GLY D 83 -32.71 25.27 43.39
N LYS D 84 -32.95 24.96 42.12
CA LYS D 84 -33.79 23.80 41.73
C LYS D 84 -32.91 22.54 41.74
N ILE D 85 -31.62 22.78 41.53
CA ILE D 85 -30.54 21.79 41.68
C ILE D 85 -29.38 22.44 42.41
N SER D 86 -28.59 21.60 43.09
CA SER D 86 -27.19 21.90 43.37
C SER D 86 -26.37 20.99 42.45
N PHE D 87 -25.17 21.45 42.09
CA PHE D 87 -24.22 20.62 41.37
C PHE D 87 -23.79 19.37 42.15
N ASP D 88 -23.86 19.42 43.47
CA ASP D 88 -23.50 18.28 44.30
C ASP D 88 -24.61 17.21 44.38
N ASP D 89 -25.78 17.45 43.76
CA ASP D 89 -26.88 16.43 43.74
C ASP D 89 -26.53 15.32 42.80
N THR D 90 -27.23 14.20 42.96
CA THR D 90 -27.14 13.07 42.03
C THR D 90 -28.46 12.94 41.19
N PRO D 91 -28.44 12.15 40.08
CA PRO D 91 -29.62 12.08 39.21
C PRO D 91 -30.88 11.51 39.87
N GLY D 92 -30.69 10.53 40.76
CA GLY D 92 -31.77 9.91 41.52
C GLY D 92 -32.58 10.86 42.38
N LYS D 93 -32.04 12.04 42.67
CA LYS D 93 -32.80 13.06 43.39
C LYS D 93 -34.05 13.55 42.63
N TYR D 94 -33.94 13.60 41.30
CA TYR D 94 -34.96 14.24 40.47
C TYR D 94 -35.67 13.30 39.58
N TRP D 95 -34.95 12.33 39.04
CA TRP D 95 -35.56 11.24 38.33
C TRP D 95 -35.56 10.07 39.33
N LYS D 96 -36.73 9.82 39.93
CA LYS D 96 -36.81 8.97 41.14
C LYS D 96 -36.51 7.51 40.80
N GLU D 97 -36.79 7.12 39.56
CA GLU D 97 -36.50 5.75 39.11
C GLU D 97 -35.00 5.45 39.01
N LEU D 98 -34.16 6.48 39.18
CA LEU D 98 -32.71 6.29 39.34
C LEU D 98 -32.24 6.38 40.80
N LYS D 99 -33.12 6.63 41.77
CA LYS D 99 -32.72 6.74 43.19
C LYS D 99 -32.15 5.43 43.73
N ASN D 100 -30.97 5.54 44.35
CA ASN D 100 -30.16 4.42 44.83
C ASN D 100 -29.68 3.44 43.76
N THR D 101 -29.49 3.91 42.53
CA THR D 101 -28.81 3.10 41.51
C THR D 101 -27.33 3.49 41.51
N PRO D 102 -26.49 2.63 40.94
CA PRO D 102 -25.08 2.98 40.95
C PRO D 102 -24.81 4.36 40.36
N ILE D 103 -25.45 4.68 39.22
CA ILE D 103 -25.34 6.01 38.60
C ILE D 103 -25.83 7.15 39.51
N ASP D 104 -26.74 6.84 40.43
CA ASP D 104 -27.11 7.78 41.49
C ASP D 104 -25.91 8.20 42.37
N GLN D 105 -24.78 7.47 42.31
CA GLN D 105 -23.53 7.89 42.98
C GLN D 105 -22.76 9.03 42.26
N VAL D 106 -22.92 9.16 40.95
CA VAL D 106 -22.28 10.27 40.18
C VAL D 106 -23.09 11.55 40.39
N ASN D 107 -22.41 12.70 40.46
CA ASN D 107 -23.12 13.98 40.68
C ASN D 107 -23.43 14.75 39.38
N LEU D 108 -24.12 15.89 39.50
CA LEU D 108 -24.61 16.65 38.31
C LEU D 108 -23.49 17.34 37.55
N LEU D 109 -22.61 18.04 38.27
CA LEU D 109 -21.42 18.63 37.64
C LEU D 109 -20.53 17.59 36.94
N GLN D 110 -20.54 16.36 37.42
CA GLN D 110 -19.74 15.29 36.81
C GLN D 110 -20.35 14.76 35.51
N LEU D 111 -21.69 14.71 35.51
CA LEU D 111 -22.45 14.42 34.29
C LEU D 111 -22.21 15.52 33.25
N ALA D 112 -22.36 16.77 33.69
CA ALA D 112 -22.22 17.94 32.85
C ALA D 112 -20.84 18.13 32.19
N THR D 113 -19.77 17.74 32.90
CA THR D 113 -18.39 17.93 32.46
C THR D 113 -17.72 16.61 32.04
N TYR D 114 -18.52 15.58 31.79
CA TYR D 114 -18.07 14.31 31.17
C TYR D 114 -17.11 13.41 32.02
N THR D 115 -17.15 13.50 33.37
CA THR D 115 -16.25 12.70 34.25
C THR D 115 -16.85 11.47 34.96
N SER D 116 -18.00 11.00 34.53
CA SER D 116 -18.64 9.84 35.19
C SER D 116 -17.78 8.55 35.23
N GLY D 117 -16.78 8.46 34.34
CA GLY D 117 -15.91 7.32 34.26
C GLY D 117 -16.36 6.13 33.45
N ASN D 118 -17.63 6.07 32.99
CA ASN D 118 -18.08 5.00 32.05
C ASN D 118 -19.25 5.39 31.12
N LEU D 119 -19.19 6.58 30.51
CA LEU D 119 -20.12 6.98 29.43
C LEU D 119 -19.33 7.44 28.19
N ALA D 120 -19.63 6.78 27.07
CA ALA D 120 -18.96 7.03 25.80
C ALA D 120 -19.59 8.23 25.03
N LEU D 121 -19.09 8.47 23.81
CA LEU D 121 -19.60 9.57 22.97
C LEU D 121 -21.11 9.37 22.72
N GLN D 122 -21.51 8.19 22.26
CA GLN D 122 -22.95 7.85 22.07
C GLN D 122 -23.41 6.81 23.08
N PHE D 123 -24.74 6.75 23.21
CA PHE D 123 -25.48 5.60 23.75
C PHE D 123 -25.23 4.39 22.85
N PRO D 124 -25.48 3.17 23.35
CA PRO D 124 -25.46 2.05 22.41
C PRO D 124 -26.58 2.15 21.34
N ASP D 125 -26.27 1.67 20.12
CA ASP D 125 -27.22 1.54 19.00
C ASP D 125 -28.64 1.08 19.42
N GLU D 126 -28.71 0.05 20.28
CA GLU D 126 -30.00 -0.52 20.73
C GLU D 126 -30.81 0.41 21.62
N VAL D 127 -30.18 1.38 22.28
CA VAL D 127 -30.92 2.36 23.09
C VAL D 127 -31.51 3.45 22.20
N GLN D 128 -32.84 3.55 22.18
CA GLN D 128 -33.59 4.55 21.37
C GLN D 128 -34.73 5.20 22.17
N THR D 129 -35.72 4.41 22.59
CA THR D 129 -36.91 4.94 23.32
C THR D 129 -36.50 5.46 24.68
N ASP D 130 -37.42 6.13 25.37
CA ASP D 130 -37.14 6.64 26.72
C ASP D 130 -37.11 5.50 27.79
N GLN D 131 -37.81 4.39 27.47
CA GLN D 131 -37.76 3.12 28.24
C GLN D 131 -36.36 2.56 28.15
N GLN D 132 -35.87 2.44 26.94
CA GLN D 132 -34.52 1.95 26.75
C GLN D 132 -33.43 2.84 27.36
N VAL D 133 -33.68 4.16 27.36
CA VAL D 133 -32.84 5.15 28.05
C VAL D 133 -32.81 4.89 29.55
N LEU D 134 -33.97 4.63 30.12
CA LEU D 134 -34.06 4.31 31.56
C LEU D 134 -33.36 3.00 31.89
N THR D 135 -33.69 1.95 31.16
CA THR D 135 -33.04 0.66 31.30
C THR D 135 -31.50 0.74 31.16
N PHE D 136 -31.03 1.54 30.22
CA PHE D 136 -29.59 1.78 30.12
C PHE D 136 -28.99 2.42 31.39
N PHE D 137 -29.62 3.45 31.94
CA PHE D 137 -29.09 4.09 33.17
C PHE D 137 -29.32 3.31 34.49
N LYS D 138 -30.41 2.55 34.56
CA LYS D 138 -30.63 1.66 35.69
C LYS D 138 -29.53 0.58 35.75
N ASP D 139 -29.17 0.01 34.60
CA ASP D 139 -28.12 -1.02 34.45
C ASP D 139 -26.64 -0.54 34.55
N TRP D 140 -26.42 0.77 34.57
CA TRP D 140 -25.08 1.36 34.49
C TRP D 140 -24.32 1.10 35.79
N LYS D 141 -23.05 0.71 35.66
CA LYS D 141 -22.13 0.53 36.79
C LYS D 141 -20.82 1.25 36.46
N PRO D 142 -20.10 1.78 37.50
CA PRO D 142 -18.84 2.54 37.26
C PRO D 142 -17.73 1.74 36.59
N LYS D 143 -16.77 2.45 35.99
CA LYS D 143 -15.56 1.79 35.47
C LYS D 143 -14.36 2.50 36.08
N ASN D 144 -14.14 3.74 35.66
CA ASN D 144 -13.00 4.51 36.14
C ASN D 144 -13.38 5.38 37.34
N PRO D 145 -12.38 5.71 38.20
CA PRO D 145 -12.57 6.61 39.34
C PRO D 145 -13.42 7.78 38.93
N ILE D 146 -14.63 7.81 39.47
CA ILE D 146 -15.58 8.88 39.19
C ILE D 146 -14.93 10.23 39.46
N GLY D 147 -15.04 11.16 38.50
CA GLY D 147 -14.50 12.51 38.67
C GLY D 147 -13.13 12.74 38.04
N GLU D 148 -12.41 11.67 37.73
CA GLU D 148 -10.98 11.75 37.33
C GLU D 148 -10.72 11.75 35.84
N TYR D 149 -11.65 11.18 35.08
CA TYR D 149 -11.44 10.93 33.66
C TYR D 149 -12.51 11.58 32.78
N ARG D 150 -12.09 12.52 31.94
CA ARG D 150 -12.96 13.15 30.95
C ARG D 150 -13.07 12.28 29.71
N GLN D 151 -14.30 11.83 29.44
CA GLN D 151 -14.63 11.30 28.14
C GLN D 151 -15.81 12.09 27.52
N TYR D 152 -15.56 12.78 26.40
CA TYR D 152 -16.58 13.62 25.77
C TYR D 152 -17.77 12.74 25.47
N SER D 153 -18.94 13.09 26.03
CA SER D 153 -20.09 12.17 25.98
C SER D 153 -21.45 12.82 25.86
N ASN D 154 -22.19 12.51 24.78
CA ASN D 154 -23.58 12.98 24.64
C ASN D 154 -24.54 12.50 25.77
N PRO D 155 -24.66 11.16 26.01
CA PRO D 155 -25.46 10.66 27.15
C PRO D 155 -25.12 11.27 28.49
N SER D 156 -23.86 11.60 28.72
CA SER D 156 -23.51 12.20 29.98
C SER D 156 -24.16 13.58 30.12
N ILE D 157 -23.97 14.47 29.17
CA ILE D 157 -24.58 15.83 29.29
C ILE D 157 -26.09 15.82 28.96
N GLY D 158 -26.50 14.82 28.18
CA GLY D 158 -27.89 14.50 27.93
C GLY D 158 -28.65 14.23 29.22
N LEU D 159 -28.12 13.30 30.04
CA LEU D 159 -28.71 12.94 31.36
C LEU D 159 -28.76 14.13 32.27
N PHE D 160 -27.75 14.98 32.22
CA PHE D 160 -27.74 16.23 32.98
C PHE D 160 -28.85 17.14 32.56
N GLY D 161 -28.96 17.29 31.24
CA GLY D 161 -30.06 18.02 30.61
C GLY D 161 -31.44 17.61 31.09
N LYS D 162 -31.75 16.31 31.02
CA LYS D 162 -33.04 15.75 31.49
C LYS D 162 -33.31 16.01 32.96
N VAL D 163 -32.25 15.83 33.77
CA VAL D 163 -32.30 16.08 35.22
C VAL D 163 -32.63 17.55 35.47
N VAL D 164 -32.01 18.47 34.72
CA VAL D 164 -32.32 19.90 34.85
C VAL D 164 -33.79 20.21 34.48
N ALA D 165 -34.28 19.51 33.46
CA ALA D 165 -35.68 19.63 33.05
C ALA D 165 -36.57 19.21 34.21
N LEU D 166 -36.42 17.97 34.66
CA LEU D 166 -37.22 17.44 35.76
C LEU D 166 -37.22 18.45 36.90
N SER D 167 -36.05 19.05 37.14
CA SER D 167 -35.87 20.12 38.14
C SER D 167 -36.73 21.37 37.99
N MET D 168 -37.04 21.80 36.78
CA MET D 168 -37.86 23.01 36.58
C MET D 168 -39.29 22.72 36.05
N ASN D 169 -39.73 21.46 36.17
CA ASN D 169 -41.03 20.95 35.65
C ASN D 169 -41.17 20.75 34.14
N LYS D 170 -40.67 21.71 33.39
CA LYS D 170 -40.86 21.78 31.94
C LYS D 170 -40.08 20.63 31.33
N PRO D 171 -40.65 19.92 30.31
CA PRO D 171 -39.74 19.05 29.55
C PRO D 171 -38.61 19.87 28.93
N PHE D 172 -37.52 19.23 28.54
CA PHE D 172 -36.33 19.98 28.11
C PHE D 172 -36.57 21.00 26.97
N ASP D 173 -37.26 20.57 25.93
CA ASP D 173 -37.67 21.48 24.78
C ASP D 173 -38.30 22.78 25.24
N GLN D 174 -39.27 22.61 26.16
CA GLN D 174 -39.89 23.72 26.87
C GLN D 174 -38.92 24.48 27.78
N VAL D 175 -38.04 23.79 28.52
CA VAL D 175 -37.00 24.57 29.26
C VAL D 175 -36.29 25.59 28.32
N LEU D 176 -35.82 25.17 27.15
CA LEU D 176 -35.13 26.12 26.24
C LEU D 176 -36.10 27.08 25.51
N GLU D 177 -37.15 26.53 24.89
CA GLU D 177 -38.04 27.37 24.05
C GLU D 177 -38.93 28.35 24.83
N LYS D 178 -39.32 28.01 26.07
CA LYS D 178 -40.16 28.92 26.88
C LYS D 178 -39.45 29.77 27.91
N THR D 179 -38.22 29.42 28.29
CA THR D 179 -37.48 30.14 29.37
C THR D 179 -36.07 30.61 28.96
N ILE D 180 -35.21 29.69 28.50
CA ILE D 180 -33.78 30.04 28.25
C ILE D 180 -33.63 30.90 27.00
N PHE D 181 -34.29 30.51 25.90
CA PHE D 181 -34.22 31.33 24.66
C PHE D 181 -34.87 32.72 24.87
N PRO D 182 -36.13 32.78 25.39
CA PRO D 182 -36.76 34.08 25.74
C PRO D 182 -35.88 34.97 26.65
N ALA D 183 -35.34 34.40 27.73
CA ALA D 183 -34.42 35.13 28.62
C ALA D 183 -33.20 35.68 27.86
N LEU D 184 -32.61 34.81 27.05
CA LEU D 184 -31.45 35.18 26.24
C LEU D 184 -31.79 36.18 25.16
N GLY D 185 -33.08 36.36 24.87
CA GLY D 185 -33.57 37.29 23.86
C GLY D 185 -33.71 36.69 22.46
N LEU D 186 -33.65 35.35 22.35
CA LEU D 186 -33.56 34.67 21.04
C LEU D 186 -34.95 34.38 20.47
N LYS D 187 -35.22 34.93 19.28
CA LYS D 187 -36.53 34.86 18.61
C LYS D 187 -36.65 33.67 17.63
N HIS D 188 -35.51 33.20 17.10
CA HIS D 188 -35.47 32.20 16.05
C HIS D 188 -34.53 31.01 16.34
N SER D 189 -34.67 30.45 17.55
CA SER D 189 -33.89 29.30 17.97
C SER D 189 -34.81 28.20 18.52
N TYR D 190 -34.51 26.97 18.18
CA TYR D 190 -35.47 25.89 18.41
C TYR D 190 -34.85 24.58 18.80
N VAL D 191 -35.55 23.81 19.61
CA VAL D 191 -35.32 22.37 19.64
C VAL D 191 -36.19 21.73 18.59
N ASN D 192 -37.46 22.13 18.51
CA ASN D 192 -38.30 21.69 17.37
C ASN D 192 -38.73 22.87 16.50
N VAL D 193 -38.21 22.91 15.27
CA VAL D 193 -38.52 23.97 14.29
C VAL D 193 -40.05 23.98 13.96
N PRO D 194 -40.76 25.12 14.15
CA PRO D 194 -42.25 25.10 13.92
C PRO D 194 -42.67 25.11 12.44
N LYS D 195 -43.87 24.59 12.13
CA LYS D 195 -44.43 24.57 10.75
C LYS D 195 -44.16 25.90 10.02
N THR D 196 -44.40 27.03 10.70
CA THR D 196 -44.14 28.35 10.13
C THR D 196 -42.74 28.65 9.63
N GLN D 197 -41.74 27.87 10.05
CA GLN D 197 -40.33 28.16 9.76
C GLN D 197 -39.65 27.09 8.96
N MET D 198 -40.35 26.00 8.62
CA MET D 198 -39.74 24.97 7.80
C MET D 198 -39.08 25.54 6.51
N GLN D 199 -39.67 26.56 5.91
CA GLN D 199 -39.08 27.29 4.77
C GLN D 199 -37.75 28.02 4.99
N ASN D 200 -37.41 28.31 6.24
CA ASN D 200 -36.07 28.86 6.58
C ASN D 200 -35.06 27.80 7.09
N TYR D 201 -35.55 26.61 7.38
CA TYR D 201 -34.70 25.48 7.81
C TYR D 201 -33.88 24.98 6.62
N ALA D 202 -32.55 25.15 6.69
CA ALA D 202 -31.64 24.66 5.63
C ALA D 202 -31.65 23.16 5.62
N PHE D 203 -31.33 22.56 4.47
CA PHE D 203 -30.94 21.15 4.46
C PHE D 203 -29.44 21.16 4.70
N GLY D 204 -28.95 20.10 5.31
CA GLY D 204 -27.53 19.77 5.32
C GLY D 204 -27.28 18.83 4.20
N TYR D 205 -26.00 18.61 3.92
CA TYR D 205 -25.60 17.83 2.71
C TYR D 205 -24.55 16.88 3.18
N ASN D 206 -24.64 15.64 2.71
CA ASN D 206 -23.69 14.62 3.05
C ASN D 206 -22.51 14.66 2.14
N GLN D 207 -21.63 13.66 2.27
CA GLN D 207 -20.44 13.56 1.46
C GLN D 207 -20.68 13.50 -0.05
N GLU D 208 -21.86 13.05 -0.49
CA GLU D 208 -22.22 12.90 -1.92
C GLU D 208 -23.20 13.99 -2.37
N ASN D 209 -23.31 15.04 -1.54
CA ASN D 209 -24.21 16.16 -1.76
C ASN D 209 -25.68 15.81 -1.89
N GLN D 210 -26.11 14.85 -1.07
CA GLN D 210 -27.53 14.53 -0.90
C GLN D 210 -28.06 15.21 0.34
N PRO D 211 -29.32 15.65 0.30
CA PRO D 211 -29.89 16.30 1.47
C PRO D 211 -30.20 15.42 2.69
N ILE D 212 -29.89 15.92 3.88
CA ILE D 212 -30.13 15.27 5.15
C ILE D 212 -30.48 16.32 6.24
N ARG D 213 -31.18 15.88 7.28
CA ARG D 213 -31.43 16.66 8.48
C ARG D 213 -31.13 15.75 9.67
N VAL D 214 -31.16 16.33 10.86
CA VAL D 214 -30.75 15.57 12.07
C VAL D 214 -31.77 14.46 12.33
N ASN D 215 -31.31 13.23 12.57
CA ASN D 215 -32.18 12.10 12.93
C ASN D 215 -32.54 12.20 14.39
N PRO D 216 -33.76 11.73 14.77
CA PRO D 216 -34.06 11.71 16.21
C PRO D 216 -33.20 10.67 16.94
N GLY D 217 -32.88 10.94 18.20
CA GLY D 217 -32.04 10.02 19.01
C GLY D 217 -32.26 10.13 20.51
N PRO D 218 -31.76 9.12 21.29
CA PRO D 218 -31.91 9.17 22.73
C PRO D 218 -31.25 10.41 23.28
N LEU D 219 -32.05 11.19 24.01
CA LEU D 219 -31.68 12.46 24.61
C LEU D 219 -30.89 13.37 23.69
N ASP D 220 -31.34 13.46 22.42
CA ASP D 220 -30.71 14.32 21.41
C ASP D 220 -30.72 15.82 21.71
N ALA D 221 -31.86 16.36 22.12
CA ALA D 221 -32.01 17.82 22.29
C ALA D 221 -30.91 18.52 23.15
N PRO D 222 -30.64 18.00 24.36
CA PRO D 222 -29.53 18.52 25.19
C PRO D 222 -28.10 18.25 24.64
N ALA D 223 -27.89 17.13 23.95
CA ALA D 223 -26.56 16.80 23.43
C ALA D 223 -26.25 17.51 22.12
N TYR D 224 -27.23 17.63 21.20
CA TYR D 224 -26.92 18.18 19.87
C TYR D 224 -28.13 18.70 19.02
N GLY D 225 -29.28 18.93 19.65
CA GLY D 225 -30.53 19.11 18.87
C GLY D 225 -31.08 20.50 18.79
N VAL D 226 -30.25 21.53 18.99
CA VAL D 226 -30.67 22.93 18.90
C VAL D 226 -30.38 23.41 17.49
N LYS D 227 -31.31 24.18 16.95
CA LYS D 227 -31.20 24.88 15.64
C LYS D 227 -31.34 26.41 15.79
N SER D 228 -30.58 27.17 15.02
CA SER D 228 -30.61 28.61 15.18
C SER D 228 -30.15 29.34 13.94
N THR D 229 -30.28 30.65 13.99
CA THR D 229 -29.96 31.50 12.85
C THR D 229 -28.67 32.22 13.13
N LEU D 230 -28.05 32.84 12.12
CA LEU D 230 -26.87 33.68 12.38
C LEU D 230 -27.15 34.90 13.32
N PRO D 231 -28.23 35.68 13.08
CA PRO D 231 -28.46 36.76 14.04
C PRO D 231 -28.58 36.28 15.50
N ASP D 232 -29.35 35.20 15.73
CA ASP D 232 -29.59 34.71 17.10
C ASP D 232 -28.29 34.29 17.79
N MET D 233 -27.34 33.74 17.02
CA MET D 233 -26.09 33.18 17.56
C MET D 233 -25.16 34.27 17.99
N LEU D 234 -25.23 35.39 17.29
CA LEU D 234 -24.57 36.63 17.70
C LEU D 234 -25.18 37.25 18.94
N SER D 235 -26.50 37.29 19.02
CA SER D 235 -27.18 37.69 20.24
C SER D 235 -26.76 36.81 21.45
N PHE D 236 -26.53 35.50 21.24
CA PHE D 236 -26.06 34.60 22.31
C PHE D 236 -24.61 34.80 22.64
N ILE D 237 -23.79 35.14 21.66
CA ILE D 237 -22.41 35.49 21.92
C ILE D 237 -22.35 36.80 22.71
N HIS D 238 -23.11 37.81 22.23
CA HIS D 238 -23.20 39.12 22.92
C HIS D 238 -23.47 38.86 24.39
N ALA D 239 -24.55 38.12 24.68
CA ALA D 239 -24.88 37.73 26.06
C ALA D 239 -23.72 37.12 26.90
N ASN D 240 -22.95 36.19 26.30
CA ASN D 240 -21.69 35.66 26.92
C ASN D 240 -20.65 36.77 27.15
N LEU D 241 -20.46 37.67 26.18
CA LEU D 241 -19.53 38.83 26.32
C LEU D 241 -19.94 39.94 27.37
N ASN D 242 -21.23 40.28 27.41
CA ASN D 242 -21.79 41.30 28.33
C ASN D 242 -22.94 40.71 29.17
N PRO D 243 -22.63 39.74 30.07
CA PRO D 243 -23.69 39.14 30.91
C PRO D 243 -24.33 40.08 31.95
N GLN D 244 -23.61 41.14 32.33
CA GLN D 244 -24.16 42.17 33.24
C GLN D 244 -25.33 42.96 32.66
N LYS D 245 -25.56 42.87 31.34
CA LYS D 245 -26.71 43.48 30.68
C LYS D 245 -28.01 42.73 30.83
N TYR D 246 -27.97 41.52 31.37
CA TYR D 246 -29.12 40.64 31.36
C TYR D 246 -29.72 40.56 32.75
N PRO D 247 -31.01 40.18 32.86
CA PRO D 247 -31.62 40.02 34.19
C PRO D 247 -30.98 38.92 35.04
N THR D 248 -31.21 39.01 36.34
CA THR D 248 -30.41 38.31 37.35
C THR D 248 -30.30 36.78 37.15
N ASP D 249 -31.43 36.11 36.89
CA ASP D 249 -31.45 34.64 36.83
C ASP D 249 -30.66 34.06 35.62
N ILE D 250 -30.77 34.69 34.44
CA ILE D 250 -29.96 34.30 33.26
C ILE D 250 -28.50 34.81 33.33
N GLN D 251 -28.25 36.04 33.80
CA GLN D 251 -26.87 36.56 33.83
C GLN D 251 -25.95 35.81 34.79
N ARG D 252 -26.54 35.31 35.87
CA ARG D 252 -25.88 34.38 36.78
C ARG D 252 -25.61 33.01 36.10
N ALA D 253 -26.64 32.48 35.44
CA ALA D 253 -26.55 31.25 34.64
C ALA D 253 -25.44 31.34 33.57
N ILE D 254 -25.25 32.52 32.96
CA ILE D 254 -24.25 32.73 31.92
C ILE D 254 -22.82 32.76 32.48
N ASN D 255 -22.64 33.51 33.57
CA ASN D 255 -21.33 33.54 34.27
C ASN D 255 -20.97 32.12 34.75
N GLU D 256 -21.94 31.38 35.26
CA GLU D 256 -21.75 29.98 35.71
C GLU D 256 -21.12 29.08 34.62
N THR D 257 -21.48 29.30 33.34
CA THR D 257 -20.86 28.61 32.17
C THR D 257 -19.40 29.01 31.91
N HIS D 258 -18.98 30.17 32.40
CA HIS D 258 -17.61 30.65 32.19
C HIS D 258 -16.57 30.17 33.24
N GLN D 259 -17.02 29.62 34.36
CA GLN D 259 -16.13 29.25 35.48
C GLN D 259 -15.51 27.90 35.17
N GLY D 260 -14.23 27.89 34.78
CA GLY D 260 -13.46 26.63 34.58
C GLY D 260 -13.59 25.62 35.72
N ARG D 261 -13.71 24.34 35.40
CA ARG D 261 -14.01 23.29 36.40
C ARG D 261 -12.86 22.30 36.69
N TYR D 262 -11.95 22.14 35.73
CA TYR D 262 -10.78 21.26 35.80
C TYR D 262 -9.95 21.52 34.54
N GLN D 263 -8.78 20.89 34.43
CA GLN D 263 -7.88 21.13 33.32
C GLN D 263 -7.45 19.81 32.69
N VAL D 264 -7.30 19.84 31.38
CA VAL D 264 -6.67 18.77 30.61
C VAL D 264 -5.66 19.44 29.66
N ASN D 265 -4.43 19.59 30.16
CA ASN D 265 -3.29 20.18 29.45
C ASN D 265 -3.53 21.70 29.27
N THR D 266 -3.56 22.21 28.04
CA THR D 266 -3.82 23.62 27.81
C THR D 266 -5.34 23.90 27.74
N MET D 267 -6.19 22.87 27.89
CA MET D 267 -7.64 23.03 27.85
C MET D 267 -8.31 23.00 29.23
N TYR D 268 -9.09 24.02 29.53
CA TYR D 268 -9.85 24.02 30.76
C TYR D 268 -11.33 23.72 30.40
N GLN D 269 -11.92 22.73 31.05
CA GLN D 269 -13.30 22.40 30.80
C GLN D 269 -14.20 23.28 31.66
N ALA D 270 -14.97 24.15 30.99
CA ALA D 270 -16.05 24.88 31.66
C ALA D 270 -17.36 24.13 31.45
N LEU D 271 -18.47 24.78 31.78
CA LEU D 271 -19.79 24.16 31.71
C LEU D 271 -20.22 24.38 30.25
N GLY D 272 -20.04 23.34 29.44
CA GLY D 272 -20.20 23.44 28.00
C GLY D 272 -19.02 23.97 27.23
N TRP D 273 -18.71 25.24 27.45
CA TRP D 273 -17.58 25.92 26.80
C TRP D 273 -16.24 25.23 27.09
N GLU D 274 -15.33 25.27 26.12
CA GLU D 274 -13.91 24.97 26.34
C GLU D 274 -13.24 26.31 26.63
N GLU D 275 -12.41 26.34 27.67
CA GLU D 275 -11.81 27.58 28.21
C GLU D 275 -10.30 27.50 28.00
N PHE D 276 -9.70 28.63 27.62
CA PHE D 276 -8.25 28.78 27.37
C PHE D 276 -7.70 30.09 27.98
N SER D 277 -6.40 30.06 28.31
CA SER D 277 -5.66 31.25 28.72
C SER D 277 -5.48 32.16 27.51
N TYR D 278 -5.90 33.41 27.66
CA TYR D 278 -5.80 34.37 26.58
C TYR D 278 -4.57 35.25 26.86
N PRO D 279 -3.67 35.46 25.89
CA PRO D 279 -3.84 35.00 24.50
C PRO D 279 -3.52 33.53 24.34
N ALA D 280 -4.36 32.82 23.60
CA ALA D 280 -4.08 31.42 23.24
C ALA D 280 -3.47 31.40 21.85
N THR D 281 -2.62 30.40 21.61
CA THR D 281 -2.03 30.23 20.30
C THR D 281 -3.02 29.48 19.40
N LEU D 282 -2.82 29.55 18.09
CA LEU D 282 -3.56 28.72 17.12
C LEU D 282 -3.41 27.25 17.49
N GLN D 283 -2.17 26.84 17.75
CA GLN D 283 -1.88 25.42 18.06
C GLN D 283 -2.63 24.90 19.29
N THR D 284 -2.71 25.69 20.35
CA THR D 284 -3.48 25.30 21.53
C THR D 284 -4.97 25.02 21.19
N LEU D 285 -5.51 25.76 20.22
CA LEU D 285 -6.93 25.70 19.87
C LEU D 285 -7.23 24.53 18.96
N LEU D 286 -6.35 24.31 17.99
CA LEU D 286 -6.35 23.09 17.18
C LEU D 286 -6.25 21.76 17.98
N ASP D 287 -5.62 21.81 19.16
CA ASP D 287 -5.29 20.59 19.93
C ASP D 287 -6.40 20.21 20.87
N SER D 288 -7.15 21.20 21.37
CA SER D 288 -8.35 20.92 22.20
C SER D 288 -9.34 19.98 21.54
N ASN D 289 -9.31 19.89 20.21
CA ASN D 289 -10.22 19.00 19.48
C ASN D 289 -9.48 17.93 18.66
N SER D 290 -8.32 17.53 19.18
CA SER D 290 -7.62 16.35 18.72
C SER D 290 -8.43 15.08 19.05
N GLU D 291 -8.24 14.01 18.25
CA GLU D 291 -8.88 12.72 18.49
C GLU D 291 -8.65 12.16 19.90
N GLN D 292 -7.45 12.38 20.42
CA GLN D 292 -7.12 11.99 21.80
C GLN D 292 -8.07 12.62 22.84
N ILE D 293 -8.27 13.93 22.75
CA ILE D 293 -9.10 14.68 23.71
C ILE D 293 -10.61 14.40 23.48
N VAL D 294 -10.98 14.34 22.19
CA VAL D 294 -12.39 14.18 21.74
C VAL D 294 -12.91 12.73 21.94
N MET D 295 -12.11 11.76 21.51
CA MET D 295 -12.53 10.33 21.49
C MET D 295 -12.10 9.50 22.69
N LYS D 296 -10.99 9.82 23.35
CA LYS D 296 -10.46 8.97 24.44
C LYS D 296 -10.72 9.52 25.86
N PRO D 297 -10.66 8.65 26.90
CA PRO D 297 -10.52 9.13 28.28
C PRO D 297 -9.21 9.92 28.52
N ASN D 298 -9.28 11.02 29.29
CA ASN D 298 -8.09 11.78 29.70
C ASN D 298 -8.22 12.14 31.20
N LYS D 299 -7.15 11.91 31.97
CA LYS D 299 -7.18 12.19 33.42
C LYS D 299 -7.27 13.69 33.58
N VAL D 300 -8.00 14.13 34.59
CA VAL D 300 -8.14 15.58 34.86
C VAL D 300 -7.20 16.05 35.98
N THR D 301 -6.79 17.31 35.89
CA THR D 301 -6.10 18.01 36.95
C THR D 301 -7.11 19.01 37.56
N ALA D 302 -7.27 19.03 38.88
CA ALA D 302 -7.87 20.20 39.56
C ALA D 302 -7.02 21.45 39.25
N ILE D 303 -7.61 22.64 39.34
CA ILE D 303 -7.00 23.85 38.79
C ILE D 303 -6.02 24.51 39.81
N SER D 304 -4.87 25.00 39.31
CA SER D 304 -3.88 25.70 40.13
C SER D 304 -4.23 27.19 40.31
N LYS D 305 -3.96 28.00 39.27
CA LYS D 305 -4.52 29.36 39.14
C LYS D 305 -5.52 29.32 37.98
N GLU D 306 -6.68 29.97 38.15
CA GLU D 306 -7.57 30.26 37.00
C GLU D 306 -6.83 31.29 36.14
N PRO D 307 -6.70 31.05 34.82
CA PRO D 307 -5.96 32.01 34.00
C PRO D 307 -6.42 33.46 34.23
N SER D 308 -5.46 34.37 34.41
CA SER D 308 -5.73 35.79 34.62
C SER D 308 -6.90 36.22 33.73
N VAL D 309 -6.67 36.11 32.41
CA VAL D 309 -7.63 36.48 31.37
C VAL D 309 -7.88 35.25 30.47
N LYS D 310 -9.15 35.03 30.14
CA LYS D 310 -9.53 33.86 29.37
C LYS D 310 -10.31 34.15 28.06
N MET D 311 -10.45 33.09 27.26
CA MET D 311 -11.29 33.10 26.06
C MET D 311 -11.88 31.71 25.93
N TYR D 312 -12.86 31.55 25.06
CA TYR D 312 -13.64 30.32 25.04
C TYR D 312 -13.94 29.90 23.61
N HIS D 313 -14.13 28.61 23.35
CA HIS D 313 -14.77 28.16 22.09
C HIS D 313 -15.58 26.86 22.19
N LYS D 314 -16.27 26.55 21.09
CA LYS D 314 -16.92 25.25 20.94
C LYS D 314 -17.13 24.93 19.46
N THR D 315 -16.88 23.68 19.10
CA THR D 315 -17.25 23.15 17.79
C THR D 315 -18.57 22.42 17.89
N GLY D 316 -19.27 22.32 16.76
CA GLY D 316 -20.50 21.48 16.66
C GLY D 316 -20.63 20.81 15.30
N SER D 317 -21.04 19.54 15.27
CA SER D 317 -21.32 18.85 14.02
C SER D 317 -22.55 18.00 14.11
N THR D 318 -23.43 18.10 13.10
CA THR D 318 -24.38 17.03 12.81
C THR D 318 -23.89 16.44 11.52
N SER D 319 -24.51 15.39 11.01
CA SER D 319 -23.94 14.78 9.81
C SER D 319 -23.94 15.73 8.62
N GLY D 320 -24.88 16.68 8.60
CA GLY D 320 -25.05 17.54 7.45
C GLY D 320 -24.63 18.96 7.75
N PHE D 321 -24.22 19.26 8.99
CA PHE D 321 -23.92 20.67 9.36
C PHE D 321 -22.64 20.89 10.17
N GLY D 322 -21.90 21.94 9.83
CA GLY D 322 -20.73 22.37 10.62
C GLY D 322 -21.00 23.68 11.35
N THR D 323 -20.58 23.74 12.62
CA THR D 323 -20.73 24.92 13.51
C THR D 323 -19.36 25.22 14.22
N TYR D 324 -19.04 26.51 14.40
CA TYR D 324 -17.94 26.97 15.27
C TYR D 324 -18.32 28.30 15.93
N VAL D 325 -18.01 28.38 17.22
CA VAL D 325 -18.38 29.53 18.08
C VAL D 325 -17.19 29.91 19.03
N VAL D 326 -16.80 31.19 19.02
CA VAL D 326 -15.68 31.70 19.84
C VAL D 326 -15.96 33.11 20.36
N PHE D 327 -15.59 33.38 21.61
CA PHE D 327 -15.54 34.77 22.14
C PHE D 327 -14.36 35.05 23.10
N ILE D 328 -14.05 36.34 23.19
CA ILE D 328 -12.83 36.86 23.82
C ILE D 328 -13.27 38.08 24.63
N PRO D 329 -13.60 37.89 25.93
CA PRO D 329 -14.15 39.01 26.70
C PRO D 329 -13.21 40.21 26.80
N LYS D 330 -11.89 39.94 26.77
CA LYS D 330 -10.87 41.00 26.86
C LYS D 330 -11.04 41.96 25.67
N GLU D 331 -10.98 41.41 24.46
CA GLU D 331 -11.04 42.22 23.24
C GLU D 331 -12.46 42.51 22.82
N ASN D 332 -13.39 42.17 23.72
CA ASN D 332 -14.82 42.28 23.51
C ASN D 332 -15.18 41.90 22.04
N ILE D 333 -14.56 40.83 21.53
CA ILE D 333 -14.73 40.30 20.16
C ILE D 333 -15.39 38.90 20.28
N GLY D 334 -16.22 38.56 19.29
CA GLY D 334 -16.87 37.22 19.17
C GLY D 334 -17.21 36.87 17.72
N LEU D 335 -17.25 35.56 17.41
CA LEU D 335 -17.45 35.09 16.01
C LEU D 335 -18.21 33.74 15.87
N VAL D 336 -19.11 33.68 14.87
CA VAL D 336 -19.88 32.48 14.51
C VAL D 336 -19.65 32.02 13.08
N MET D 337 -19.46 30.70 12.89
CA MET D 337 -19.43 30.07 11.55
C MET D 337 -20.51 28.97 11.45
N LEU D 338 -21.36 29.03 10.42
CA LEU D 338 -22.36 27.96 10.18
C LEU D 338 -22.29 27.53 8.72
N THR D 339 -22.32 26.24 8.48
CA THR D 339 -22.24 25.64 7.14
C THR D 339 -23.26 24.51 7.06
N ASN D 340 -23.82 24.30 5.88
CA ASN D 340 -24.76 23.20 5.69
C ASN D 340 -24.10 21.98 5.01
N LYS D 341 -22.79 21.88 5.24
CA LYS D 341 -22.02 20.66 5.01
C LYS D 341 -20.87 20.71 6.03
N ARG D 342 -20.50 19.55 6.56
CA ARG D 342 -19.40 19.48 7.52
C ARG D 342 -18.11 19.87 6.83
N ILE D 343 -17.20 20.57 7.52
CA ILE D 343 -15.81 20.71 7.08
C ILE D 343 -14.91 20.40 8.26
N PRO D 344 -13.61 20.12 8.00
CA PRO D 344 -12.78 19.80 9.17
C PRO D 344 -12.75 20.95 10.20
N ASN D 345 -12.77 20.57 11.48
CA ASN D 345 -12.57 21.50 12.57
C ASN D 345 -11.31 22.36 12.46
N GLU D 346 -10.22 21.76 11.97
CA GLU D 346 -8.94 22.46 11.78
C GLU D 346 -9.16 23.79 11.01
N GLU D 347 -9.94 23.67 9.91
CA GLU D 347 -10.27 24.79 9.00
C GLU D 347 -11.17 25.86 9.58
N ARG D 348 -12.12 25.46 10.40
CA ARG D 348 -13.06 26.38 11.05
C ARG D 348 -12.28 27.22 12.06
N ILE D 349 -11.52 26.51 12.92
CA ILE D 349 -10.69 27.08 13.98
C ILE D 349 -9.64 28.10 13.45
N LYS D 350 -8.97 27.72 12.37
CA LYS D 350 -7.92 28.53 11.74
C LYS D 350 -8.48 29.85 11.20
N ALA D 351 -9.48 29.72 10.32
CA ALA D 351 -10.17 30.83 9.69
C ALA D 351 -10.65 31.85 10.71
N ALA D 352 -11.29 31.38 11.77
CA ALA D 352 -11.71 32.29 12.84
C ALA D 352 -10.50 33.00 13.50
N TYR D 353 -9.44 32.24 13.75
CA TYR D 353 -8.25 32.76 14.43
C TYR D 353 -7.63 33.91 13.60
N VAL D 354 -7.34 33.63 12.34
CA VAL D 354 -6.87 34.68 11.45
C VAL D 354 -7.76 35.94 11.49
N VAL D 355 -9.02 35.75 11.14
CA VAL D 355 -9.94 36.88 11.02
C VAL D 355 -10.06 37.67 12.33
N LEU D 356 -10.12 36.98 13.46
CA LEU D 356 -10.25 37.65 14.74
C LEU D 356 -8.95 38.37 15.19
N ASN D 357 -7.77 37.83 14.84
CA ASN D 357 -6.51 38.52 15.18
C ASN D 357 -6.27 39.72 14.23
N ALA D 358 -6.48 39.55 12.92
CA ALA D 358 -6.25 40.65 11.93
C ALA D 358 -7.23 41.85 12.01
N ILE D 359 -8.29 41.75 12.79
CA ILE D 359 -9.16 42.92 13.03
C ILE D 359 -10.04 42.71 14.25
#